data_2BEZ
# 
_entry.id   2BEZ 
# 
_audit_conform.dict_name       mmcif_pdbx.dic 
_audit_conform.dict_version    5.391 
_audit_conform.dict_location   http://mmcif.pdb.org/dictionaries/ascii/mmcif_pdbx.dic 
# 
loop_
_database_2.database_id 
_database_2.database_code 
_database_2.pdbx_database_accession 
_database_2.pdbx_DOI 
PDB   2BEZ         pdb_00002bez 10.2210/pdb2bez/pdb 
PDBE  EBI-21828    ?            ?                   
WWPDB D_1290021828 ?            ?                   
# 
loop_
_pdbx_audit_revision_history.ordinal 
_pdbx_audit_revision_history.data_content_type 
_pdbx_audit_revision_history.major_revision 
_pdbx_audit_revision_history.minor_revision 
_pdbx_audit_revision_history.revision_date 
1 'Structure model' 1 0 2004-12-22 
2 'Structure model' 1 1 2011-05-08 
3 'Structure model' 1 2 2011-07-13 
4 'Structure model' 1 3 2017-06-28 
5 'Structure model' 1 4 2020-04-15 
6 'Structure model' 1 5 2024-05-08 
# 
_pdbx_audit_revision_details.ordinal             1 
_pdbx_audit_revision_details.revision_ordinal    1 
_pdbx_audit_revision_details.data_content_type   'Structure model' 
_pdbx_audit_revision_details.provider            repository 
_pdbx_audit_revision_details.type                'Initial release' 
_pdbx_audit_revision_details.description         ? 
_pdbx_audit_revision_details.details             ? 
# 
loop_
_pdbx_audit_revision_group.ordinal 
_pdbx_audit_revision_group.revision_ordinal 
_pdbx_audit_revision_group.data_content_type 
_pdbx_audit_revision_group.group 
1 2 'Structure model' 'Version format compliance' 
2 3 'Structure model' 'Version format compliance' 
3 4 'Structure model' 'Refinement description'    
4 5 'Structure model' 'Database references'       
5 5 'Structure model' Other                       
6 5 'Structure model' 'Source and taxonomy'       
7 5 'Structure model' 'Structure summary'         
8 6 'Structure model' 'Data collection'           
9 6 'Structure model' 'Database references'       
# 
loop_
_pdbx_audit_revision_category.ordinal 
_pdbx_audit_revision_category.revision_ordinal 
_pdbx_audit_revision_category.data_content_type 
_pdbx_audit_revision_category.category 
1 4 'Structure model' software             
2 5 'Structure model' entity               
3 5 'Structure model' entity_name_com      
4 5 'Structure model' entity_src_gen       
5 5 'Structure model' pdbx_database_status 
6 5 'Structure model' struct_ref           
7 6 'Structure model' chem_comp_atom       
8 6 'Structure model' chem_comp_bond       
9 6 'Structure model' database_2           
# 
loop_
_pdbx_audit_revision_item.ordinal 
_pdbx_audit_revision_item.revision_ordinal 
_pdbx_audit_revision_item.data_content_type 
_pdbx_audit_revision_item.item 
1  4 'Structure model' '_software.name'                                 
2  5 'Structure model' '_entity.pdbx_description'                       
3  5 'Structure model' '_entity_name_com.name'                          
4  5 'Structure model' '_entity_src_gen.gene_src_common_name'           
5  5 'Structure model' '_entity_src_gen.gene_src_strain'                
6  5 'Structure model' '_entity_src_gen.pdbx_beg_seq_num'               
7  5 'Structure model' '_entity_src_gen.pdbx_end_seq_num'               
8  5 'Structure model' '_entity_src_gen.pdbx_gene_src_gene'             
9  5 'Structure model' '_entity_src_gen.pdbx_gene_src_ncbi_taxonomy_id' 
10 5 'Structure model' '_entity_src_gen.pdbx_gene_src_scientific_name'  
11 5 'Structure model' '_entity_src_gen.pdbx_seq_type'                  
12 5 'Structure model' '_pdbx_database_status.status_code_sf'           
13 5 'Structure model' '_struct_ref.db_code'                            
14 5 'Structure model' '_struct_ref.pdbx_align_begin'                   
15 5 'Structure model' '_struct_ref.pdbx_seq_one_letter_code'           
16 6 'Structure model' '_database_2.pdbx_DOI'                           
17 6 'Structure model' '_database_2.pdbx_database_accession'            
# 
_pdbx_database_status.status_code                     REL 
_pdbx_database_status.entry_id                        2BEZ 
_pdbx_database_status.deposit_site                    PDBE 
_pdbx_database_status.process_site                    PDBE 
_pdbx_database_status.SG_entry                        . 
_pdbx_database_status.recvd_initial_deposition_date   2004-12-02 
_pdbx_database_status.pdb_format_compatible           Y 
_pdbx_database_status.status_code_sf                  REL 
_pdbx_database_status.status_code_mr                  ? 
_pdbx_database_status.status_code_cs                  ? 
_pdbx_database_status.methods_development_category    ? 
_pdbx_database_status.status_code_nmr_data            ? 
# 
_pdbx_database_related.db_name        PDB 
_pdbx_database_related.db_id          2BEQ 
_pdbx_database_related.content_type   unspecified 
_pdbx_database_related.details        
'STRUCTURE OF A PROTEOLYTICALLY RESISTANT CORE FROM THE SEVERE ACUTE RESPIRATORY SYNDROME CORONAVIRUS S2 FUSION PROTEIN' 
# 
loop_
_audit_author.name 
_audit_author.pdbx_ordinal 
'Supekar, V.M.'    1 
'Bruckmann, C.'    2 
'Ingallinella, P.' 3 
'Bianchi, E.'      4 
'Pessi, A.'        5 
'Carfi, A.'        6 
# 
_citation.id                        primary 
_citation.title                     
'Structure of a Proteolytically Resistant Core from the Severe Acute Respiratory Syndrome Coronavirus S2 Fusion Protein' 
_citation.journal_abbrev            Proc.Natl.Acad.Sci.USA 
_citation.journal_volume            101 
_citation.page_first                17958 
_citation.page_last                 ? 
_citation.year                      2004 
_citation.journal_id_ASTM           PNASA6 
_citation.country                   US 
_citation.journal_id_ISSN           0027-8424 
_citation.journal_id_CSD            0040 
_citation.book_publisher            ? 
_citation.pdbx_database_id_PubMed   15604146 
_citation.pdbx_database_id_DOI      10.1073/PNAS.0406128102 
# 
loop_
_citation_author.citation_id 
_citation_author.name 
_citation_author.ordinal 
_citation_author.identifier_ORCID 
primary 'Supekar, V.M.'    1 ? 
primary 'Bruckmann, C.'    2 ? 
primary 'Ingallinella, P.' 3 ? 
primary 'Bianchi, E.'      4 ? 
primary 'Pessi, A.'        5 ? 
primary 'Carfi, A.'        6 ? 
# 
loop_
_entity.id 
_entity.type 
_entity.src_method 
_entity.pdbx_description 
_entity.formula_weight 
_entity.pdbx_number_of_molecules 
_entity.pdbx_ec 
_entity.pdbx_mutation 
_entity.pdbx_fragment 
_entity.details 
1 polymer     man 'Spike glycoprotein' 8426.370 1  ? ? 'RESIDUES 896-972'   ? 
2 polymer     man 'Spike glycoprotein' 4554.011 1  ? ? 'RESIDUES 1142-1183' ? 
3 non-polymer syn GLYCEROL             92.094   1  ? ? ?                    ? 
4 water       nat water                18.015   78 ? ? ?                    ? 
# 
loop_
_entity_name_com.entity_id 
_entity_name_com.name 
1 'S glycoprotein,E2,Peplomer protein' 
2 'S glycoprotein,E2,Peplomer protein' 
# 
loop_
_entity_poly.entity_id 
_entity_poly.type 
_entity_poly.nstd_linkage 
_entity_poly.nstd_monomer 
_entity_poly.pdbx_seq_one_letter_code 
_entity_poly.pdbx_seq_one_letter_code_can 
_entity_poly.pdbx_strand_id 
_entity_poly.pdbx_target_identifier 
1 'polypeptide(L)' no no NVLYENQKQIANQFNKAISQIQESLTTTSTALGKLQDVVNQNAQALNTLVKQLSSNFGAISSVLNDILSRLDKVEAE 
NVLYENQKQIANQFNKAISQIQESLTTTSTALGKLQDVVNQNAQALNTLVKQLSSNFGAISSVLNDILSRLDKVEAE C ? 
2 'polypeptide(L)' no no TSPDVDLGDISGINASVVNIQKEIDRLNEVAKNLNESLIDLQ                                    
TSPDVDLGDISGINASVVNIQKEIDRLNEVAKNLNESLIDLQ                                    F ? 
# 
loop_
_pdbx_entity_nonpoly.entity_id 
_pdbx_entity_nonpoly.name 
_pdbx_entity_nonpoly.comp_id 
3 GLYCEROL GOL 
4 water    HOH 
# 
loop_
_entity_poly_seq.entity_id 
_entity_poly_seq.num 
_entity_poly_seq.mon_id 
_entity_poly_seq.hetero 
1 1  ASN n 
1 2  VAL n 
1 3  LEU n 
1 4  TYR n 
1 5  GLU n 
1 6  ASN n 
1 7  GLN n 
1 8  LYS n 
1 9  GLN n 
1 10 ILE n 
1 11 ALA n 
1 12 ASN n 
1 13 GLN n 
1 14 PHE n 
1 15 ASN n 
1 16 LYS n 
1 17 ALA n 
1 18 ILE n 
1 19 SER n 
1 20 GLN n 
1 21 ILE n 
1 22 GLN n 
1 23 GLU n 
1 24 SER n 
1 25 LEU n 
1 26 THR n 
1 27 THR n 
1 28 THR n 
1 29 SER n 
1 30 THR n 
1 31 ALA n 
1 32 LEU n 
1 33 GLY n 
1 34 LYS n 
1 35 LEU n 
1 36 GLN n 
1 37 ASP n 
1 38 VAL n 
1 39 VAL n 
1 40 ASN n 
1 41 GLN n 
1 42 ASN n 
1 43 ALA n 
1 44 GLN n 
1 45 ALA n 
1 46 LEU n 
1 47 ASN n 
1 48 THR n 
1 49 LEU n 
1 50 VAL n 
1 51 LYS n 
1 52 GLN n 
1 53 LEU n 
1 54 SER n 
1 55 SER n 
1 56 ASN n 
1 57 PHE n 
1 58 GLY n 
1 59 ALA n 
1 60 ILE n 
1 61 SER n 
1 62 SER n 
1 63 VAL n 
1 64 LEU n 
1 65 ASN n 
1 66 ASP n 
1 67 ILE n 
1 68 LEU n 
1 69 SER n 
1 70 ARG n 
1 71 LEU n 
1 72 ASP n 
1 73 LYS n 
1 74 VAL n 
1 75 GLU n 
1 76 ALA n 
1 77 GLU n 
2 1  THR n 
2 2  SER n 
2 3  PRO n 
2 4  ASP n 
2 5  VAL n 
2 6  ASP n 
2 7  LEU n 
2 8  GLY n 
2 9  ASP n 
2 10 ILE n 
2 11 SER n 
2 12 GLY n 
2 13 ILE n 
2 14 ASN n 
2 15 ALA n 
2 16 SER n 
2 17 VAL n 
2 18 VAL n 
2 19 ASN n 
2 20 ILE n 
2 21 GLN n 
2 22 LYS n 
2 23 GLU n 
2 24 ILE n 
2 25 ASP n 
2 26 ARG n 
2 27 LEU n 
2 28 ASN n 
2 29 GLU n 
2 30 VAL n 
2 31 ALA n 
2 32 LYS n 
2 33 ASN n 
2 34 LEU n 
2 35 ASN n 
2 36 GLU n 
2 37 SER n 
2 38 LEU n 
2 39 ILE n 
2 40 ASP n 
2 41 LEU n 
2 42 GLN n 
# 
loop_
_entity_src_gen.entity_id 
_entity_src_gen.pdbx_src_id 
_entity_src_gen.pdbx_alt_source_flag 
_entity_src_gen.pdbx_seq_type 
_entity_src_gen.pdbx_beg_seq_num 
_entity_src_gen.pdbx_end_seq_num 
_entity_src_gen.gene_src_common_name 
_entity_src_gen.gene_src_genus 
_entity_src_gen.pdbx_gene_src_gene 
_entity_src_gen.gene_src_species 
_entity_src_gen.gene_src_strain 
_entity_src_gen.gene_src_tissue 
_entity_src_gen.gene_src_tissue_fraction 
_entity_src_gen.gene_src_details 
_entity_src_gen.pdbx_gene_src_fragment 
_entity_src_gen.pdbx_gene_src_scientific_name 
_entity_src_gen.pdbx_gene_src_ncbi_taxonomy_id 
_entity_src_gen.pdbx_gene_src_variant 
_entity_src_gen.pdbx_gene_src_cell_line 
_entity_src_gen.pdbx_gene_src_atcc 
_entity_src_gen.pdbx_gene_src_organ 
_entity_src_gen.pdbx_gene_src_organelle 
_entity_src_gen.pdbx_gene_src_cell 
_entity_src_gen.pdbx_gene_src_cellular_location 
_entity_src_gen.host_org_common_name 
_entity_src_gen.pdbx_host_org_scientific_name 
_entity_src_gen.pdbx_host_org_ncbi_taxonomy_id 
_entity_src_gen.host_org_genus 
_entity_src_gen.pdbx_host_org_gene 
_entity_src_gen.pdbx_host_org_organ 
_entity_src_gen.host_org_species 
_entity_src_gen.pdbx_host_org_tissue 
_entity_src_gen.pdbx_host_org_tissue_fraction 
_entity_src_gen.pdbx_host_org_strain 
_entity_src_gen.pdbx_host_org_variant 
_entity_src_gen.pdbx_host_org_cell_line 
_entity_src_gen.pdbx_host_org_atcc 
_entity_src_gen.pdbx_host_org_culture_collection 
_entity_src_gen.pdbx_host_org_cell 
_entity_src_gen.pdbx_host_org_organelle 
_entity_src_gen.pdbx_host_org_cellular_location 
_entity_src_gen.pdbx_host_org_vector_type 
_entity_src_gen.pdbx_host_org_vector 
_entity_src_gen.host_org_details 
_entity_src_gen.expression_system_id 
_entity_src_gen.plasmid_name 
_entity_src_gen.plasmid_details 
_entity_src_gen.pdbx_description 
1 1 sample 'Biological sequence' 1 77 SARS-CoV ? 'S, 2' ? ? ? ? ? ? 'Human SARS coronavirus' 694009 ? ? ? ? ? ? ? ? 
'ESCHERICHIA COLI' 511693 ? ? ? ? ? ? BL21 ? ? ? ? ? ? ? ? PMAL ? ? ? ? ? 
2 1 sample 'Biological sequence' 1 42 SARS-CoV ? 'S, 2' ? ? ? ? ? ? 'Human SARS coronavirus' 694009 ? ? ? ? ? ? ? ? 
'ESCHERICHIA COLI' 511693 ? ? ? ? ? ? BL21 ? ? ? ? ? ? ? ? PMAL ? ? ? ? ? 
# 
loop_
_chem_comp.id 
_chem_comp.type 
_chem_comp.mon_nstd_flag 
_chem_comp.name 
_chem_comp.pdbx_synonyms 
_chem_comp.formula 
_chem_comp.formula_weight 
ALA 'L-peptide linking' y ALANINE         ?                               'C3 H7 N O2'     89.093  
ARG 'L-peptide linking' y ARGININE        ?                               'C6 H15 N4 O2 1' 175.209 
ASN 'L-peptide linking' y ASPARAGINE      ?                               'C4 H8 N2 O3'    132.118 
ASP 'L-peptide linking' y 'ASPARTIC ACID' ?                               'C4 H7 N O4'     133.103 
GLN 'L-peptide linking' y GLUTAMINE       ?                               'C5 H10 N2 O3'   146.144 
GLU 'L-peptide linking' y 'GLUTAMIC ACID' ?                               'C5 H9 N O4'     147.129 
GLY 'peptide linking'   y GLYCINE         ?                               'C2 H5 N O2'     75.067  
GOL non-polymer         . GLYCEROL        'GLYCERIN; PROPANE-1,2,3-TRIOL' 'C3 H8 O3'       92.094  
HOH non-polymer         . WATER           ?                               'H2 O'           18.015  
ILE 'L-peptide linking' y ISOLEUCINE      ?                               'C6 H13 N O2'    131.173 
LEU 'L-peptide linking' y LEUCINE         ?                               'C6 H13 N O2'    131.173 
LYS 'L-peptide linking' y LYSINE          ?                               'C6 H15 N2 O2 1' 147.195 
PHE 'L-peptide linking' y PHENYLALANINE   ?                               'C9 H11 N O2'    165.189 
PRO 'L-peptide linking' y PROLINE         ?                               'C5 H9 N O2'     115.130 
SER 'L-peptide linking' y SERINE          ?                               'C3 H7 N O3'     105.093 
THR 'L-peptide linking' y THREONINE       ?                               'C4 H9 N O3'     119.119 
TYR 'L-peptide linking' y TYROSINE        ?                               'C9 H11 N O3'    181.189 
VAL 'L-peptide linking' y VALINE          ?                               'C5 H11 N O2'    117.146 
# 
loop_
_pdbx_poly_seq_scheme.asym_id 
_pdbx_poly_seq_scheme.entity_id 
_pdbx_poly_seq_scheme.seq_id 
_pdbx_poly_seq_scheme.mon_id 
_pdbx_poly_seq_scheme.ndb_seq_num 
_pdbx_poly_seq_scheme.pdb_seq_num 
_pdbx_poly_seq_scheme.auth_seq_num 
_pdbx_poly_seq_scheme.pdb_mon_id 
_pdbx_poly_seq_scheme.auth_mon_id 
_pdbx_poly_seq_scheme.pdb_strand_id 
_pdbx_poly_seq_scheme.pdb_ins_code 
_pdbx_poly_seq_scheme.hetero 
A 1 1  ASN 1  896  896  ASN ASN C . n 
A 1 2  VAL 2  897  897  VAL VAL C . n 
A 1 3  LEU 3  898  898  LEU LEU C . n 
A 1 4  TYR 4  899  899  TYR TYR C . n 
A 1 5  GLU 5  900  900  GLU GLU C . n 
A 1 6  ASN 6  901  901  ASN ASN C . n 
A 1 7  GLN 7  902  902  GLN GLN C . n 
A 1 8  LYS 8  903  903  LYS LYS C . n 
A 1 9  GLN 9  904  904  GLN GLN C . n 
A 1 10 ILE 10 905  905  ILE ILE C . n 
A 1 11 ALA 11 906  906  ALA ALA C . n 
A 1 12 ASN 12 907  907  ASN ASN C . n 
A 1 13 GLN 13 908  908  GLN GLN C . n 
A 1 14 PHE 14 909  909  PHE PHE C . n 
A 1 15 ASN 15 910  910  ASN ASN C . n 
A 1 16 LYS 16 911  911  LYS LYS C . n 
A 1 17 ALA 17 912  912  ALA ALA C . n 
A 1 18 ILE 18 913  913  ILE ILE C . n 
A 1 19 SER 19 914  914  SER SER C . n 
A 1 20 GLN 20 915  915  GLN GLN C . n 
A 1 21 ILE 21 916  916  ILE ILE C . n 
A 1 22 GLN 22 917  917  GLN GLN C . n 
A 1 23 GLU 23 918  918  GLU GLU C . n 
A 1 24 SER 24 919  919  SER SER C . n 
A 1 25 LEU 25 920  920  LEU LEU C . n 
A 1 26 THR 26 921  921  THR THR C . n 
A 1 27 THR 27 922  922  THR THR C . n 
A 1 28 THR 28 923  923  THR THR C . n 
A 1 29 SER 29 924  924  SER SER C . n 
A 1 30 THR 30 925  925  THR THR C . n 
A 1 31 ALA 31 926  926  ALA ALA C . n 
A 1 32 LEU 32 927  927  LEU LEU C . n 
A 1 33 GLY 33 928  928  GLY GLY C . n 
A 1 34 LYS 34 929  929  LYS LYS C . n 
A 1 35 LEU 35 930  930  LEU LEU C . n 
A 1 36 GLN 36 931  931  GLN GLN C . n 
A 1 37 ASP 37 932  932  ASP ASP C . n 
A 1 38 VAL 38 933  933  VAL VAL C . n 
A 1 39 VAL 39 934  934  VAL VAL C . n 
A 1 40 ASN 40 935  935  ASN ASN C . n 
A 1 41 GLN 41 936  936  GLN GLN C . n 
A 1 42 ASN 42 937  937  ASN ASN C . n 
A 1 43 ALA 43 938  938  ALA ALA C . n 
A 1 44 GLN 44 939  939  GLN GLN C . n 
A 1 45 ALA 45 940  940  ALA ALA C . n 
A 1 46 LEU 46 941  941  LEU LEU C . n 
A 1 47 ASN 47 942  942  ASN ASN C . n 
A 1 48 THR 48 943  943  THR THR C . n 
A 1 49 LEU 49 944  944  LEU LEU C . n 
A 1 50 VAL 50 945  945  VAL VAL C . n 
A 1 51 LYS 51 946  946  LYS LYS C . n 
A 1 52 GLN 52 947  947  GLN GLN C . n 
A 1 53 LEU 53 948  948  LEU LEU C . n 
A 1 54 SER 54 949  949  SER SER C . n 
A 1 55 SER 55 950  950  SER SER C . n 
A 1 56 ASN 56 951  951  ASN ASN C . n 
A 1 57 PHE 57 952  952  PHE PHE C . n 
A 1 58 GLY 58 953  953  GLY GLY C . n 
A 1 59 ALA 59 954  954  ALA ALA C . n 
A 1 60 ILE 60 955  955  ILE ILE C . n 
A 1 61 SER 61 956  956  SER SER C . n 
A 1 62 SER 62 957  957  SER SER C . n 
A 1 63 VAL 63 958  958  VAL VAL C . n 
A 1 64 LEU 64 959  959  LEU LEU C . n 
A 1 65 ASN 65 960  960  ASN ASN C . n 
A 1 66 ASP 66 961  961  ASP ASP C . n 
A 1 67 ILE 67 962  962  ILE ILE C . n 
A 1 68 LEU 68 963  963  LEU LEU C . n 
A 1 69 SER 69 964  964  SER SER C . n 
A 1 70 ARG 70 965  965  ARG ARG C . n 
A 1 71 LEU 71 966  966  LEU LEU C . n 
A 1 72 ASP 72 967  967  ASP ASP C . n 
A 1 73 LYS 73 968  968  LYS LYS C . n 
A 1 74 VAL 74 969  969  VAL VAL C . n 
A 1 75 GLU 75 970  970  GLU GLU C . n 
A 1 76 ALA 76 971  971  ALA ALA C . n 
A 1 77 GLU 77 972  972  GLU GLU C . n 
B 2 1  THR 1  1142 1142 THR THR F . n 
B 2 2  SER 2  1143 1143 SER SER F . n 
B 2 3  PRO 3  1144 1144 PRO PRO F . n 
B 2 4  ASP 4  1145 1145 ASP ASP F . n 
B 2 5  VAL 5  1146 1146 VAL VAL F . n 
B 2 6  ASP 6  1147 1147 ASP ASP F . n 
B 2 7  LEU 7  1148 1148 LEU LEU F . n 
B 2 8  GLY 8  1149 1149 GLY GLY F . n 
B 2 9  ASP 9  1150 1150 ASP ASP F . n 
B 2 10 ILE 10 1151 1151 ILE ILE F . n 
B 2 11 SER 11 1152 1152 SER SER F . n 
B 2 12 GLY 12 1153 1153 GLY GLY F . n 
B 2 13 ILE 13 1154 1154 ILE ILE F . n 
B 2 14 ASN 14 1155 1155 ASN ASN F . n 
B 2 15 ALA 15 1156 1156 ALA ALA F . n 
B 2 16 SER 16 1157 1157 SER SER F . n 
B 2 17 VAL 17 1158 1158 VAL VAL F . n 
B 2 18 VAL 18 1159 1159 VAL VAL F . n 
B 2 19 ASN 19 1160 1160 ASN ASN F . n 
B 2 20 ILE 20 1161 1161 ILE ILE F . n 
B 2 21 GLN 21 1162 1162 GLN GLN F . n 
B 2 22 LYS 22 1163 1163 LYS LYS F . n 
B 2 23 GLU 23 1164 1164 GLU GLU F . n 
B 2 24 ILE 24 1165 1165 ILE ILE F . n 
B 2 25 ASP 25 1166 1166 ASP ASP F . n 
B 2 26 ARG 26 1167 1167 ARG ARG F . n 
B 2 27 LEU 27 1168 1168 LEU LEU F . n 
B 2 28 ASN 28 1169 1169 ASN ASN F . n 
B 2 29 GLU 29 1170 1170 GLU GLU F . n 
B 2 30 VAL 30 1171 1171 VAL VAL F . n 
B 2 31 ALA 31 1172 1172 ALA ALA F . n 
B 2 32 LYS 32 1173 1173 LYS LYS F . n 
B 2 33 ASN 33 1174 1174 ASN ASN F . n 
B 2 34 LEU 34 1175 1175 LEU LEU F . n 
B 2 35 ASN 35 1176 1176 ASN ASN F . n 
B 2 36 GLU 36 1177 1177 GLU GLU F . n 
B 2 37 SER 37 1178 1178 SER SER F . n 
B 2 38 LEU 38 1179 1179 LEU LEU F . n 
B 2 39 ILE 39 1180 1180 ILE ILE F . n 
B 2 40 ASP 40 1181 1181 ASP ASP F . n 
B 2 41 LEU 41 1182 1182 LEU LEU F . n 
B 2 42 GLN 42 1183 1183 GLN GLN F . n 
# 
loop_
_pdbx_nonpoly_scheme.asym_id 
_pdbx_nonpoly_scheme.entity_id 
_pdbx_nonpoly_scheme.mon_id 
_pdbx_nonpoly_scheme.ndb_seq_num 
_pdbx_nonpoly_scheme.pdb_seq_num 
_pdbx_nonpoly_scheme.auth_seq_num 
_pdbx_nonpoly_scheme.pdb_mon_id 
_pdbx_nonpoly_scheme.auth_mon_id 
_pdbx_nonpoly_scheme.pdb_strand_id 
_pdbx_nonpoly_scheme.pdb_ins_code 
C 3 GOL 1  1973 1973 GOL GOL C . 
D 4 HOH 1  2001 2001 HOH HOH C . 
D 4 HOH 2  2002 2002 HOH HOH C . 
D 4 HOH 3  2003 2003 HOH HOH C . 
D 4 HOH 4  2004 2004 HOH HOH C . 
D 4 HOH 5  2005 2005 HOH HOH C . 
D 4 HOH 6  2006 2006 HOH HOH C . 
D 4 HOH 7  2007 2007 HOH HOH C . 
D 4 HOH 8  2008 2008 HOH HOH C . 
D 4 HOH 9  2009 2009 HOH HOH C . 
D 4 HOH 10 2010 2010 HOH HOH C . 
D 4 HOH 11 2011 2011 HOH HOH C . 
D 4 HOH 12 2012 2012 HOH HOH C . 
D 4 HOH 13 2013 2013 HOH HOH C . 
D 4 HOH 14 2014 2014 HOH HOH C . 
D 4 HOH 15 2015 2015 HOH HOH C . 
D 4 HOH 16 2016 2016 HOH HOH C . 
D 4 HOH 17 2017 2017 HOH HOH C . 
D 4 HOH 18 2018 2018 HOH HOH C . 
D 4 HOH 19 2019 2019 HOH HOH C . 
D 4 HOH 20 2020 2020 HOH HOH C . 
D 4 HOH 21 2021 2021 HOH HOH C . 
D 4 HOH 22 2022 2022 HOH HOH C . 
D 4 HOH 23 2023 2023 HOH HOH C . 
D 4 HOH 24 2024 2024 HOH HOH C . 
D 4 HOH 25 2025 2025 HOH HOH C . 
D 4 HOH 26 2026 2026 HOH HOH C . 
D 4 HOH 27 2027 2027 HOH HOH C . 
D 4 HOH 28 2028 2028 HOH HOH C . 
D 4 HOH 29 2029 2029 HOH HOH C . 
D 4 HOH 30 2030 2030 HOH HOH C . 
D 4 HOH 31 2031 2031 HOH HOH C . 
D 4 HOH 32 2032 2032 HOH HOH C . 
D 4 HOH 33 2033 2033 HOH HOH C . 
D 4 HOH 34 2034 2034 HOH HOH C . 
D 4 HOH 35 2035 2035 HOH HOH C . 
D 4 HOH 36 2036 2036 HOH HOH C . 
D 4 HOH 37 2037 2037 HOH HOH C . 
D 4 HOH 38 2038 2038 HOH HOH C . 
D 4 HOH 39 2039 2039 HOH HOH C . 
D 4 HOH 40 2040 2040 HOH HOH C . 
D 4 HOH 41 2041 2041 HOH HOH C . 
D 4 HOH 42 2042 2042 HOH HOH C . 
D 4 HOH 43 2043 2043 HOH HOH C . 
D 4 HOH 44 2044 2044 HOH HOH C . 
D 4 HOH 45 2045 2045 HOH HOH C . 
D 4 HOH 46 2046 2046 HOH HOH C . 
D 4 HOH 47 2047 2047 HOH HOH C . 
D 4 HOH 48 2048 2048 HOH HOH C . 
D 4 HOH 49 2049 2049 HOH HOH C . 
E 4 HOH 1  2001 2001 HOH HOH F . 
E 4 HOH 2  2002 2002 HOH HOH F . 
E 4 HOH 3  2003 2003 HOH HOH F . 
E 4 HOH 4  2004 2004 HOH HOH F . 
E 4 HOH 5  2005 2005 HOH HOH F . 
E 4 HOH 6  2006 2006 HOH HOH F . 
E 4 HOH 7  2007 2007 HOH HOH F . 
E 4 HOH 8  2008 2008 HOH HOH F . 
E 4 HOH 9  2009 2009 HOH HOH F . 
E 4 HOH 10 2010 2010 HOH HOH F . 
E 4 HOH 11 2011 2011 HOH HOH F . 
E 4 HOH 12 2012 2012 HOH HOH F . 
E 4 HOH 13 2013 2013 HOH HOH F . 
E 4 HOH 14 2014 2014 HOH HOH F . 
E 4 HOH 15 2015 2015 HOH HOH F . 
E 4 HOH 16 2016 2016 HOH HOH F . 
E 4 HOH 17 2017 2017 HOH HOH F . 
E 4 HOH 18 2018 2018 HOH HOH F . 
E 4 HOH 19 2019 2019 HOH HOH F . 
E 4 HOH 20 2020 2020 HOH HOH F . 
E 4 HOH 21 2021 2021 HOH HOH F . 
E 4 HOH 22 2022 2022 HOH HOH F . 
E 4 HOH 23 2023 2023 HOH HOH F . 
E 4 HOH 24 2024 2024 HOH HOH F . 
E 4 HOH 25 2025 2025 HOH HOH F . 
E 4 HOH 26 2026 2026 HOH HOH F . 
E 4 HOH 27 2027 2027 HOH HOH F . 
E 4 HOH 28 2028 2028 HOH HOH F . 
E 4 HOH 29 2029 2029 HOH HOH F . 
# 
loop_
_pdbx_unobs_or_zero_occ_atoms.id 
_pdbx_unobs_or_zero_occ_atoms.PDB_model_num 
_pdbx_unobs_or_zero_occ_atoms.polymer_flag 
_pdbx_unobs_or_zero_occ_atoms.occupancy_flag 
_pdbx_unobs_or_zero_occ_atoms.auth_asym_id 
_pdbx_unobs_or_zero_occ_atoms.auth_comp_id 
_pdbx_unobs_or_zero_occ_atoms.auth_seq_id 
_pdbx_unobs_or_zero_occ_atoms.PDB_ins_code 
_pdbx_unobs_or_zero_occ_atoms.auth_atom_id 
_pdbx_unobs_or_zero_occ_atoms.label_alt_id 
_pdbx_unobs_or_zero_occ_atoms.label_asym_id 
_pdbx_unobs_or_zero_occ_atoms.label_comp_id 
_pdbx_unobs_or_zero_occ_atoms.label_seq_id 
_pdbx_unobs_or_zero_occ_atoms.label_atom_id 
1  1 Y 1 C ASN 896  ? CG  ? A ASN 1  CG  
2  1 Y 1 C ASN 896  ? OD1 ? A ASN 1  OD1 
3  1 Y 1 C ASN 896  ? ND2 ? A ASN 1  ND2 
4  1 Y 1 C VAL 897  ? CG1 ? A VAL 2  CG1 
5  1 Y 1 C VAL 897  ? CG2 ? A VAL 2  CG2 
6  1 Y 1 C LEU 898  ? CG  ? A LEU 3  CG  
7  1 Y 1 C LEU 898  ? CD1 ? A LEU 3  CD1 
8  1 Y 1 C LEU 898  ? CD2 ? A LEU 3  CD2 
9  1 Y 1 C TYR 899  ? CG  ? A TYR 4  CG  
10 1 Y 1 C TYR 899  ? CD1 ? A TYR 4  CD1 
11 1 Y 1 C TYR 899  ? CD2 ? A TYR 4  CD2 
12 1 Y 1 C TYR 899  ? CE1 ? A TYR 4  CE1 
13 1 Y 1 C TYR 899  ? CE2 ? A TYR 4  CE2 
14 1 Y 1 C TYR 899  ? CZ  ? A TYR 4  CZ  
15 1 Y 1 C TYR 899  ? OH  ? A TYR 4  OH  
16 1 Y 1 C GLU 900  ? CG  ? A GLU 5  CG  
17 1 Y 1 C GLU 900  ? CD  ? A GLU 5  CD  
18 1 Y 1 C GLU 900  ? OE1 ? A GLU 5  OE1 
19 1 Y 1 C GLU 900  ? OE2 ? A GLU 5  OE2 
20 1 Y 1 C ASN 901  ? CG  ? A ASN 6  CG  
21 1 Y 1 C ASN 901  ? OD1 ? A ASN 6  OD1 
22 1 Y 1 C ASN 901  ? ND2 ? A ASN 6  ND2 
23 1 Y 1 C GLN 902  ? CG  ? A GLN 7  CG  
24 1 Y 1 C GLN 902  ? CD  ? A GLN 7  CD  
25 1 Y 1 C GLN 902  ? OE1 ? A GLN 7  OE1 
26 1 Y 1 C GLN 902  ? NE2 ? A GLN 7  NE2 
27 1 Y 1 C LYS 903  ? CG  ? A LYS 8  CG  
28 1 Y 1 C LYS 903  ? CD  ? A LYS 8  CD  
29 1 Y 1 C LYS 903  ? CE  ? A LYS 8  CE  
30 1 Y 1 C LYS 903  ? NZ  ? A LYS 8  NZ  
31 1 Y 1 C GLN 904  ? CG  ? A GLN 9  CG  
32 1 Y 1 C GLN 904  ? CD  ? A GLN 9  CD  
33 1 Y 1 C GLN 904  ? OE1 ? A GLN 9  OE1 
34 1 Y 1 C GLN 904  ? NE2 ? A GLN 9  NE2 
35 1 Y 1 C ILE 905  ? CG1 ? A ILE 10 CG1 
36 1 Y 1 C ILE 905  ? CG2 ? A ILE 10 CG2 
37 1 Y 1 C ILE 905  ? CD1 ? A ILE 10 CD1 
38 1 Y 1 C ASN 907  ? CG  ? A ASN 12 CG  
39 1 Y 1 C ASN 907  ? OD1 ? A ASN 12 OD1 
40 1 Y 1 C ASN 907  ? ND2 ? A ASN 12 ND2 
41 1 Y 1 C LYS 911  ? CG  ? A LYS 16 CG  
42 1 Y 1 C LYS 911  ? CD  ? A LYS 16 CD  
43 1 Y 1 C LYS 911  ? CE  ? A LYS 16 CE  
44 1 Y 1 C LYS 911  ? NZ  ? A LYS 16 NZ  
45 1 Y 1 C GLN 936  ? CB  ? A GLN 41 CB  
46 1 Y 1 C GLN 936  ? CG  ? A GLN 41 CG  
47 1 Y 1 C GLN 936  ? CD  ? A GLN 41 CD  
48 1 Y 1 C GLU 972  ? CG  ? A GLU 77 CG  
49 1 Y 1 C GLU 972  ? CD  ? A GLU 77 CD  
50 1 Y 1 C GLU 972  ? OE1 ? A GLU 77 OE1 
51 1 Y 1 C GLU 972  ? OE2 ? A GLU 77 OE2 
52 1 Y 1 F ASN 1155 ? CG  ? B ASN 14 CG  
53 1 Y 1 F GLU 1170 ? CG  ? B GLU 29 CG  
54 1 Y 1 F GLU 1170 ? CD  ? B GLU 29 CD  
55 1 Y 1 F GLU 1170 ? OE1 ? B GLU 29 OE1 
56 1 Y 1 F GLU 1170 ? OE2 ? B GLU 29 OE2 
57 1 Y 1 F LYS 1173 ? CG  ? B LYS 32 CG  
58 1 Y 1 F LYS 1173 ? CD  ? B LYS 32 CD  
59 1 Y 1 F LYS 1173 ? CE  ? B LYS 32 CE  
60 1 Y 1 F LYS 1173 ? NZ  ? B LYS 32 NZ  
# 
loop_
_software.name 
_software.classification 
_software.version 
_software.citation_id 
_software.pdbx_ordinal 
DENZO     'data reduction' .      ? 1 
SCALEPACK 'data scaling'   .      ? 2 
CNS       phasing          .      ? 3 
ARP/wARP  phasing          .      ? 4 
REFMAC    refinement       5.1.24 ? 5 
# 
_cell.entry_id           2BEZ 
_cell.length_a           37.345 
_cell.length_b           37.345 
_cell.length_c           469.823 
_cell.angle_alpha        90.00 
_cell.angle_beta         90.00 
_cell.angle_gamma        120.00 
_cell.Z_PDB              18 
_cell.pdbx_unique_axis   ? 
# 
_symmetry.entry_id                         2BEZ 
_symmetry.space_group_name_H-M             'H 3 2' 
_symmetry.pdbx_full_space_group_name_H-M   ? 
_symmetry.cell_setting                     ? 
_symmetry.Int_Tables_number                155 
# 
_exptl.entry_id          2BEZ 
_exptl.method            'X-RAY DIFFRACTION' 
_exptl.crystals_number   1 
# 
_exptl_crystal.id                    1 
_exptl_crystal.density_meas          ? 
_exptl_crystal.density_Matthews      2.43 
_exptl_crystal.density_percent_sol   40 
_exptl_crystal.description           ? 
# 
_exptl_crystal_grow.crystal_id      1 
_exptl_crystal_grow.method          ? 
_exptl_crystal_grow.temp            ? 
_exptl_crystal_grow.temp_details    ? 
_exptl_crystal_grow.pH              7.50 
_exptl_crystal_grow.pdbx_pH_range   ? 
_exptl_crystal_grow.pdbx_details    '0.1M TRIS-HCL, PH 7.0, 1.8M AMMONIUM SULPHATE, 0.1M NACL' 
# 
_diffrn.id                     1 
_diffrn.ambient_temp           100.0 
_diffrn.ambient_temp_details   ? 
_diffrn.crystal_id             1 
# 
_diffrn_detector.diffrn_id              1 
_diffrn_detector.detector               CCD 
_diffrn_detector.type                   'ADSC CCD' 
_diffrn_detector.pdbx_collection_date   2004-02-07 
_diffrn_detector.details                ? 
# 
_diffrn_radiation.diffrn_id                        1 
_diffrn_radiation.wavelength_id                    1 
_diffrn_radiation.pdbx_monochromatic_or_laue_m_l   M 
_diffrn_radiation.monochromator                    ? 
_diffrn_radiation.pdbx_diffrn_protocol             'SINGLE WAVELENGTH' 
_diffrn_radiation.pdbx_scattering_type             x-ray 
# 
_diffrn_radiation_wavelength.id           1 
_diffrn_radiation_wavelength.wavelength   0.934 
_diffrn_radiation_wavelength.wt           1.0 
# 
_diffrn_source.diffrn_id                   1 
_diffrn_source.source                      SYNCHROTRON 
_diffrn_source.type                        'ESRF BEAMLINE ID14-1' 
_diffrn_source.pdbx_synchrotron_site       ESRF 
_diffrn_source.pdbx_synchrotron_beamline   ID14-1 
_diffrn_source.pdbx_wavelength             0.934 
_diffrn_source.pdbx_wavelength_list        ? 
# 
_reflns.pdbx_diffrn_id               1 
_reflns.pdbx_ordinal                 1 
_reflns.entry_id                     2BEZ 
_reflns.observed_criterion_sigma_I   -2.000 
_reflns.observed_criterion_sigma_F   ? 
_reflns.d_resolution_low             30.000 
_reflns.d_resolution_high            1.600 
_reflns.number_obs                   16726 
_reflns.number_all                   ? 
_reflns.percent_possible_obs         99.5 
_reflns.pdbx_Rmerge_I_obs            0.08000 
_reflns.pdbx_Rsym_value              ? 
_reflns.pdbx_netI_over_sigmaI        ? 
_reflns.B_iso_Wilson_estimate        ? 
_reflns.pdbx_redundancy              10.600 
# 
_reflns_shell.pdbx_diffrn_id         1 
_reflns_shell.pdbx_ordinal           1 
_reflns_shell.d_res_high             1.60 
_reflns_shell.d_res_low              1.66 
_reflns_shell.percent_possible_all   97.9 
_reflns_shell.Rmerge_I_obs           0.50000 
_reflns_shell.pdbx_Rsym_value        ? 
_reflns_shell.meanI_over_sigI_obs    ? 
_reflns_shell.pdbx_redundancy        7.80 
# 
_refine.pdbx_refine_id                           'X-RAY DIFFRACTION' 
_refine.entry_id                                 2BEZ 
_refine.pdbx_diffrn_id                           1 
_refine.pdbx_TLS_residual_ADP_flag               ? 
_refine.ls_number_reflns_obs                     16713 
_refine.ls_number_reflns_all                     ? 
_refine.pdbx_ls_sigma_I                          ? 
_refine.pdbx_ls_sigma_F                          ? 
_refine.pdbx_data_cutoff_high_absF               ? 
_refine.pdbx_data_cutoff_low_absF                ? 
_refine.pdbx_data_cutoff_high_rms_absF           ? 
_refine.ls_d_res_low                             20.00 
_refine.ls_d_res_high                            1.60 
_refine.ls_percent_reflns_obs                    99.5 
_refine.ls_R_factor_obs                          0.208 
_refine.ls_R_factor_all                          ? 
_refine.ls_R_factor_R_work                       0.206 
_refine.ls_R_factor_R_free                       0.244 
_refine.ls_R_factor_R_free_error                 ? 
_refine.ls_R_factor_R_free_error_details         ? 
_refine.ls_percent_reflns_R_free                 4.900 
_refine.ls_number_reflns_R_free                  868 
_refine.ls_number_parameters                     ? 
_refine.ls_number_restraints                     ? 
_refine.occupancy_min                            ? 
_refine.occupancy_max                            ? 
_refine.correlation_coeff_Fo_to_Fc               0.951 
_refine.correlation_coeff_Fo_to_Fc_free          0.900 
_refine.B_iso_mean                               33.65 
_refine.aniso_B[1][1]                            1.03000 
_refine.aniso_B[2][2]                            1.03000 
_refine.aniso_B[3][3]                            -1.54000 
_refine.aniso_B[1][2]                            0.51000 
_refine.aniso_B[1][3]                            0.00000 
_refine.aniso_B[2][3]                            0.00000 
_refine.solvent_model_details                    'BABINET MODEL WITH MASK' 
_refine.solvent_model_param_ksol                 ? 
_refine.solvent_model_param_bsol                 ? 
_refine.pdbx_solvent_vdw_probe_radii             1.40 
_refine.pdbx_solvent_ion_probe_radii             0.80 
_refine.pdbx_solvent_shrinkage_radii             0.80 
_refine.pdbx_ls_cross_valid_method               THROUGHOUT 
_refine.details                                  
;HYDROGENS HAVE BEEN ADDED IN THE RIDING POSITIONS. POOR ELECTRON DENSITY FOR HR1 AA 896- 907 AND FOR HR2 AA 1181-1183. HR1 AA 896-907 WERE MODELLED AS ALANINES.
;
_refine.pdbx_starting_model                      ? 
_refine.pdbx_method_to_determine_struct          SIRAS 
_refine.pdbx_isotropic_thermal_model             ? 
_refine.pdbx_stereochemistry_target_values       'MAXIMUM LIKELIHOOD' 
_refine.pdbx_stereochem_target_val_spec_case     ? 
_refine.pdbx_R_Free_selection_details            RANDOM 
_refine.pdbx_overall_ESU_R                       0.091 
_refine.pdbx_overall_ESU_R_Free                  0.095 
_refine.overall_SU_ML                            0.048 
_refine.pdbx_overall_phase_error                 ? 
_refine.overall_SU_B                             1.328 
_refine.overall_SU_R_Cruickshank_DPI             ? 
_refine.pdbx_overall_SU_R_free_Cruickshank_DPI   ? 
_refine.pdbx_overall_SU_R_Blow_DPI               ? 
_refine.pdbx_overall_SU_R_free_Blow_DPI          ? 
# 
_refine_hist.pdbx_refine_id                   'X-RAY DIFFRACTION' 
_refine_hist.cycle_id                         LAST 
_refine_hist.pdbx_number_atoms_protein        849 
_refine_hist.pdbx_number_atoms_nucleic_acid   0 
_refine_hist.pdbx_number_atoms_ligand         6 
_refine_hist.number_atoms_solvent             78 
_refine_hist.number_atoms_total               933 
_refine_hist.d_res_high                       1.60 
_refine_hist.d_res_low                        20.00 
# 
loop_
_refine_ls_restr.type 
_refine_ls_restr.dev_ideal 
_refine_ls_restr.dev_ideal_target 
_refine_ls_restr.weight 
_refine_ls_restr.number 
_refine_ls_restr.pdbx_refine_id 
_refine_ls_restr.pdbx_restraint_function 
r_bond_refined_d             0.018 0.021 ? 853  'X-RAY DIFFRACTION' ? 
r_bond_other_d               0.002 0.020 ? 812  'X-RAY DIFFRACTION' ? 
r_angle_refined_deg          1.589 1.961 ? 1161 'X-RAY DIFFRACTION' ? 
r_angle_other_deg            0.915 3.000 ? 1908 'X-RAY DIFFRACTION' ? 
r_dihedral_angle_1_deg       5.232 5.000 ? 117  'X-RAY DIFFRACTION' ? 
r_dihedral_angle_2_deg       ?     ?     ? ?    'X-RAY DIFFRACTION' ? 
r_dihedral_angle_3_deg       ?     ?     ? ?    'X-RAY DIFFRACTION' ? 
r_dihedral_angle_4_deg       ?     ?     ? ?    'X-RAY DIFFRACTION' ? 
r_chiral_restr               0.106 0.200 ? 155  'X-RAY DIFFRACTION' ? 
r_gen_planes_refined         0.006 0.020 ? 964  'X-RAY DIFFRACTION' ? 
r_gen_planes_other           0.001 0.020 ? 134  'X-RAY DIFFRACTION' ? 
r_nbd_refined                0.502 0.200 ? 265  'X-RAY DIFFRACTION' ? 
r_nbd_other                  0.244 0.200 ? 864  'X-RAY DIFFRACTION' ? 
r_nbtor_refined              ?     ?     ? ?    'X-RAY DIFFRACTION' ? 
r_nbtor_other                0.091 0.200 ? 582  'X-RAY DIFFRACTION' ? 
r_xyhbond_nbd_refined        0.229 0.200 ? 51   'X-RAY DIFFRACTION' ? 
r_xyhbond_nbd_other          ?     ?     ? ?    'X-RAY DIFFRACTION' ? 
r_metal_ion_refined          ?     ?     ? ?    'X-RAY DIFFRACTION' ? 
r_metal_ion_other            ?     ?     ? ?    'X-RAY DIFFRACTION' ? 
r_symmetry_vdw_refined       0.263 0.200 ? 20   'X-RAY DIFFRACTION' ? 
r_symmetry_vdw_other         0.264 0.200 ? 95   'X-RAY DIFFRACTION' ? 
r_symmetry_hbond_refined     0.416 0.200 ? 20   'X-RAY DIFFRACTION' ? 
r_symmetry_hbond_other       ?     ?     ? ?    'X-RAY DIFFRACTION' ? 
r_symmetry_metal_ion_refined ?     ?     ? ?    'X-RAY DIFFRACTION' ? 
r_symmetry_metal_ion_other   ?     ?     ? ?    'X-RAY DIFFRACTION' ? 
r_mcbond_it                  1.195 1.500 ? 589  'X-RAY DIFFRACTION' ? 
r_mcbond_other               ?     ?     ? ?    'X-RAY DIFFRACTION' ? 
r_mcangle_it                 2.114 2.000 ? 935  'X-RAY DIFFRACTION' ? 
r_mcangle_other              ?     ?     ? ?    'X-RAY DIFFRACTION' ? 
r_scbond_it                  3.243 3.000 ? 264  'X-RAY DIFFRACTION' ? 
r_scbond_other               ?     ?     ? ?    'X-RAY DIFFRACTION' ? 
r_scangle_it                 5.154 4.500 ? 226  'X-RAY DIFFRACTION' ? 
r_scangle_other              ?     ?     ? ?    'X-RAY DIFFRACTION' ? 
r_long_range_B_refined       ?     ?     ? ?    'X-RAY DIFFRACTION' ? 
r_long_range_B_other         ?     ?     ? ?    'X-RAY DIFFRACTION' ? 
r_rigid_bond_restr           ?     ?     ? ?    'X-RAY DIFFRACTION' ? 
r_sphericity_free            ?     ?     ? ?    'X-RAY DIFFRACTION' ? 
r_sphericity_bonded          ?     ?     ? ?    'X-RAY DIFFRACTION' ? 
# 
_refine_ls_shell.pdbx_refine_id                   'X-RAY DIFFRACTION' 
_refine_ls_shell.pdbx_total_number_of_bins_used   20 
_refine_ls_shell.d_res_high                       1.60 
_refine_ls_shell.d_res_low                        1.64 
_refine_ls_shell.number_reflns_R_work             1197 
_refine_ls_shell.R_factor_R_work                  0.2450 
_refine_ls_shell.percent_reflns_obs               ? 
_refine_ls_shell.R_factor_R_free                  0.2250 
_refine_ls_shell.R_factor_R_free_error            ? 
_refine_ls_shell.percent_reflns_R_free            ? 
_refine_ls_shell.number_reflns_R_free             47 
_refine_ls_shell.number_reflns_all                ? 
_refine_ls_shell.R_factor_all                     ? 
# 
_struct.entry_id                  2BEZ 
_struct.title                     
'Structure of a proteolitically resistant core from the severe acute respiratory syndrome coronavirus S2 fusion protein' 
_struct.pdbx_model_details        ? 
_struct.pdbx_CASP_flag            ? 
_struct.pdbx_model_type_details   ? 
# 
_struct_keywords.entry_id        2BEZ 
_struct_keywords.pdbx_keywords   'VIRAL PROTEIN' 
_struct_keywords.text            'COILED COIL, MEMBRANE FUSION, SEVERE ACUTE RESPIRATORY SYNDROME, VIRAL PROTEIN' 
# 
loop_
_struct_asym.id 
_struct_asym.pdbx_blank_PDB_chainid_flag 
_struct_asym.pdbx_modified 
_struct_asym.entity_id 
_struct_asym.details 
A N N 1 ? 
B N N 2 ? 
C N N 3 ? 
D N N 4 ? 
E N N 4 ? 
# 
loop_
_struct_ref.id 
_struct_ref.db_name 
_struct_ref.db_code 
_struct_ref.pdbx_db_accession 
_struct_ref.pdbx_db_isoform 
_struct_ref.entity_id 
_struct_ref.pdbx_seq_one_letter_code 
_struct_ref.pdbx_align_begin 
1 UNP SPIKE_CVHSA P59594 ? 1 NVLYENQKQIANQFNKAISQIQESLTTTSTALGKLQDVVNQNAQALNTLVKQLSSNFGAISSVLNDILSRLDKVEAE 896  
2 UNP SPIKE_CVHSA P59594 ? 2 TSPDVDLGDISGINASVVNIQKEIDRLNEVAKNLNESLIDLQ                                    1142 
# 
loop_
_struct_ref_seq.align_id 
_struct_ref_seq.ref_id 
_struct_ref_seq.pdbx_PDB_id_code 
_struct_ref_seq.pdbx_strand_id 
_struct_ref_seq.seq_align_beg 
_struct_ref_seq.pdbx_seq_align_beg_ins_code 
_struct_ref_seq.seq_align_end 
_struct_ref_seq.pdbx_seq_align_end_ins_code 
_struct_ref_seq.pdbx_db_accession 
_struct_ref_seq.db_align_beg 
_struct_ref_seq.pdbx_db_align_beg_ins_code 
_struct_ref_seq.db_align_end 
_struct_ref_seq.pdbx_db_align_end_ins_code 
_struct_ref_seq.pdbx_auth_seq_align_beg 
_struct_ref_seq.pdbx_auth_seq_align_end 
1 1 2BEZ C 1 ? 77 ? P59594 896  ? 972  ? 896  972  
2 2 2BEZ F 1 ? 42 ? P59594 1142 ? 1183 ? 1142 1183 
# 
_pdbx_struct_assembly.id                   1 
_pdbx_struct_assembly.details              author_and_software_defined_assembly 
_pdbx_struct_assembly.method_details       PQS 
_pdbx_struct_assembly.oligomeric_details   hexameric 
_pdbx_struct_assembly.oligomeric_count     6 
# 
_pdbx_struct_assembly_gen.assembly_id       1 
_pdbx_struct_assembly_gen.oper_expression   1,2,3 
_pdbx_struct_assembly_gen.asym_id_list      A,B,C,D,E 
# 
loop_
_pdbx_struct_oper_list.id 
_pdbx_struct_oper_list.type 
_pdbx_struct_oper_list.name 
_pdbx_struct_oper_list.symmetry_operation 
_pdbx_struct_oper_list.matrix[1][1] 
_pdbx_struct_oper_list.matrix[1][2] 
_pdbx_struct_oper_list.matrix[1][3] 
_pdbx_struct_oper_list.vector[1] 
_pdbx_struct_oper_list.matrix[2][1] 
_pdbx_struct_oper_list.matrix[2][2] 
_pdbx_struct_oper_list.matrix[2][3] 
_pdbx_struct_oper_list.vector[2] 
_pdbx_struct_oper_list.matrix[3][1] 
_pdbx_struct_oper_list.matrix[3][2] 
_pdbx_struct_oper_list.matrix[3][3] 
_pdbx_struct_oper_list.vector[3] 
1 'identity operation'         1_555 x,y,z         1.0000000000 0.0000000000 0.0000000000  0.0000000000 0.0000000000 1.0000000000 0.0000000000  0.0000000000  0.0000000000  0.0000000000  1.0000000000  0.0000000000  
2 'crystal symmetry operation' 2_675 -y+1,x-y+2,z  0.0154729248 0.1350173292 -0.9907224180 2.6866855601 0.9926646836 0.1167475829 0.0314138171  -5.5171043211 0.1199058574  -0.9839412191 -0.1322205078 -3.9637647398 
3 'crystal symmetry operation' 3_465 -x+y-1,-x+1,z 0.0154729248 0.9926646836 0.1199058574  5.9103423407 0.1350173292 0.1167475829 -0.9839412191 -3.6187520253 -0.9907224180 0.0314138171  -0.1322205078 2.3109819334 
# 
_struct_biol.id   1 
# 
loop_
_struct_conf.conf_type_id 
_struct_conf.id 
_struct_conf.pdbx_PDB_helix_id 
_struct_conf.beg_label_comp_id 
_struct_conf.beg_label_asym_id 
_struct_conf.beg_label_seq_id 
_struct_conf.pdbx_beg_PDB_ins_code 
_struct_conf.end_label_comp_id 
_struct_conf.end_label_asym_id 
_struct_conf.end_label_seq_id 
_struct_conf.pdbx_end_PDB_ins_code 
_struct_conf.beg_auth_comp_id 
_struct_conf.beg_auth_asym_id 
_struct_conf.beg_auth_seq_id 
_struct_conf.end_auth_comp_id 
_struct_conf.end_auth_asym_id 
_struct_conf.end_auth_seq_id 
_struct_conf.pdbx_PDB_helix_class 
_struct_conf.details 
_struct_conf.pdbx_PDB_helix_length 
HELX_P HELX_P1 1 GLU A 5  ? GLU A 77 ? GLU C 900  GLU C 972  1 ? 73 
HELX_P HELX_P2 2 ILE B 20 ? LEU B 34 ? ILE F 1161 LEU F 1175 1 ? 15 
# 
_struct_conf_type.id          HELX_P 
_struct_conf_type.criteria    ? 
_struct_conf_type.reference   ? 
# 
_struct_site.id                   AC1 
_struct_site.pdbx_evidence_code   Software 
_struct_site.pdbx_auth_asym_id    ? 
_struct_site.pdbx_auth_comp_id    ? 
_struct_site.pdbx_auth_seq_id     ? 
_struct_site.pdbx_auth_ins_code   ? 
_struct_site.pdbx_num_residues    8 
_struct_site.details              'BINDING SITE FOR RESIDUE GOL C1973' 
# 
loop_
_struct_site_gen.id 
_struct_site_gen.site_id 
_struct_site_gen.pdbx_num_res 
_struct_site_gen.label_comp_id 
_struct_site_gen.label_asym_id 
_struct_site_gen.label_seq_id 
_struct_site_gen.pdbx_auth_ins_code 
_struct_site_gen.auth_comp_id 
_struct_site_gen.auth_asym_id 
_struct_site_gen.auth_seq_id 
_struct_site_gen.label_atom_id 
_struct_site_gen.label_alt_id 
_struct_site_gen.symmetry 
_struct_site_gen.details 
1 AC1 8 GLN A 44 ? GLN C 939  . ? 1_555 ? 
2 AC1 8 THR A 48 ? THR C 943  . ? 1_555 ? 
3 AC1 8 LYS A 51 ? LYS C 946  . ? 1_555 ? 
4 AC1 8 VAL A 63 ? VAL C 958  . ? 1_555 ? 
5 AC1 8 ASP A 66 ? ASP C 961  . ? 1_555 ? 
6 AC1 8 HOH D .  ? HOH C 2034 . ? 1_555 ? 
7 AC1 8 HOH D .  ? HOH C 2049 . ? 1_555 ? 
8 AC1 8 PRO B 3  ? PRO F 1144 . ? 1_555 ? 
# 
_pdbx_validate_close_contact.id               1 
_pdbx_validate_close_contact.PDB_model_num    1 
_pdbx_validate_close_contact.auth_atom_id_1   ND2 
_pdbx_validate_close_contact.auth_asym_id_1   F 
_pdbx_validate_close_contact.auth_comp_id_1   ASN 
_pdbx_validate_close_contact.auth_seq_id_1    1155 
_pdbx_validate_close_contact.PDB_ins_code_1   ? 
_pdbx_validate_close_contact.label_alt_id_1   A 
_pdbx_validate_close_contact.auth_atom_id_2   O 
_pdbx_validate_close_contact.auth_asym_id_2   F 
_pdbx_validate_close_contact.auth_comp_id_2   HOH 
_pdbx_validate_close_contact.auth_seq_id_2    2018 
_pdbx_validate_close_contact.PDB_ins_code_2   ? 
_pdbx_validate_close_contact.label_alt_id_2   ? 
_pdbx_validate_close_contact.dist             1.76 
# 
loop_
_pdbx_validate_rmsd_angle.id 
_pdbx_validate_rmsd_angle.PDB_model_num 
_pdbx_validate_rmsd_angle.auth_atom_id_1 
_pdbx_validate_rmsd_angle.auth_asym_id_1 
_pdbx_validate_rmsd_angle.auth_comp_id_1 
_pdbx_validate_rmsd_angle.auth_seq_id_1 
_pdbx_validate_rmsd_angle.PDB_ins_code_1 
_pdbx_validate_rmsd_angle.label_alt_id_1 
_pdbx_validate_rmsd_angle.auth_atom_id_2 
_pdbx_validate_rmsd_angle.auth_asym_id_2 
_pdbx_validate_rmsd_angle.auth_comp_id_2 
_pdbx_validate_rmsd_angle.auth_seq_id_2 
_pdbx_validate_rmsd_angle.PDB_ins_code_2 
_pdbx_validate_rmsd_angle.label_alt_id_2 
_pdbx_validate_rmsd_angle.auth_atom_id_3 
_pdbx_validate_rmsd_angle.auth_asym_id_3 
_pdbx_validate_rmsd_angle.auth_comp_id_3 
_pdbx_validate_rmsd_angle.auth_seq_id_3 
_pdbx_validate_rmsd_angle.PDB_ins_code_3 
_pdbx_validate_rmsd_angle.label_alt_id_3 
_pdbx_validate_rmsd_angle.angle_value 
_pdbx_validate_rmsd_angle.angle_target_value 
_pdbx_validate_rmsd_angle.angle_deviation 
_pdbx_validate_rmsd_angle.angle_standard_deviation 
_pdbx_validate_rmsd_angle.linker_flag 
1 1 CB F ASP 1145 ? ? CG F ASP 1145 ? ? OD2 F ASP 1145 ? ? 124.07 118.30 5.77 0.90 N 
2 1 CB F ASP 1166 ? ? CG F ASP 1166 ? ? OD2 F ASP 1166 ? ? 124.55 118.30 6.25 0.90 N 
# 
loop_
_chem_comp_atom.comp_id 
_chem_comp_atom.atom_id 
_chem_comp_atom.type_symbol 
_chem_comp_atom.pdbx_aromatic_flag 
_chem_comp_atom.pdbx_stereo_config 
_chem_comp_atom.pdbx_ordinal 
ALA N    N N N 1   
ALA CA   C N S 2   
ALA C    C N N 3   
ALA O    O N N 4   
ALA CB   C N N 5   
ALA OXT  O N N 6   
ALA H    H N N 7   
ALA H2   H N N 8   
ALA HA   H N N 9   
ALA HB1  H N N 10  
ALA HB2  H N N 11  
ALA HB3  H N N 12  
ALA HXT  H N N 13  
ARG N    N N N 14  
ARG CA   C N S 15  
ARG C    C N N 16  
ARG O    O N N 17  
ARG CB   C N N 18  
ARG CG   C N N 19  
ARG CD   C N N 20  
ARG NE   N N N 21  
ARG CZ   C N N 22  
ARG NH1  N N N 23  
ARG NH2  N N N 24  
ARG OXT  O N N 25  
ARG H    H N N 26  
ARG H2   H N N 27  
ARG HA   H N N 28  
ARG HB2  H N N 29  
ARG HB3  H N N 30  
ARG HG2  H N N 31  
ARG HG3  H N N 32  
ARG HD2  H N N 33  
ARG HD3  H N N 34  
ARG HE   H N N 35  
ARG HH11 H N N 36  
ARG HH12 H N N 37  
ARG HH21 H N N 38  
ARG HH22 H N N 39  
ARG HXT  H N N 40  
ASN N    N N N 41  
ASN CA   C N S 42  
ASN C    C N N 43  
ASN O    O N N 44  
ASN CB   C N N 45  
ASN CG   C N N 46  
ASN OD1  O N N 47  
ASN ND2  N N N 48  
ASN OXT  O N N 49  
ASN H    H N N 50  
ASN H2   H N N 51  
ASN HA   H N N 52  
ASN HB2  H N N 53  
ASN HB3  H N N 54  
ASN HD21 H N N 55  
ASN HD22 H N N 56  
ASN HXT  H N N 57  
ASP N    N N N 58  
ASP CA   C N S 59  
ASP C    C N N 60  
ASP O    O N N 61  
ASP CB   C N N 62  
ASP CG   C N N 63  
ASP OD1  O N N 64  
ASP OD2  O N N 65  
ASP OXT  O N N 66  
ASP H    H N N 67  
ASP H2   H N N 68  
ASP HA   H N N 69  
ASP HB2  H N N 70  
ASP HB3  H N N 71  
ASP HD2  H N N 72  
ASP HXT  H N N 73  
GLN N    N N N 74  
GLN CA   C N S 75  
GLN C    C N N 76  
GLN O    O N N 77  
GLN CB   C N N 78  
GLN CG   C N N 79  
GLN CD   C N N 80  
GLN OE1  O N N 81  
GLN NE2  N N N 82  
GLN OXT  O N N 83  
GLN H    H N N 84  
GLN H2   H N N 85  
GLN HA   H N N 86  
GLN HB2  H N N 87  
GLN HB3  H N N 88  
GLN HG2  H N N 89  
GLN HG3  H N N 90  
GLN HE21 H N N 91  
GLN HE22 H N N 92  
GLN HXT  H N N 93  
GLU N    N N N 94  
GLU CA   C N S 95  
GLU C    C N N 96  
GLU O    O N N 97  
GLU CB   C N N 98  
GLU CG   C N N 99  
GLU CD   C N N 100 
GLU OE1  O N N 101 
GLU OE2  O N N 102 
GLU OXT  O N N 103 
GLU H    H N N 104 
GLU H2   H N N 105 
GLU HA   H N N 106 
GLU HB2  H N N 107 
GLU HB3  H N N 108 
GLU HG2  H N N 109 
GLU HG3  H N N 110 
GLU HE2  H N N 111 
GLU HXT  H N N 112 
GLY N    N N N 113 
GLY CA   C N N 114 
GLY C    C N N 115 
GLY O    O N N 116 
GLY OXT  O N N 117 
GLY H    H N N 118 
GLY H2   H N N 119 
GLY HA2  H N N 120 
GLY HA3  H N N 121 
GLY HXT  H N N 122 
GOL C1   C N N 123 
GOL O1   O N N 124 
GOL C2   C N N 125 
GOL O2   O N N 126 
GOL C3   C N N 127 
GOL O3   O N N 128 
GOL H11  H N N 129 
GOL H12  H N N 130 
GOL HO1  H N N 131 
GOL H2   H N N 132 
GOL HO2  H N N 133 
GOL H31  H N N 134 
GOL H32  H N N 135 
GOL HO3  H N N 136 
HOH O    O N N 137 
HOH H1   H N N 138 
HOH H2   H N N 139 
ILE N    N N N 140 
ILE CA   C N S 141 
ILE C    C N N 142 
ILE O    O N N 143 
ILE CB   C N S 144 
ILE CG1  C N N 145 
ILE CG2  C N N 146 
ILE CD1  C N N 147 
ILE OXT  O N N 148 
ILE H    H N N 149 
ILE H2   H N N 150 
ILE HA   H N N 151 
ILE HB   H N N 152 
ILE HG12 H N N 153 
ILE HG13 H N N 154 
ILE HG21 H N N 155 
ILE HG22 H N N 156 
ILE HG23 H N N 157 
ILE HD11 H N N 158 
ILE HD12 H N N 159 
ILE HD13 H N N 160 
ILE HXT  H N N 161 
LEU N    N N N 162 
LEU CA   C N S 163 
LEU C    C N N 164 
LEU O    O N N 165 
LEU CB   C N N 166 
LEU CG   C N N 167 
LEU CD1  C N N 168 
LEU CD2  C N N 169 
LEU OXT  O N N 170 
LEU H    H N N 171 
LEU H2   H N N 172 
LEU HA   H N N 173 
LEU HB2  H N N 174 
LEU HB3  H N N 175 
LEU HG   H N N 176 
LEU HD11 H N N 177 
LEU HD12 H N N 178 
LEU HD13 H N N 179 
LEU HD21 H N N 180 
LEU HD22 H N N 181 
LEU HD23 H N N 182 
LEU HXT  H N N 183 
LYS N    N N N 184 
LYS CA   C N S 185 
LYS C    C N N 186 
LYS O    O N N 187 
LYS CB   C N N 188 
LYS CG   C N N 189 
LYS CD   C N N 190 
LYS CE   C N N 191 
LYS NZ   N N N 192 
LYS OXT  O N N 193 
LYS H    H N N 194 
LYS H2   H N N 195 
LYS HA   H N N 196 
LYS HB2  H N N 197 
LYS HB3  H N N 198 
LYS HG2  H N N 199 
LYS HG3  H N N 200 
LYS HD2  H N N 201 
LYS HD3  H N N 202 
LYS HE2  H N N 203 
LYS HE3  H N N 204 
LYS HZ1  H N N 205 
LYS HZ2  H N N 206 
LYS HZ3  H N N 207 
LYS HXT  H N N 208 
PHE N    N N N 209 
PHE CA   C N S 210 
PHE C    C N N 211 
PHE O    O N N 212 
PHE CB   C N N 213 
PHE CG   C Y N 214 
PHE CD1  C Y N 215 
PHE CD2  C Y N 216 
PHE CE1  C Y N 217 
PHE CE2  C Y N 218 
PHE CZ   C Y N 219 
PHE OXT  O N N 220 
PHE H    H N N 221 
PHE H2   H N N 222 
PHE HA   H N N 223 
PHE HB2  H N N 224 
PHE HB3  H N N 225 
PHE HD1  H N N 226 
PHE HD2  H N N 227 
PHE HE1  H N N 228 
PHE HE2  H N N 229 
PHE HZ   H N N 230 
PHE HXT  H N N 231 
PRO N    N N N 232 
PRO CA   C N S 233 
PRO C    C N N 234 
PRO O    O N N 235 
PRO CB   C N N 236 
PRO CG   C N N 237 
PRO CD   C N N 238 
PRO OXT  O N N 239 
PRO H    H N N 240 
PRO HA   H N N 241 
PRO HB2  H N N 242 
PRO HB3  H N N 243 
PRO HG2  H N N 244 
PRO HG3  H N N 245 
PRO HD2  H N N 246 
PRO HD3  H N N 247 
PRO HXT  H N N 248 
SER N    N N N 249 
SER CA   C N S 250 
SER C    C N N 251 
SER O    O N N 252 
SER CB   C N N 253 
SER OG   O N N 254 
SER OXT  O N N 255 
SER H    H N N 256 
SER H2   H N N 257 
SER HA   H N N 258 
SER HB2  H N N 259 
SER HB3  H N N 260 
SER HG   H N N 261 
SER HXT  H N N 262 
THR N    N N N 263 
THR CA   C N S 264 
THR C    C N N 265 
THR O    O N N 266 
THR CB   C N R 267 
THR OG1  O N N 268 
THR CG2  C N N 269 
THR OXT  O N N 270 
THR H    H N N 271 
THR H2   H N N 272 
THR HA   H N N 273 
THR HB   H N N 274 
THR HG1  H N N 275 
THR HG21 H N N 276 
THR HG22 H N N 277 
THR HG23 H N N 278 
THR HXT  H N N 279 
TYR N    N N N 280 
TYR CA   C N S 281 
TYR C    C N N 282 
TYR O    O N N 283 
TYR CB   C N N 284 
TYR CG   C Y N 285 
TYR CD1  C Y N 286 
TYR CD2  C Y N 287 
TYR CE1  C Y N 288 
TYR CE2  C Y N 289 
TYR CZ   C Y N 290 
TYR OH   O N N 291 
TYR OXT  O N N 292 
TYR H    H N N 293 
TYR H2   H N N 294 
TYR HA   H N N 295 
TYR HB2  H N N 296 
TYR HB3  H N N 297 
TYR HD1  H N N 298 
TYR HD2  H N N 299 
TYR HE1  H N N 300 
TYR HE2  H N N 301 
TYR HH   H N N 302 
TYR HXT  H N N 303 
VAL N    N N N 304 
VAL CA   C N S 305 
VAL C    C N N 306 
VAL O    O N N 307 
VAL CB   C N N 308 
VAL CG1  C N N 309 
VAL CG2  C N N 310 
VAL OXT  O N N 311 
VAL H    H N N 312 
VAL H2   H N N 313 
VAL HA   H N N 314 
VAL HB   H N N 315 
VAL HG11 H N N 316 
VAL HG12 H N N 317 
VAL HG13 H N N 318 
VAL HG21 H N N 319 
VAL HG22 H N N 320 
VAL HG23 H N N 321 
VAL HXT  H N N 322 
# 
loop_
_chem_comp_bond.comp_id 
_chem_comp_bond.atom_id_1 
_chem_comp_bond.atom_id_2 
_chem_comp_bond.value_order 
_chem_comp_bond.pdbx_aromatic_flag 
_chem_comp_bond.pdbx_stereo_config 
_chem_comp_bond.pdbx_ordinal 
ALA N   CA   sing N N 1   
ALA N   H    sing N N 2   
ALA N   H2   sing N N 3   
ALA CA  C    sing N N 4   
ALA CA  CB   sing N N 5   
ALA CA  HA   sing N N 6   
ALA C   O    doub N N 7   
ALA C   OXT  sing N N 8   
ALA CB  HB1  sing N N 9   
ALA CB  HB2  sing N N 10  
ALA CB  HB3  sing N N 11  
ALA OXT HXT  sing N N 12  
ARG N   CA   sing N N 13  
ARG N   H    sing N N 14  
ARG N   H2   sing N N 15  
ARG CA  C    sing N N 16  
ARG CA  CB   sing N N 17  
ARG CA  HA   sing N N 18  
ARG C   O    doub N N 19  
ARG C   OXT  sing N N 20  
ARG CB  CG   sing N N 21  
ARG CB  HB2  sing N N 22  
ARG CB  HB3  sing N N 23  
ARG CG  CD   sing N N 24  
ARG CG  HG2  sing N N 25  
ARG CG  HG3  sing N N 26  
ARG CD  NE   sing N N 27  
ARG CD  HD2  sing N N 28  
ARG CD  HD3  sing N N 29  
ARG NE  CZ   sing N N 30  
ARG NE  HE   sing N N 31  
ARG CZ  NH1  sing N N 32  
ARG CZ  NH2  doub N N 33  
ARG NH1 HH11 sing N N 34  
ARG NH1 HH12 sing N N 35  
ARG NH2 HH21 sing N N 36  
ARG NH2 HH22 sing N N 37  
ARG OXT HXT  sing N N 38  
ASN N   CA   sing N N 39  
ASN N   H    sing N N 40  
ASN N   H2   sing N N 41  
ASN CA  C    sing N N 42  
ASN CA  CB   sing N N 43  
ASN CA  HA   sing N N 44  
ASN C   O    doub N N 45  
ASN C   OXT  sing N N 46  
ASN CB  CG   sing N N 47  
ASN CB  HB2  sing N N 48  
ASN CB  HB3  sing N N 49  
ASN CG  OD1  doub N N 50  
ASN CG  ND2  sing N N 51  
ASN ND2 HD21 sing N N 52  
ASN ND2 HD22 sing N N 53  
ASN OXT HXT  sing N N 54  
ASP N   CA   sing N N 55  
ASP N   H    sing N N 56  
ASP N   H2   sing N N 57  
ASP CA  C    sing N N 58  
ASP CA  CB   sing N N 59  
ASP CA  HA   sing N N 60  
ASP C   O    doub N N 61  
ASP C   OXT  sing N N 62  
ASP CB  CG   sing N N 63  
ASP CB  HB2  sing N N 64  
ASP CB  HB3  sing N N 65  
ASP CG  OD1  doub N N 66  
ASP CG  OD2  sing N N 67  
ASP OD2 HD2  sing N N 68  
ASP OXT HXT  sing N N 69  
GLN N   CA   sing N N 70  
GLN N   H    sing N N 71  
GLN N   H2   sing N N 72  
GLN CA  C    sing N N 73  
GLN CA  CB   sing N N 74  
GLN CA  HA   sing N N 75  
GLN C   O    doub N N 76  
GLN C   OXT  sing N N 77  
GLN CB  CG   sing N N 78  
GLN CB  HB2  sing N N 79  
GLN CB  HB3  sing N N 80  
GLN CG  CD   sing N N 81  
GLN CG  HG2  sing N N 82  
GLN CG  HG3  sing N N 83  
GLN CD  OE1  doub N N 84  
GLN CD  NE2  sing N N 85  
GLN NE2 HE21 sing N N 86  
GLN NE2 HE22 sing N N 87  
GLN OXT HXT  sing N N 88  
GLU N   CA   sing N N 89  
GLU N   H    sing N N 90  
GLU N   H2   sing N N 91  
GLU CA  C    sing N N 92  
GLU CA  CB   sing N N 93  
GLU CA  HA   sing N N 94  
GLU C   O    doub N N 95  
GLU C   OXT  sing N N 96  
GLU CB  CG   sing N N 97  
GLU CB  HB2  sing N N 98  
GLU CB  HB3  sing N N 99  
GLU CG  CD   sing N N 100 
GLU CG  HG2  sing N N 101 
GLU CG  HG3  sing N N 102 
GLU CD  OE1  doub N N 103 
GLU CD  OE2  sing N N 104 
GLU OE2 HE2  sing N N 105 
GLU OXT HXT  sing N N 106 
GLY N   CA   sing N N 107 
GLY N   H    sing N N 108 
GLY N   H2   sing N N 109 
GLY CA  C    sing N N 110 
GLY CA  HA2  sing N N 111 
GLY CA  HA3  sing N N 112 
GLY C   O    doub N N 113 
GLY C   OXT  sing N N 114 
GLY OXT HXT  sing N N 115 
GOL C1  O1   sing N N 116 
GOL C1  C2   sing N N 117 
GOL C1  H11  sing N N 118 
GOL C1  H12  sing N N 119 
GOL O1  HO1  sing N N 120 
GOL C2  O2   sing N N 121 
GOL C2  C3   sing N N 122 
GOL C2  H2   sing N N 123 
GOL O2  HO2  sing N N 124 
GOL C3  O3   sing N N 125 
GOL C3  H31  sing N N 126 
GOL C3  H32  sing N N 127 
GOL O3  HO3  sing N N 128 
HOH O   H1   sing N N 129 
HOH O   H2   sing N N 130 
ILE N   CA   sing N N 131 
ILE N   H    sing N N 132 
ILE N   H2   sing N N 133 
ILE CA  C    sing N N 134 
ILE CA  CB   sing N N 135 
ILE CA  HA   sing N N 136 
ILE C   O    doub N N 137 
ILE C   OXT  sing N N 138 
ILE CB  CG1  sing N N 139 
ILE CB  CG2  sing N N 140 
ILE CB  HB   sing N N 141 
ILE CG1 CD1  sing N N 142 
ILE CG1 HG12 sing N N 143 
ILE CG1 HG13 sing N N 144 
ILE CG2 HG21 sing N N 145 
ILE CG2 HG22 sing N N 146 
ILE CG2 HG23 sing N N 147 
ILE CD1 HD11 sing N N 148 
ILE CD1 HD12 sing N N 149 
ILE CD1 HD13 sing N N 150 
ILE OXT HXT  sing N N 151 
LEU N   CA   sing N N 152 
LEU N   H    sing N N 153 
LEU N   H2   sing N N 154 
LEU CA  C    sing N N 155 
LEU CA  CB   sing N N 156 
LEU CA  HA   sing N N 157 
LEU C   O    doub N N 158 
LEU C   OXT  sing N N 159 
LEU CB  CG   sing N N 160 
LEU CB  HB2  sing N N 161 
LEU CB  HB3  sing N N 162 
LEU CG  CD1  sing N N 163 
LEU CG  CD2  sing N N 164 
LEU CG  HG   sing N N 165 
LEU CD1 HD11 sing N N 166 
LEU CD1 HD12 sing N N 167 
LEU CD1 HD13 sing N N 168 
LEU CD2 HD21 sing N N 169 
LEU CD2 HD22 sing N N 170 
LEU CD2 HD23 sing N N 171 
LEU OXT HXT  sing N N 172 
LYS N   CA   sing N N 173 
LYS N   H    sing N N 174 
LYS N   H2   sing N N 175 
LYS CA  C    sing N N 176 
LYS CA  CB   sing N N 177 
LYS CA  HA   sing N N 178 
LYS C   O    doub N N 179 
LYS C   OXT  sing N N 180 
LYS CB  CG   sing N N 181 
LYS CB  HB2  sing N N 182 
LYS CB  HB3  sing N N 183 
LYS CG  CD   sing N N 184 
LYS CG  HG2  sing N N 185 
LYS CG  HG3  sing N N 186 
LYS CD  CE   sing N N 187 
LYS CD  HD2  sing N N 188 
LYS CD  HD3  sing N N 189 
LYS CE  NZ   sing N N 190 
LYS CE  HE2  sing N N 191 
LYS CE  HE3  sing N N 192 
LYS NZ  HZ1  sing N N 193 
LYS NZ  HZ2  sing N N 194 
LYS NZ  HZ3  sing N N 195 
LYS OXT HXT  sing N N 196 
PHE N   CA   sing N N 197 
PHE N   H    sing N N 198 
PHE N   H2   sing N N 199 
PHE CA  C    sing N N 200 
PHE CA  CB   sing N N 201 
PHE CA  HA   sing N N 202 
PHE C   O    doub N N 203 
PHE C   OXT  sing N N 204 
PHE CB  CG   sing N N 205 
PHE CB  HB2  sing N N 206 
PHE CB  HB3  sing N N 207 
PHE CG  CD1  doub Y N 208 
PHE CG  CD2  sing Y N 209 
PHE CD1 CE1  sing Y N 210 
PHE CD1 HD1  sing N N 211 
PHE CD2 CE2  doub Y N 212 
PHE CD2 HD2  sing N N 213 
PHE CE1 CZ   doub Y N 214 
PHE CE1 HE1  sing N N 215 
PHE CE2 CZ   sing Y N 216 
PHE CE2 HE2  sing N N 217 
PHE CZ  HZ   sing N N 218 
PHE OXT HXT  sing N N 219 
PRO N   CA   sing N N 220 
PRO N   CD   sing N N 221 
PRO N   H    sing N N 222 
PRO CA  C    sing N N 223 
PRO CA  CB   sing N N 224 
PRO CA  HA   sing N N 225 
PRO C   O    doub N N 226 
PRO C   OXT  sing N N 227 
PRO CB  CG   sing N N 228 
PRO CB  HB2  sing N N 229 
PRO CB  HB3  sing N N 230 
PRO CG  CD   sing N N 231 
PRO CG  HG2  sing N N 232 
PRO CG  HG3  sing N N 233 
PRO CD  HD2  sing N N 234 
PRO CD  HD3  sing N N 235 
PRO OXT HXT  sing N N 236 
SER N   CA   sing N N 237 
SER N   H    sing N N 238 
SER N   H2   sing N N 239 
SER CA  C    sing N N 240 
SER CA  CB   sing N N 241 
SER CA  HA   sing N N 242 
SER C   O    doub N N 243 
SER C   OXT  sing N N 244 
SER CB  OG   sing N N 245 
SER CB  HB2  sing N N 246 
SER CB  HB3  sing N N 247 
SER OG  HG   sing N N 248 
SER OXT HXT  sing N N 249 
THR N   CA   sing N N 250 
THR N   H    sing N N 251 
THR N   H2   sing N N 252 
THR CA  C    sing N N 253 
THR CA  CB   sing N N 254 
THR CA  HA   sing N N 255 
THR C   O    doub N N 256 
THR C   OXT  sing N N 257 
THR CB  OG1  sing N N 258 
THR CB  CG2  sing N N 259 
THR CB  HB   sing N N 260 
THR OG1 HG1  sing N N 261 
THR CG2 HG21 sing N N 262 
THR CG2 HG22 sing N N 263 
THR CG2 HG23 sing N N 264 
THR OXT HXT  sing N N 265 
TYR N   CA   sing N N 266 
TYR N   H    sing N N 267 
TYR N   H2   sing N N 268 
TYR CA  C    sing N N 269 
TYR CA  CB   sing N N 270 
TYR CA  HA   sing N N 271 
TYR C   O    doub N N 272 
TYR C   OXT  sing N N 273 
TYR CB  CG   sing N N 274 
TYR CB  HB2  sing N N 275 
TYR CB  HB3  sing N N 276 
TYR CG  CD1  doub Y N 277 
TYR CG  CD2  sing Y N 278 
TYR CD1 CE1  sing Y N 279 
TYR CD1 HD1  sing N N 280 
TYR CD2 CE2  doub Y N 281 
TYR CD2 HD2  sing N N 282 
TYR CE1 CZ   doub Y N 283 
TYR CE1 HE1  sing N N 284 
TYR CE2 CZ   sing Y N 285 
TYR CE2 HE2  sing N N 286 
TYR CZ  OH   sing N N 287 
TYR OH  HH   sing N N 288 
TYR OXT HXT  sing N N 289 
VAL N   CA   sing N N 290 
VAL N   H    sing N N 291 
VAL N   H2   sing N N 292 
VAL CA  C    sing N N 293 
VAL CA  CB   sing N N 294 
VAL CA  HA   sing N N 295 
VAL C   O    doub N N 296 
VAL C   OXT  sing N N 297 
VAL CB  CG1  sing N N 298 
VAL CB  CG2  sing N N 299 
VAL CB  HB   sing N N 300 
VAL CG1 HG11 sing N N 301 
VAL CG1 HG12 sing N N 302 
VAL CG1 HG13 sing N N 303 
VAL CG2 HG21 sing N N 304 
VAL CG2 HG22 sing N N 305 
VAL CG2 HG23 sing N N 306 
VAL OXT HXT  sing N N 307 
# 
_atom_sites.entry_id                    2BEZ 
_atom_sites.fract_transf_matrix[1][1]   -0.01237806 
_atom_sites.fract_transf_matrix[1][2]   -0.00934053 
_atom_sites.fract_transf_matrix[1][3]   -0.02674990 
_atom_sites.fract_transf_matrix[2][1]   0.01267101 
_atom_sites.fract_transf_matrix[2][2]   -0.02355891 
_atom_sites.fract_transf_matrix[2][3]   -0.01550709 
_atom_sites.fract_transf_matrix[3][1]   -0.00124747 
_atom_sites.fract_transf_matrix[3][2]   -0.00136452 
_atom_sites.fract_transf_matrix[3][3]   0.00105371 
_atom_sites.fract_transf_vector[1]      -0.007701 
_atom_sites.fract_transf_vector[2]      0.883408 
_atom_sites.fract_transf_vector[3]      0.275644 
# 
loop_
_atom_type.symbol 
C 
N 
O 
# 
loop_
_atom_site.group_PDB 
_atom_site.id 
_atom_site.type_symbol 
_atom_site.label_atom_id 
_atom_site.label_alt_id 
_atom_site.label_comp_id 
_atom_site.label_asym_id 
_atom_site.label_entity_id 
_atom_site.label_seq_id 
_atom_site.pdbx_PDB_ins_code 
_atom_site.Cartn_x 
_atom_site.Cartn_y 
_atom_site.Cartn_z 
_atom_site.occupancy 
_atom_site.B_iso_or_equiv 
_atom_site.pdbx_formal_charge 
_atom_site.auth_seq_id 
_atom_site.auth_comp_id 
_atom_site.auth_asym_id 
_atom_site.auth_atom_id 
_atom_site.pdbx_PDB_model_num 
ATOM   1   N N   . ASN A 1 1  ? 28.496  35.529  -30.210 1.00 80.65 ? 896  ASN C N   1 
ATOM   2   C CA  . ASN A 1 1  ? 27.205  35.564  -30.958 1.00 80.66 ? 896  ASN C CA  1 
ATOM   3   C C   . ASN A 1 1  ? 26.803  34.161  -31.395 1.00 80.96 ? 896  ASN C C   1 
ATOM   4   O O   . ASN A 1 1  ? 25.706  33.712  -31.093 1.00 81.08 ? 896  ASN C O   1 
ATOM   5   C CB  . ASN A 1 1  ? 27.311  36.489  -32.168 1.00 80.61 ? 896  ASN C CB  1 
ATOM   6   N N   . VAL A 1 2  ? 27.692  33.477  -32.113 1.00 81.37 ? 897  VAL C N   1 
ATOM   7   C CA  . VAL A 1 2  ? 27.435  32.103  -32.558 1.00 81.60 ? 897  VAL C CA  1 
ATOM   8   C C   . VAL A 1 2  ? 27.795  31.113  -31.456 1.00 82.00 ? 897  VAL C C   1 
ATOM   9   O O   . VAL A 1 2  ? 26.938  30.358  -30.995 1.00 82.36 ? 897  VAL C O   1 
ATOM   10  C CB  . VAL A 1 2  ? 28.217  31.791  -33.833 1.00 81.56 ? 897  VAL C CB  1 
ATOM   11  N N   . LEU A 1 3  ? 29.060  31.123  -31.034 1.00 82.41 ? 898  LEU C N   1 
ATOM   12  C CA  . LEU A 1 3  ? 29.525  30.265  -29.939 1.00 82.63 ? 898  LEU C CA  1 
ATOM   13  C C   . LEU A 1 3  ? 29.298  30.897  -28.555 1.00 83.09 ? 898  LEU C C   1 
ATOM   14  O O   . LEU A 1 3  ? 29.659  30.306  -27.533 1.00 83.23 ? 898  LEU C O   1 
ATOM   15  C CB  . LEU A 1 3  ? 30.991  29.916  -30.127 1.00 82.57 ? 898  LEU C CB  1 
ATOM   16  N N   . TYR A 1 4  ? 28.726  32.100  -28.522 1.00 83.56 ? 899  TYR C N   1 
ATOM   17  C CA  . TYR A 1 4  ? 28.234  32.694  -27.277 1.00 83.89 ? 899  TYR C CA  1 
ATOM   18  C C   . TYR A 1 4  ? 26.783  32.279  -27.057 1.00 84.27 ? 899  TYR C C   1 
ATOM   19  O O   . TYR A 1 4  ? 26.328  32.172  -25.915 1.00 84.50 ? 899  TYR C O   1 
ATOM   20  C CB  . TYR A 1 4  ? 28.359  34.210  -27.320 1.00 83.94 ? 899  TYR C CB  1 
ATOM   21  N N   . GLU A 1 5  ? 26.061  32.054  -28.156 1.00 84.66 ? 900  GLU C N   1 
ATOM   22  C CA  . GLU A 1 5  ? 24.711  31.489  -28.109 1.00 84.97 ? 900  GLU C CA  1 
ATOM   23  C C   . GLU A 1 5  ? 24.743  29.959  -27.995 1.00 85.26 ? 900  GLU C C   1 
ATOM   24  O O   . GLU A 1 5  ? 23.712  29.337  -27.725 1.00 85.42 ? 900  GLU C O   1 
ATOM   25  C CB  . GLU A 1 5  ? 23.910  31.910  -29.340 1.00 84.93 ? 900  GLU C CB  1 
ATOM   26  N N   . ASN A 1 6  ? 25.916  29.360  -28.208 1.00 85.52 ? 901  ASN C N   1 
ATOM   27  C CA  . ASN A 1 6  ? 26.101  27.919  -28.017 1.00 85.67 ? 901  ASN C CA  1 
ATOM   28  C C   . ASN A 1 6  ? 26.150  27.576  -26.527 1.00 85.80 ? 901  ASN C C   1 
ATOM   29  O O   . ASN A 1 6  ? 25.812  26.456  -26.132 1.00 86.03 ? 901  ASN C O   1 
ATOM   30  C CB  . ASN A 1 6  ? 27.368  27.443  -28.710 1.00 85.64 ? 901  ASN C CB  1 
ATOM   31  N N   . GLN A 1 7  ? 26.580  28.539  -25.712 1.00 85.75 ? 902  GLN C N   1 
ATOM   32  C CA  . GLN A 1 7  ? 26.510  28.426  -24.253 1.00 85.64 ? 902  GLN C CA  1 
ATOM   33  C C   . GLN A 1 7  ? 25.123  28.811  -23.696 1.00 85.54 ? 902  GLN C C   1 
ATOM   34  O O   . GLN A 1 7  ? 24.821  28.524  -22.537 1.00 85.66 ? 902  GLN C O   1 
ATOM   35  C CB  . GLN A 1 7  ? 27.601  29.277  -23.608 1.00 85.67 ? 902  GLN C CB  1 
ATOM   36  N N   . LYS A 1 8  ? 24.300  29.473  -24.511 1.00 85.30 ? 903  LYS C N   1 
ATOM   37  C CA  . LYS A 1 8  ? 22.911  29.788  -24.151 1.00 85.13 ? 903  LYS C CA  1 
ATOM   38  C C   . LYS A 1 8  ? 21.951  28.666  -24.562 1.00 84.91 ? 903  LYS C C   1 
ATOM   39  O O   . LYS A 1 8  ? 20.795  28.629  -24.121 1.00 84.90 ? 903  LYS C O   1 
ATOM   40  C CB  . LYS A 1 8  ? 22.483  31.113  -24.780 1.00 85.13 ? 903  LYS C CB  1 
ATOM   41  N N   . GLN A 1 9  ? 22.432  27.763  -25.414 1.00 84.54 ? 904  GLN C N   1 
ATOM   42  C CA  . GLN A 1 9  ? 21.664  26.589  -25.815 1.00 84.31 ? 904  GLN C CA  1 
ATOM   43  C C   . GLN A 1 9  ? 21.658  25.587  -24.666 1.00 83.97 ? 904  GLN C C   1 
ATOM   44  O O   . GLN A 1 9  ? 20.599  25.151  -24.207 1.00 84.05 ? 904  GLN C O   1 
ATOM   45  C CB  . GLN A 1 9  ? 22.272  25.960  -27.067 1.00 84.32 ? 904  GLN C CB  1 
ATOM   46  N N   . ILE A 1 10 ? 22.857  25.247  -24.200 1.00 83.46 ? 905  ILE C N   1 
ATOM   47  C CA  . ILE A 1 10 ? 23.036  24.339  -23.077 1.00 83.06 ? 905  ILE C CA  1 
ATOM   48  C C   . ILE A 1 10 ? 22.194  24.740  -21.863 1.00 82.78 ? 905  ILE C C   1 
ATOM   49  O O   . ILE A 1 10 ? 21.596  23.880  -21.217 1.00 82.84 ? 905  ILE C O   1 
ATOM   50  C CB  . ILE A 1 10 ? 24.511  24.268  -22.695 1.00 83.02 ? 905  ILE C CB  1 
ATOM   51  N N   . ALA A 1 11 ? 22.139  26.037  -21.568 1.00 82.27 ? 906  ALA C N   1 
ATOM   52  C CA  . ALA A 1 11 ? 21.474  26.533  -20.359 1.00 81.80 ? 906  ALA C CA  1 
ATOM   53  C C   . ALA A 1 11 ? 19.951  26.397  -20.387 1.00 81.28 ? 906  ALA C C   1 
ATOM   54  O O   . ALA A 1 11 ? 19.350  26.045  -19.376 1.00 81.32 ? 906  ALA C O   1 
ATOM   55  C CB  . ALA A 1 11 ? 21.860  27.984  -20.095 1.00 81.93 ? 906  ALA C CB  1 
ATOM   56  N N   . ASN A 1 12 ? 19.327  26.684  -21.527 1.00 80.54 ? 907  ASN C N   1 
ATOM   57  C CA  . ASN A 1 12 ? 17.870  26.577  -21.642 1.00 79.97 ? 907  ASN C CA  1 
ATOM   58  C C   . ASN A 1 12 ? 17.378  25.137  -21.449 1.00 79.40 ? 907  ASN C C   1 
ATOM   59  O O   . ASN A 1 12 ? 16.308  24.918  -20.877 1.00 79.31 ? 907  ASN C O   1 
ATOM   60  C CB  . ASN A 1 12 ? 17.396  27.115  -22.980 1.00 79.98 ? 907  ASN C CB  1 
ATOM   61  N N   . GLN A 1 13 ? 18.162  24.169  -21.928 1.00 78.47 ? 908  GLN C N   1 
ATOM   62  C CA  . GLN A 1 13 ? 17.804  22.754  -21.839 1.00 77.84 ? 908  GLN C CA  1 
ATOM   63  C C   . GLN A 1 13 ? 17.986  22.206  -20.427 1.00 77.50 ? 908  GLN C C   1 
ATOM   64  O O   . GLN A 1 13 ? 17.041  21.690  -19.828 1.00 77.44 ? 908  GLN C O   1 
ATOM   65  C CB  . GLN A 1 13 ? 18.642  21.926  -22.823 1.00 77.72 ? 908  GLN C CB  1 
ATOM   66  C CG  . GLN A 1 13 ? 18.369  22.188  -24.307 1.00 77.07 ? 908  GLN C CG  1 
ATOM   67  C CD  . GLN A 1 13 ? 16.892  22.334  -24.647 1.00 75.98 ? 908  GLN C CD  1 
ATOM   68  O OE1 . GLN A 1 13 ? 16.231  23.263  -24.179 1.00 75.88 ? 908  GLN C OE1 1 
ATOM   69  N NE2 . GLN A 1 13 ? 16.379  21.428  -25.472 1.00 74.96 ? 908  GLN C NE2 1 
ATOM   70  N N   . PHE A 1 14 ? 19.210  22.319  -19.917 1.00 76.78 ? 909  PHE C N   1 
ATOM   71  C CA  . PHE A 1 14 ? 19.558  21.925  -18.557 1.00 76.22 ? 909  PHE C CA  1 
ATOM   72  C C   . PHE A 1 14 ? 18.629  22.509  -17.489 1.00 75.89 ? 909  PHE C C   1 
ATOM   73  O O   . PHE A 1 14 ? 18.337  21.843  -16.499 1.00 76.11 ? 909  PHE C O   1 
ATOM   74  C CB  . PHE A 1 14 ? 21.001  22.338  -18.269 1.00 76.19 ? 909  PHE C CB  1 
ATOM   75  C CG  . PHE A 1 14 ? 21.459  22.034  -16.873 1.00 75.90 ? 909  PHE C CG  1 
ATOM   76  C CD1 . PHE A 1 14 ? 22.108  20.838  -16.581 1.00 75.76 ? 909  PHE C CD1 1 
ATOM   77  C CD2 . PHE A 1 14 ? 21.257  22.952  -15.858 1.00 74.99 ? 909  PHE C CD2 1 
ATOM   78  C CE1 . PHE A 1 14 ? 22.538  20.569  -15.291 1.00 75.53 ? 909  PHE C CE1 1 
ATOM   79  C CE2 . PHE A 1 14 ? 21.678  22.692  -14.572 1.00 74.71 ? 909  PHE C CE2 1 
ATOM   80  C CZ  . PHE A 1 14 ? 22.323  21.501  -14.281 1.00 75.08 ? 909  PHE C CZ  1 
ATOM   81  N N   . ASN A 1 15 ? 18.171  23.740  -17.684 1.00 75.20 ? 910  ASN C N   1 
ATOM   82  C CA  . ASN A 1 15 ? 17.225  24.353  -16.757 1.00 74.69 ? 910  ASN C CA  1 
ATOM   83  C C   . ASN A 1 15 ? 15.875  23.646  -16.845 1.00 74.07 ? 910  ASN C C   1 
ATOM   84  O O   . ASN A 1 15 ? 15.320  23.236  -15.820 1.00 74.09 ? 910  ASN C O   1 
ATOM   85  C CB  . ASN A 1 15 ? 17.066  25.856  -17.042 1.00 74.81 ? 910  ASN C CB  1 
ATOM   86  C CG  . ASN A 1 15 ? 16.770  26.670  -15.790 1.00 75.39 ? 910  ASN C CG  1 
ATOM   87  O OD1 . ASN A 1 15 ? 17.686  27.089  -15.077 1.00 76.32 ? 910  ASN C OD1 1 
ATOM   88  N ND2 . ASN A 1 15 ? 15.487  26.917  -15.528 1.00 76.16 ? 910  ASN C ND2 1 
ATOM   89  N N   . LYS A 1 16 ? 15.367  23.491  -18.066 1.00 73.01 ? 911  LYS C N   1 
ATOM   90  C CA  . LYS A 1 16 ? 14.043  22.913  -18.297 1.00 72.34 ? 911  LYS C CA  1 
ATOM   91  C C   . LYS A 1 16 ? 13.975  21.449  -17.856 1.00 71.75 ? 911  LYS C C   1 
ATOM   92  O O   . LYS A 1 16 ? 12.943  20.990  -17.357 1.00 71.42 ? 911  LYS C O   1 
ATOM   93  C CB  . LYS A 1 16 ? 13.668  23.031  -19.770 1.00 72.36 ? 911  LYS C CB  1 
ATOM   94  N N   . ALA A 1 17 ? 15.088  20.740  -18.042 1.00 70.88 ? 912  ALA C N   1 
ATOM   95  C CA  . ALA A 1 17 ? 15.200  19.322  -17.725 1.00 70.20 ? 912  ALA C CA  1 
ATOM   96  C C   . ALA A 1 17 ? 15.273  19.101  -16.219 1.00 69.58 ? 912  ALA C C   1 
ATOM   97  O O   . ALA A 1 17 ? 14.728  18.122  -15.706 1.00 69.44 ? 912  ALA C O   1 
ATOM   98  C CB  . ALA A 1 17 ? 16.428  18.721  -18.405 1.00 70.12 ? 912  ALA C CB  1 
ATOM   99  N N   . ILE A 1 18 ? 15.955  19.998  -15.514 1.00 68.64 ? 913  ILE C N   1 
ATOM   100 C CA  . ILE A 1 18 ? 15.997  19.942  -14.058 1.00 68.09 ? 913  ILE C CA  1 
ATOM   101 C C   . ILE A 1 18 ? 14.593  20.166  -13.501 1.00 67.58 ? 913  ILE C C   1 
ATOM   102 O O   . ILE A 1 18 ? 14.237  19.593  -12.474 1.00 67.58 ? 913  ILE C O   1 
ATOM   103 C CB  . ILE A 1 18 ? 17.018  20.969  -13.475 1.00 67.97 ? 913  ILE C CB  1 
ATOM   104 C CG1 . ILE A 1 18 ? 18.464  20.437  -13.508 1.00 67.74 ? 913  ILE C CG1 1 
ATOM   105 C CG2 . ILE A 1 18 ? 16.677  21.341  -12.034 1.00 68.01 ? 913  ILE C CG2 1 
ATOM   106 C CD1 . ILE A 1 18 ? 18.697  19.089  -14.194 1.00 67.79 ? 913  ILE C CD1 1 
ATOM   107 N N   . SER A 1 19 ? 13.797  20.981  -14.185 1.00 66.74 ? 914  SER C N   1 
ATOM   108 C CA  . SER A 1 19 ? 12.411  21.206  -13.782 1.00 66.13 ? 914  SER C CA  1 
ATOM   109 C C   . SER A 1 19 ? 11.593  19.912  -13.898 1.00 65.37 ? 914  SER C C   1 
ATOM   110 O O   . SER A 1 19 ? 10.721  19.643  -13.072 1.00 65.04 ? 914  SER C O   1 
ATOM   111 C CB  . SER A 1 19 ? 11.774  22.315  -14.626 1.00 66.20 ? 914  SER C CB  1 
ATOM   112 O OG  . SER A 1 19 ? 10.834  23.046  -13.853 1.00 66.75 ? 914  SER C OG  1 
ATOM   113 N N   . GLN A 1 20 ? 11.881  19.131  -14.936 1.00 64.45 ? 915  GLN C N   1 
ATOM   114 C CA  . GLN A 1 20 ? 11.229  17.844  -15.146 1.00 63.76 ? 915  GLN C CA  1 
ATOM   115 C C   . GLN A 1 20 ? 11.685  16.819  -14.122 1.00 62.72 ? 915  GLN C C   1 
ATOM   116 O O   . GLN A 1 20 ? 10.893  15.993  -13.672 1.00 62.70 ? 915  GLN C O   1 
ATOM   117 C CB  . GLN A 1 20 ? 11.518  17.315  -16.551 1.00 63.85 ? 915  GLN C CB  1 
ATOM   118 C CG  . GLN A 1 20 ? 10.801  18.053  -17.666 1.00 64.81 ? 915  GLN C CG  1 
ATOM   119 C CD  . GLN A 1 20 ? 9.297   18.047  -17.500 1.00 66.44 ? 915  GLN C CD  1 
ATOM   120 O OE1 . GLN A 1 20 ? 8.755   18.835  -16.724 1.00 67.12 ? 915  GLN C OE1 1 
ATOM   121 N NE2 . GLN A 1 20 ? 8.616   17.154  -18.224 1.00 67.76 ? 915  GLN C NE2 1 
ATOM   122 N N   . ILE A 1 21 ? 12.957  16.881  -13.755 1.00 61.23 ? 916  ILE C N   1 
ATOM   123 C CA  . ILE A 1 21 ? 13.542  15.919  -12.835 1.00 60.16 ? 916  ILE C CA  1 
ATOM   124 C C   . ILE A 1 21 ? 13.034  16.182  -11.428 1.00 59.29 ? 916  ILE C C   1 
ATOM   125 O O   . ILE A 1 21 ? 12.710  15.243  -10.701 1.00 58.66 ? 916  ILE C O   1 
ATOM   126 C CB  . ILE A 1 21 ? 15.083  15.975  -12.895 1.00 60.05 ? 916  ILE C CB  1 
ATOM   127 C CG1 . ILE A 1 21 ? 15.572  15.253  -14.153 1.00 60.45 ? 916  ILE C CG1 1 
ATOM   128 C CG2 . ILE A 1 21 ? 15.713  15.353  -11.652 1.00 59.98 ? 916  ILE C CG2 1 
ATOM   129 C CD1 . ILE A 1 21 ? 16.978  15.619  -14.561 1.00 60.65 ? 916  ILE C CD1 1 
ATOM   130 N N   . GLN A 1 22 ? 12.950  17.456  -11.062 1.00 57.63 ? 917  GLN C N   1 
ATOM   131 C CA  . GLN A 1 22 ? 12.440  17.851  -9.762  1.00 56.83 ? 917  GLN C CA  1 
ATOM   132 C C   . GLN A 1 22 ? 11.014  17.358  -9.574  1.00 55.81 ? 917  GLN C C   1 
ATOM   133 O O   . GLN A 1 22 ? 10.634  16.940  -8.484  1.00 55.99 ? 917  GLN C O   1 
ATOM   134 C CB  . GLN A 1 22 ? 12.475  19.375  -9.615  1.00 56.81 ? 917  GLN C CB  1 
ATOM   135 C CG  . GLN A 1 22 ? 13.875  19.934  -9.367  1.00 57.45 ? 917  GLN C CG  1 
ATOM   136 C CD  . GLN A 1 22 ? 13.911  21.452  -9.429  1.00 57.32 ? 917  GLN C CD  1 
ATOM   137 O OE1 . GLN A 1 22 ? 14.314  22.108  -8.464  1.00 58.02 ? 917  GLN C OE1 1 
ATOM   138 N NE2 . GLN A 1 22 ? 13.463  22.011  -10.544 1.00 57.32 ? 917  GLN C NE2 1 
ATOM   139 N N   . GLU A 1 23 ? 10.238  17.427  -10.644 1.00 54.41 ? 918  GLU C N   1 
ATOM   140 C CA  . GLU A 1 23 ? 8.862   16.973  -10.643 1.00 53.61 ? 918  GLU C CA  1 
ATOM   141 C C   . GLU A 1 23 ? 8.779   15.454  -10.516 1.00 51.90 ? 918  GLU C C   1 
ATOM   142 O O   . GLU A 1 23 ? 7.888   14.928  -9.849  1.00 51.41 ? 918  GLU C O   1 
ATOM   143 C CB  . GLU A 1 23 ? 8.179   17.387  -11.938 1.00 53.86 ? 918  GLU C CB  1 
ATOM   144 C CG  . GLU A 1 23 ? 6.677   17.518  -11.807 1.00 56.13 ? 918  GLU C CG  1 
ATOM   145 C CD  . GLU A 1 23 ? 5.936   16.943  -12.991 1.00 59.44 ? 918  GLU C CD  1 
ATOM   146 O OE1 . GLU A 1 23 ? 4.912   16.262  -12.757 1.00 61.04 ? 918  GLU C OE1 1 
ATOM   147 O OE2 . GLU A 1 23 ? 6.370   17.180  -14.150 1.00 60.66 ? 918  GLU C OE2 1 
ATOM   148 N N   . SER A 1 24 ? 9.698   14.768  -11.178 1.00 49.87 ? 919  SER C N   1 
ATOM   149 C CA  . SER A 1 24 ? 9.746   13.315  -11.142 1.00 48.82 ? 919  SER C CA  1 
ATOM   150 C C   . SER A 1 24 ? 10.067  12.813  -9.743  1.00 47.65 ? 919  SER C C   1 
ATOM   151 O O   . SER A 1 24 ? 9.574   11.756  -9.350  1.00 47.38 ? 919  SER C O   1 
ATOM   152 C CB  . SER A 1 24 ? 10.779  12.778  -12.129 1.00 48.97 ? 919  SER C CB  1 
ATOM   153 O OG  . SER A 1 24 ? 12.082  12.815  -11.557 1.00 49.99 ? 919  SER C OG  1 
ATOM   154 N N   . LEU A 1 25 ? 10.881  13.566  -9.003  1.00 45.91 ? 920  LEU C N   1 
ATOM   155 C CA  . LEU A 1 25 ? 11.313  13.185  -7.662  1.00 45.05 ? 920  LEU C CA  1 
ATOM   156 C C   . LEU A 1 25 ? 10.197  13.333  -6.636  1.00 43.90 ? 920  LEU C C   1 
ATOM   157 O O   . LEU A 1 25 ? 10.072  12.520  -5.713  1.00 43.16 ? 920  LEU C O   1 
ATOM   158 C CB  . LEU A 1 25 ? 12.486  14.053  -7.197  1.00 45.71 ? 920  LEU C CB  1 
ATOM   159 C CG  . LEU A 1 25 ? 13.820  13.989  -7.945  1.00 46.80 ? 920  LEU C CG  1 
ATOM   160 C CD1 . LEU A 1 25 ? 14.896  14.597  -7.046  1.00 48.61 ? 920  LEU C CD1 1 
ATOM   161 C CD2 . LEU A 1 25 ? 14.219  12.602  -8.389  1.00 48.18 ? 920  LEU C CD2 1 
ATOM   162 N N   . THR A 1 26 ? 9.413   14.390  -6.767  1.00 41.97 ? 921  THR C N   1 
ATOM   163 C CA  . THR A 1 26 ? 8.308   14.624  -5.855  1.00 41.27 ? 921  THR C CA  1 
ATOM   164 C C   . THR A 1 26 ? 7.142   13.698  -6.156  1.00 39.74 ? 921  THR C C   1 
ATOM   165 O O   . THR A 1 26 ? 6.407   13.329  -5.241  1.00 39.60 ? 921  THR C O   1 
ATOM   166 C CB  . THR A 1 26 ? 7.844   16.092  -5.881  1.00 41.35 ? 921  THR C CB  1 
ATOM   167 O OG1 . THR A 1 26 ? 7.588   16.512  -7.230  1.00 42.73 ? 921  THR C OG1 1 
ATOM   168 C CG2 . THR A 1 26 ? 8.940   17.001  -5.392  1.00 41.48 ? 921  THR C CG2 1 
ATOM   169 N N   . THR A 1 27 ? 6.989   13.331  -7.426  1.00 38.24 ? 922  THR C N   1 
ATOM   170 C CA  . THR A 1 27 ? 5.987   12.363  -7.857  1.00 37.45 ? 922  THR C CA  1 
ATOM   171 C C   . THR A 1 27 ? 6.327   10.975  -7.314  1.00 37.00 ? 922  THR C C   1 
ATOM   172 O O   . THR A 1 27 ? 5.431   10.268  -6.833  1.00 35.70 ? 922  THR C O   1 
ATOM   173 C CB  . THR A 1 27 ? 5.955   12.304  -9.388  1.00 37.63 ? 922  THR C CB  1 
ATOM   174 O OG1 . THR A 1 27 ? 5.519   13.572  -9.892  1.00 38.73 ? 922  THR C OG1 1 
ATOM   175 C CG2 . THR A 1 27 ? 4.908   11.333  -9.900  1.00 37.85 ? 922  THR C CG2 1 
ATOM   176 N N   . THR A 1 28 ? 7.600   10.593  -7.418  1.00 35.53 ? 923  THR C N   1 
ATOM   177 C CA  . THR A 1 28 ? 8.089   9.324   -6.870  1.00 35.60 ? 923  THR C CA  1 
ATOM   178 C C   . THR A 1 28 ? 7.876   9.286   -5.348  1.00 35.37 ? 923  THR C C   1 
ATOM   179 O O   . THR A 1 28 ? 7.432   8.257   -4.793  1.00 33.81 ? 923  THR C O   1 
ATOM   180 C CB  . THR A 1 28 ? 9.581   9.155   -7.219  1.00 35.85 ? 923  THR C CB  1 
ATOM   181 O OG1 . THR A 1 28 ? 9.729   9.059   -8.645  1.00 36.53 ? 923  THR C OG1 1 
ATOM   182 C CG2 . THR A 1 28 ? 10.147  7.843   -6.696  1.00 35.01 ? 923  THR C CG2 1 
ATOM   183 N N   . SER A 1 29 ? 8.178   10.398  -4.679  1.00 34.48 ? 924  SER C N   1 
ATOM   184 C CA  . SER A 1 29 ? 8.033   10.502  -3.226  1.00 34.67 ? 924  SER C CA  1 
ATOM   185 C C   . SER A 1 29 ? 6.585   10.337  -2.809  1.00 33.89 ? 924  SER C C   1 
ATOM   186 O O   . SER A 1 29 ? 6.301   9.665   -1.821  1.00 33.82 ? 924  SER C O   1 
ATOM   187 C CB  . SER A 1 29 ? 8.568   11.851  -2.716  1.00 35.00 ? 924  SER C CB  1 
ATOM   188 O OG  . SER A 1 29 ? 8.287   12.064  -1.345  1.00 37.35 ? 924  SER C OG  1 
ATOM   189 N N   . THR A 1 30 ? 5.681   10.933  -3.577  1.00 32.50 ? 925  THR C N   1 
ATOM   190 C CA  . THR A 1 30 ? 4.247   10.859  -3.307  1.00 31.84 ? 925  THR C CA  1 
ATOM   191 C C   . THR A 1 30 ? 3.766   9.419   -3.489  1.00 30.74 ? 925  THR C C   1 
ATOM   192 O O   . THR A 1 30 ? 2.986   8.943   -2.673  1.00 29.63 ? 925  THR C O   1 
ATOM   193 C CB  . THR A 1 30 ? 3.468   11.794  -4.232  1.00 32.93 ? 925  THR C CB  1 
ATOM   194 O OG1 . THR A 1 30 ? 3.806   13.151  -3.906  1.00 35.89 ? 925  THR C OG1 1 
ATOM   195 C CG2 . THR A 1 30 ? 1.969   11.744  -3.965  1.00 33.25 ? 925  THR C CG2 1 
ATOM   196 N N   . ALA A 1 31 ? 4.222   8.763   -4.552  1.00 28.85 ? 926  ALA C N   1 
ATOM   197 C CA  . ALA A 1 31 ? 3.821   7.387   -4.839  1.00 28.37 ? 926  ALA C CA  1 
ATOM   198 C C   . ALA A 1 31 ? 4.291   6.473   -3.720  1.00 27.72 ? 926  ALA C C   1 
ATOM   199 O O   . ALA A 1 31 ? 3.512   5.617   -3.257  1.00 27.06 ? 926  ALA C O   1 
ATOM   200 C CB  . ALA A 1 31 ? 4.363   6.922   -6.149  1.00 28.15 ? 926  ALA C CB  1 
ATOM   201 N N   . LEU A 1 32 ? 5.528   6.649   -3.273  1.00 26.56 ? 927  LEU C N   1 
ATOM   202 C CA  . LEU A 1 32 ? 6.077   5.834   -2.179  1.00 26.17 ? 927  LEU C CA  1 
ATOM   203 C C   . LEU A 1 32 ? 5.305   6.047   -0.866  1.00 26.38 ? 927  LEU C C   1 
ATOM   204 O O   . LEU A 1 32 ? 5.079   5.089   -0.079  1.00 24.66 ? 927  LEU C O   1 
ATOM   205 C CB  . LEU A 1 32 ? 7.577   6.087   -1.994  1.00 26.10 ? 927  LEU C CB  1 
ATOM   206 C CG  . LEU A 1 32 ? 8.488   5.655   -3.148  1.00 26.19 ? 927  LEU C CG  1 
ATOM   207 C CD1 . LEU A 1 32 ? 9.861   6.313   -2.941  1.00 29.41 ? 927  LEU C CD1 1 
ATOM   208 C CD2 . LEU A 1 32 ? 8.636   4.132   -3.307  1.00 27.20 ? 927  LEU C CD2 1 
ATOM   209 N N   . GLY A 1 33 ? 4.901   7.277   -0.591  1.00 25.43 ? 928  GLY C N   1 
ATOM   210 C CA  . GLY A 1 33 ? 4.113   7.570   0.596   1.00 25.44 ? 928  GLY C CA  1 
ATOM   211 C C   . GLY A 1 33 ? 2.760   6.885   0.536   1.00 24.90 ? 928  GLY C C   1 
ATOM   212 O O   . GLY A 1 33 ? 2.287   6.387   1.548   1.00 26.35 ? 928  GLY C O   1 
ATOM   213 N N   . LYS A 1 34 ? 2.121   6.874   -0.619  1.00 24.13 ? 929  LYS C N   1 
ATOM   214 C CA  . LYS A 1 34 ? 0.798   6.278   -0.746  1.00 23.87 ? 929  LYS C CA  1 
ATOM   215 C C   . LYS A 1 34 ? 0.923   4.729   -0.531  1.00 23.23 ? 929  LYS C C   1 
ATOM   216 O O   . LYS A 1 34 ? 0.068   4.126   0.140   1.00 22.99 ? 929  LYS C O   1 
ATOM   217 C CB  . LYS A 1 34 ? 0.137   6.606   -2.080  1.00 24.73 ? 929  LYS C CB  1 
ATOM   218 C CG  . LYS A 1 34 ? -0.381  8.054   -2.108  1.00 26.92 ? 929  LYS C CG  1 
ATOM   219 C CD  . LYS A 1 34 ? -0.910  8.426   -3.453  1.00 29.33 ? 929  LYS C CD  1 
ATOM   220 C CE  . LYS A 1 34 ? -1.428  9.894   -3.384  1.00 33.86 ? 929  LYS C CE  1 
ATOM   221 N NZ  . LYS A 1 34 ? -1.738  10.391  -4.773  1.00 38.11 ? 929  LYS C NZ  1 
ATOM   222 N N   . LEU A 1 35 ? 1.958   4.129   -1.096  1.00 23.02 ? 930  LEU C N   1 
ATOM   223 C CA  . LEU A 1 35 ? 2.251   2.678   -0.876  1.00 20.87 ? 930  LEU C CA  1 
ATOM   224 C C   . LEU A 1 35 ? 2.570   2.377   0.574   1.00 22.41 ? 930  LEU C C   1 
ATOM   225 O O   . LEU A 1 35 ? 2.030   1.425   1.132   1.00 20.01 ? 930  LEU C O   1 
ATOM   226 C CB  . LEU A 1 35 ? 3.405   2.214   -1.732  1.00 21.41 ? 930  LEU C CB  1 
ATOM   227 C CG  . LEU A 1 35 ? 3.093   2.073   -3.215  1.00 22.37 ? 930  LEU C CG  1 
ATOM   228 C CD1 . LEU A 1 35 ? 4.359   1.966   -3.967  1.00 24.00 ? 930  LEU C CD1 1 
ATOM   229 C CD2 . LEU A 1 35 ? 2.204   0.910   -3.577  1.00 24.55 ? 930  LEU C CD2 1 
ATOM   230 N N   . GLN A 1 36 ? 3.399   3.186   1.233   1.00 20.94 ? 931  GLN C N   1 
ATOM   231 C CA  . GLN A 1 36 ? 3.685   2.963   2.652   1.00 21.64 ? 931  GLN C CA  1 
ATOM   232 C C   . GLN A 1 36 ? 2.395   2.986   3.493   1.00 21.41 ? 931  GLN C C   1 
ATOM   233 O O   . GLN A 1 36 ? 2.162   2.139   4.375   1.00 19.49 ? 931  GLN C O   1 
ATOM   234 C CB  . GLN A 1 36 ? 4.693   4.022   3.171   1.00 22.54 ? 931  GLN C CB  1 
ATOM   235 C CG  . GLN A 1 36 ? 4.861   4.051   4.662   1.00 23.61 ? 931  GLN C CG  1 
ATOM   236 C CD  . GLN A 1 36 ? 5.847   5.110   5.143   1.00 25.06 ? 931  GLN C CD  1 
ATOM   237 O OE1 . GLN A 1 36 ? 5.539   6.332   5.093   1.00 32.13 ? 931  GLN C OE1 1 
ATOM   238 N NE2 . GLN A 1 36 ? 6.977   4.664   5.656   1.00 23.94 ? 931  GLN C NE2 1 
ATOM   239 N N   . ASP A 1 37 ? 1.528   3.961   3.239   1.00 21.19 ? 932  ASP C N   1 
ATOM   240 C CA  . ASP A 1 37 ? 0.314   4.095   4.001   1.00 22.28 ? 932  ASP C CA  1 
ATOM   241 C C   . ASP A 1 37 ? -0.594  2.852   3.849   1.00 20.51 ? 932  ASP C C   1 
ATOM   242 O O   . ASP A 1 37 ? -1.080  2.352   4.850   1.00 20.31 ? 932  ASP C O   1 
ATOM   243 C CB  . ASP A 1 37 ? -0.486  5.290   3.536   1.00 24.47 ? 932  ASP C CB  1 
ATOM   244 C CG  . ASP A 1 37 ? 0.132   6.604   3.968   1.00 32.26 ? 932  ASP C CG  1 
ATOM   245 O OD1 . ASP A 1 37 ? -0.411  7.671   3.573   1.00 43.28 ? 932  ASP C OD1 1 
ATOM   246 O OD2 . ASP A 1 37 ? 1.149   6.674   4.687   1.00 41.20 ? 932  ASP C OD2 1 
ATOM   247 N N   . VAL A 1 38 ? -0.802  2.384   2.614   1.00 18.49 ? 933  VAL C N   1 
ATOM   248 C CA  . VAL A 1 38 ? -1.666  1.223   2.390   1.00 18.10 ? 933  VAL C CA  1 
ATOM   249 C C   . VAL A 1 38 ? -1.021  -0.041  2.903   1.00 17.21 ? 933  VAL C C   1 
ATOM   250 O O   . VAL A 1 38 ? -1.709  -0.875  3.507   1.00 18.35 ? 933  VAL C O   1 
ATOM   251 C CB  . VAL A 1 38 ? -2.082  1.113   0.910   1.00 17.62 ? 933  VAL C CB  1 
ATOM   252 C CG1 . VAL A 1 38 ? -2.803  -0.164  0.594   1.00 18.78 ? 933  VAL C CG1 1 
ATOM   253 C CG2 . VAL A 1 38 ? -2.967  2.292   0.581   1.00 21.47 ? 933  VAL C CG2 1 
ATOM   254 N N   . VAL A 1 39 ? 0.280   -0.207  2.654   1.00 17.62 ? 934  VAL C N   1 
ATOM   255 C CA  . VAL A 1 39 ? 0.970   -1.415  3.151   1.00 16.76 ? 934  VAL C CA  1 
ATOM   256 C C   . VAL A 1 39 ? 0.775   -1.513  4.675   1.00 16.40 ? 934  VAL C C   1 
ATOM   257 O O   . VAL A 1 39 ? 0.428   -2.569  5.239   1.00 15.69 ? 934  VAL C O   1 
ATOM   258 C CB  . VAL A 1 39 ? 2.431   -1.496  2.704   1.00 17.43 ? 934  VAL C CB  1 
ATOM   259 C CG1 . VAL A 1 39 ? 3.225   -2.469  3.541   1.00 17.72 ? 934  VAL C CG1 1 
ATOM   260 C CG2 . VAL A 1 39 ? 2.518   -1.828  1.213   1.00 18.26 ? 934  VAL C CG2 1 
ATOM   261 N N   . ASN A 1 40 ? 0.970   -0.387  5.360   1.00 15.89 ? 935  ASN C N   1 
ATOM   262 C CA  . ASN A 1 40 ? 0.867   -0.411  6.798   1.00 17.26 ? 935  ASN C CA  1 
ATOM   263 C C   . ASN A 1 40 ? -0.545  -0.565  7.329   1.00 16.85 ? 935  ASN C C   1 
ATOM   264 O O   . ASN A 1 40 ? -0.829  -1.237  8.361   1.00 17.08 ? 935  ASN C O   1 
ATOM   265 C CB  . ASN A 1 40 ? 1.578   0.807   7.376   1.00 17.21 ? 935  ASN C CB  1 
ATOM   266 C CG  . ASN A 1 40 ? 3.056   0.697   7.228   1.00 18.72 ? 935  ASN C CG  1 
ATOM   267 O OD1 . ASN A 1 40 ? 3.613   -0.404  7.054   1.00 19.34 ? 935  ASN C OD1 1 
ATOM   268 N ND2 . ASN A 1 40 ? 3.746   1.851   7.266   1.00 20.82 ? 935  ASN C ND2 1 
ATOM   269 N N   . GLN A 1 41 ? -1.495  0.066   6.647   1.00 15.26 ? 936  GLN C N   1 
ATOM   270 C CA  . GLN A 1 41 ? -2.884  -0.151  7.016   1.00 16.24 ? 936  GLN C CA  1 
ATOM   271 C C   . GLN A 1 41 ? -3.266  -1.624  6.877   1.00 14.23 ? 936  GLN C C   1 
ATOM   272 O O   . GLN A 1 41 ? -3.990  -2.153  7.681   1.00 15.26 ? 936  GLN C O   1 
ATOM   273 O OE1 A GLN A 1 41 ? -5.781  -1.154  4.959   0.50 25.45 ? 936  GLN C OE1 1 
ATOM   274 O OE1 B GLN A 1 41 ? -4.988  2.668   4.117   0.50 28.99 ? 936  GLN C OE1 1 
ATOM   275 N NE2 A GLN A 1 41 ? -4.211  4.731   5.714   0.50 33.77 ? 936  GLN C NE2 1 
ATOM   276 N NE2 B GLN A 1 41 ? -7.879  -0.730  6.501   0.50 27.78 ? 936  GLN C NE2 1 
ATOM   277 N N   . ASN A 1 42 ? -2.830  -2.240  5.796   1.00 15.64 ? 937  ASN C N   1 
ATOM   278 C CA  . ASN A 1 42 ? -3.233  -3.614  5.550   1.00 13.78 ? 937  ASN C CA  1 
ATOM   279 C C   . ASN A 1 42 ? -2.507  -4.568  6.528   1.00 13.78 ? 937  ASN C C   1 
ATOM   280 O O   . ASN A 1 42 ? -3.054  -5.583  6.894   1.00 12.81 ? 937  ASN C O   1 
ATOM   281 C CB  . ASN A 1 42 ? -3.055  -3.985  4.078   1.00 13.66 ? 937  ASN C CB  1 
ATOM   282 C CG  . ASN A 1 42 ? -4.029  -3.139  3.173   1.00 18.46 ? 937  ASN C CG  1 
ATOM   283 O OD1 . ASN A 1 42 ? -4.888  -2.477  3.743   1.00 20.51 ? 937  ASN C OD1 1 
ATOM   284 N ND2 . ASN A 1 42 ? -3.969  -3.266  1.864   1.00 22.57 ? 937  ASN C ND2 1 
ATOM   285 N N   . ALA A 1 43 ? -1.288  -4.197  6.933   1.00 14.38 ? 938  ALA C N   1 
ATOM   286 C CA  . ALA A 1 43 ? -0.588  -4.925  7.998   1.00 14.45 ? 938  ALA C CA  1 
ATOM   287 C C   . ALA A 1 43 ? -1.385  -4.870  9.273   1.00 13.30 ? 938  ALA C C   1 
ATOM   288 O O   . ALA A 1 43 ? -1.619  -5.872  9.943   1.00 13.47 ? 938  ALA C O   1 
ATOM   289 C CB  . ALA A 1 43 ? 0.821   -4.377  8.224   1.00 14.82 ? 938  ALA C CB  1 
ATOM   290 N N   . GLN A 1 44 ? -1.826  -3.691  9.651   1.00 14.24 ? 939  GLN C N   1 
ATOM   291 C CA  . GLN A 1 44 ? -2.630  -3.521  10.800  1.00 15.90 ? 939  GLN C CA  1 
ATOM   292 C C   . GLN A 1 44 ? -3.892  -4.347  10.738  1.00 12.80 ? 939  GLN C C   1 
ATOM   293 O O   . GLN A 1 44 ? -4.324  -4.954  11.707  1.00 13.37 ? 939  GLN C O   1 
ATOM   294 C CB  . GLN A 1 44 ? -2.977  -2.035  11.010  1.00 16.92 ? 939  GLN C CB  1 
ATOM   295 C CG  . GLN A 1 44 ? -3.786  -1.808  12.251  1.00 23.75 ? 939  GLN C CG  1 
ATOM   296 C CD  . GLN A 1 44 ? -3.042  -2.191  13.531  1.00 32.06 ? 939  GLN C CD  1 
ATOM   297 O OE1 . GLN A 1 44 ? -2.132  -1.436  13.998  1.00 39.11 ? 939  GLN C OE1 1 
ATOM   298 N NE2 . GLN A 1 44 ? -3.416  -3.343  14.124  1.00 34.35 ? 939  GLN C NE2 1 
ATOM   299 N N   . ALA A 1 45 ? -4.573  -4.289  9.594   1.00 11.43 ? 940  ALA C N   1 
ATOM   300 C CA  . ALA A 1 45 ? -5.766  -5.099  9.412   1.00 12.64 ? 940  ALA C CA  1 
ATOM   301 C C   . ALA A 1 45 ? -5.531  -6.574  9.635   1.00 10.11 ? 940  ALA C C   1 
ATOM   302 O O   . ALA A 1 45 ? -6.254  -7.262  10.311  1.00 11.18 ? 940  ALA C O   1 
ATOM   303 C CB  . ALA A 1 45 ? -6.364  -4.902  7.957   1.00 12.68 ? 940  ALA C CB  1 
ATOM   304 N N   . LEU A 1 46 ? -4.443  -7.075  9.043   1.00 11.57 ? 941  LEU C N   1 
ATOM   305 C CA  . LEU A 1 46 ? -4.091  -8.462  9.218   1.00 11.07 ? 941  LEU C CA  1 
ATOM   306 C C   . LEU A 1 46 ? -3.799  -8.799  10.675  1.00 9.39  ? 941  LEU C C   1 
ATOM   307 O O   . LEU A 1 46 ? -4.293  -9.784  11.182  1.00 9.88  ? 941  LEU C O   1 
ATOM   308 C CB  . LEU A 1 46 ? -2.938  -8.873  8.315   1.00 11.80 ? 941  LEU C CB  1 
ATOM   309 C CG  . LEU A 1 46 ? -2.573  -10.336 8.276   1.00 15.28 ? 941  LEU C CG  1 
ATOM   310 C CD1 . LEU A 1 46 ? -3.734  -11.218 8.089   1.00 18.06 ? 941  LEU C CD1 1 
ATOM   311 C CD2 . LEU A 1 46 ? -1.564  -10.548 7.094   1.00 19.47 ? 941  LEU C CD2 1 
ATOM   312 N N   . ASN A 1 47 ? -3.029  -7.948  11.338  1.00 11.67 ? 942  ASN C N   1 
ATOM   313 C CA  . ASN A 1 47 ? -2.745  -8.224  12.760  1.00 10.92 ? 942  ASN C CA  1 
ATOM   314 C C   . ASN A 1 47 ? -3.980  -8.204  13.673  1.00 9.88  ? 942  ASN C C   1 
ATOM   315 O O   . ASN A 1 47 ? -4.150  -9.032  14.543  1.00 11.26 ? 942  ASN C O   1 
ATOM   316 C CB  . ASN A 1 47 ? -1.633  -7.287  13.259  1.00 11.30 ? 942  ASN C CB  1 
ATOM   317 C CG  . ASN A 1 47 ? -0.308  -7.619  12.672  1.00 15.86 ? 942  ASN C CG  1 
ATOM   318 O OD1 . ASN A 1 47 ? -0.129  -8.723  12.196  1.00 19.77 ? 942  ASN C OD1 1 
ATOM   319 N ND2 . ASN A 1 47 ? 0.524   -6.618  12.502  1.00 17.47 ? 942  ASN C ND2 1 
ATOM   320 N N   . THR A 1 48 ? -4.911  -7.259  13.402  1.00 10.53 ? 943  THR C N   1 
ATOM   321 C CA  . THR A 1 48 ? -6.167  -7.209  14.102  1.00 10.61 ? 943  THR C CA  1 
ATOM   322 C C   . THR A 1 48 ? -6.998  -8.467  13.890  1.00 8.66  ? 943  THR C C   1 
ATOM   323 O O   . THR A 1 48 ? -7.601  -9.052  14.773  1.00 9.47  ? 943  THR C O   1 
ATOM   324 C CB  . THR A 1 48 ? -6.888  -5.937  13.739  1.00 13.01 ? 943  THR C CB  1 
ATOM   325 O OG1 . THR A 1 48 ? -6.084  -4.821  14.200  1.00 14.36 ? 943  THR C OG1 1 
ATOM   326 C CG2 . THR A 1 48 ? -8.213  -5.859  14.441  1.00 13.64 ? 943  THR C CG2 1 
ATOM   327 N N   . LEU A 1 49 ? -7.047  -8.884  12.613  1.00 9.88  ? 944  LEU C N   1 
ATOM   328 C CA  . LEU A 1 49 ? -7.671  -10.116 12.211  1.00 10.25 ? 944  LEU C CA  1 
ATOM   329 C C   . LEU A 1 49 ? -7.104  -11.326 12.995  1.00 9.04  ? 944  LEU C C   1 
ATOM   330 O O   . LEU A 1 49 ? -7.860  -12.049 13.565  1.00 9.96  ? 944  LEU C O   1 
ATOM   331 C CB  . LEU A 1 49 ? -7.583  -10.361 10.718  1.00 10.81 ? 944  LEU C CB  1 
ATOM   332 C CG  . LEU A 1 49 ? -8.296  -11.613 10.272  1.00 10.91 ? 944  LEU C CG  1 
ATOM   333 C CD1 . LEU A 1 49 ? -9.754  -11.666 10.531  1.00 11.81 ? 944  LEU C CD1 1 
ATOM   334 C CD2 . LEU A 1 49 ? -8.003  -11.823 8.794   1.00 12.04 ? 944  LEU C CD2 1 
ATOM   335 N N   . VAL A 1 50 ? -5.780  -11.463 13.061  1.00 9.87  ? 945  VAL C N   1 
ATOM   336 C CA  . VAL A 1 50 ? -5.198  -12.563 13.796  1.00 9.28  ? 945  VAL C CA  1 
ATOM   337 C C   . VAL A 1 50 ? -5.579  -12.538 15.285  1.00 8.52  ? 945  VAL C C   1 
ATOM   338 O O   . VAL A 1 50 ? -5.863  -13.582 15.861  1.00 9.20  ? 945  VAL C O   1 
ATOM   339 C CB  . VAL A 1 50 ? -3.705  -12.620 13.602  1.00 8.14  ? 945  VAL C CB  1 
ATOM   340 C CG1 . VAL A 1 50 ? -3.079  -13.674 14.468  1.00 10.04 ? 945  VAL C CG1 1 
ATOM   341 C CG2 . VAL A 1 50 ? -3.365  -12.898 12.093  1.00 13.12 ? 945  VAL C CG2 1 
ATOM   342 N N   . LYS A 1 51 ? -5.592  -11.335 15.863  1.00 9.27  ? 946  LYS C N   1 
ATOM   343 C CA  . LYS A 1 51 ? -6.036  -11.233 17.257  1.00 9.43  ? 946  LYS C CA  1 
ATOM   344 C C   . LYS A 1 51 ? -7.406  -11.780 17.508  1.00 9.68  ? 946  LYS C C   1 
ATOM   345 O O   . LYS A 1 51 ? -7.683  -12.597 18.361  1.00 10.26 ? 946  LYS C O   1 
ATOM   346 C CB  . LYS A 1 51 ? -5.920  -9.777  17.710  1.00 10.43 ? 946  LYS C CB  1 
ATOM   347 C CG  . LYS A 1 51 ? -6.430  -9.569  19.072  1.00 11.40 ? 946  LYS C CG  1 
ATOM   348 C CD  . LYS A 1 51 ? -6.681  -8.122  19.478  1.00 13.24 ? 946  LYS C CD  1 
ATOM   349 C CE  . LYS A 1 51 ? -7.838  -7.487  18.647  1.00 16.89 ? 946  LYS C CE  1 
ATOM   350 N NZ  . LYS A 1 51 ? -8.330  -6.212  19.337  1.00 18.98 ? 946  LYS C NZ  1 
ATOM   351 N N   . GLN A 1 52 ? -8.362  -11.273 16.675  1.00 9.76  ? 947  GLN C N   1 
ATOM   352 C CA  . GLN A 1 52 ? -9.708  -11.683 16.808  1.00 10.47 ? 947  GLN C CA  1 
ATOM   353 C C   . GLN A 1 52 ? -9.958  -13.182 16.497  1.00 9.00  ? 947  GLN C C   1 
ATOM   354 O O   . GLN A 1 52 ? -10.725 -13.854 17.141  1.00 9.79  ? 947  GLN C O   1 
ATOM   355 C CB  . GLN A 1 52 ? -10.597 -10.780 15.949  1.00 10.72 ? 947  GLN C CB  1 
ATOM   356 C CG  . GLN A 1 52 ? -10.632 -9.321  16.406  1.00 13.98 ? 947  GLN C CG  1 
ATOM   357 C CD  . GLN A 1 52 ? -11.806 -8.537  15.851  1.00 24.94 ? 947  GLN C CD  1 
ATOM   358 O OE1 . GLN A 1 52 ? -11.605 -7.505  15.258  1.00 34.00 ? 947  GLN C OE1 1 
ATOM   359 N NE2 . GLN A 1 52 ? -13.018 -9.000  16.144  1.00 28.27 ? 947  GLN C NE2 1 
ATOM   360 N N   . LEU A 1 53 ? -9.269  -13.662 15.495  1.00 9.45  ? 948  LEU C N   1 
ATOM   361 C CA  . LEU A 1 53 ? -9.331  -15.074 15.179  1.00 9.80  ? 948  LEU C CA  1 
ATOM   362 C C   . LEU A 1 53 ? -8.776  -15.984 16.296  1.00 8.04  ? 948  LEU C C   1 
ATOM   363 O O   . LEU A 1 53 ? -9.323  -16.966 16.624  1.00 9.64  ? 948  LEU C O   1 
ATOM   364 C CB  . LEU A 1 53 ? -8.616  -15.446 13.861  1.00 10.09 ? 948  LEU C CB  1 
ATOM   365 C CG  . LEU A 1 53 ? -9.186  -14.784 12.613  1.00 11.75 ? 948  LEU C CG  1 
ATOM   366 C CD1 . LEU A 1 53 ? -8.269  -15.087 11.428  1.00 10.92 ? 948  LEU C CD1 1 
ATOM   367 C CD2 . LEU A 1 53 ? -10.589 -15.180 12.453  1.00 14.18 ? 948  LEU C CD2 1 
ATOM   368 N N   . SER A 1 54 ? -7.690  -15.533 16.890  1.00 9.29  ? 949  SER C N   1 
ATOM   369 C CA  . SER A 1 54 ? -7.084  -16.322 17.953  1.00 10.40 ? 949  SER C CA  1 
ATOM   370 C C   . SER A 1 54 ? -8.023  -16.362 19.186  1.00 8.42  ? 949  SER C C   1 
ATOM   371 O O   . SER A 1 54 ? -8.204  -17.433 19.798  1.00 10.32 ? 949  SER C O   1 
ATOM   372 C CB  . SER A 1 54 ? -5.754  -15.695 18.393  1.00 10.43 ? 949  SER C CB  1 
ATOM   373 O OG  . SER A 1 54 ? -4.769  -15.588 17.464  1.00 12.67 ? 949  SER C OG  1 
ATOM   374 N N   . SER A 1 55 ? -8.705  -15.220 19.485  1.00 8.78  ? 950  SER C N   1 
ATOM   375 C CA  . SER A 1 55 ? -9.726  -15.230 20.440  1.00 11.06 ? 950  SER C CA  1 
ATOM   376 C C   . SER A 1 55 ? -10.882 -16.191 20.150  1.00 9.37  ? 950  SER C C   1 
ATOM   377 O O   . SER A 1 55 ? -11.290 -17.009 20.935  1.00 11.41 ? 950  SER C O   1 
ATOM   378 C CB  . SER A 1 55 ? -10.215 -13.795 20.636  1.00 13.18 ? 950  SER C CB  1 
ATOM   379 O OG  . SER A 1 55 ? -11.306 -13.760 21.538  1.00 22.65 ? 950  SER C OG  1 
ATOM   380 N N   . ASN A 1 56 ? -11.359 -16.132 18.889  1.00 9.79  ? 951  ASN C N   1 
ATOM   381 C CA  . ASN A 1 56 ? -12.459 -16.957 18.541  1.00 10.59 ? 951  ASN C CA  1 
ATOM   382 C C   . ASN A 1 56 ? -12.156 -18.457 18.542  1.00 8.24  ? 951  ASN C C   1 
ATOM   383 O O   . ASN A 1 56 ? -12.968 -19.275 18.982  1.00 10.55 ? 951  ASN C O   1 
ATOM   384 C CB  . ASN A 1 56 ? -13.023 -16.576 17.179  1.00 11.44 ? 951  ASN C CB  1 
ATOM   385 C CG  . ASN A 1 56 ? -13.825 -15.253 17.217  1.00 13.55 ? 951  ASN C CG  1 
ATOM   386 O OD1 . ASN A 1 56 ? -14.143 -14.717 18.253  1.00 19.08 ? 951  ASN C OD1 1 
ATOM   387 N ND2 . ASN A 1 56 ? -14.280 -14.831 16.019  1.00 20.13 ? 951  ASN C ND2 1 
ATOM   388 N N   . PHE A 1 57 ? -10.956 -18.837 18.125  1.00 9.39  ? 952  PHE C N   1 
ATOM   389 C CA  . PHE A 1 57 ? -10.587 -20.233 18.161  1.00 10.67 ? 952  PHE C CA  1 
ATOM   390 C C   . PHE A 1 57 ? -10.386 -20.756 19.551  1.00 12.20 ? 952  PHE C C   1 
ATOM   391 O O   . PHE A 1 57 ? -10.653 -21.870 19.857  1.00 11.80 ? 952  PHE C O   1 
ATOM   392 C CB  . PHE A 1 57 ? -9.348  -20.513 17.333  1.00 12.88 ? 952  PHE C CB  1 
ATOM   393 C CG  . PHE A 1 57 ? -9.568  -20.516 15.849  1.00 12.73 ? 952  PHE C CG  1 
ATOM   394 C CD1 . PHE A 1 57 ? -10.618 -21.213 15.270  1.00 13.52 ? 952  PHE C CD1 1 
ATOM   395 C CD2 . PHE A 1 57 ? -8.642  -19.881 15.072  1.00 17.39 ? 952  PHE C CD2 1 
ATOM   396 C CE1 . PHE A 1 57 ? -10.810 -21.176 13.910  1.00 14.60 ? 952  PHE C CE1 1 
ATOM   397 C CE2 . PHE A 1 57 ? -8.750  -19.917 13.729  1.00 19.87 ? 952  PHE C CE2 1 
ATOM   398 C CZ  . PHE A 1 57 ? -9.851  -20.567 13.150  1.00 16.11 ? 952  PHE C CZ  1 
ATOM   399 N N   . GLY A 1 58 ? -9.943  -19.876 20.469  1.00 10.89 ? 953  GLY C N   1 
ATOM   400 C CA  . GLY A 1 58 ? -9.914  -20.267 21.856  1.00 12.79 ? 953  GLY C CA  1 
ATOM   401 C C   . GLY A 1 58 ? -11.254 -20.632 22.406  1.00 9.63  ? 953  GLY C C   1 
ATOM   402 O O   . GLY A 1 58 ? -11.492 -21.639 23.073  1.00 10.34 ? 953  GLY C O   1 
ATOM   403 N N   . ALA A 1 59 ? -12.251 -19.736 22.162  1.00 9.53  ? 954  ALA C N   1 
ATOM   404 C CA  . ALA A 1 59 ? -13.559 -20.003 22.610  1.00 9.44  ? 954  ALA C CA  1 
ATOM   405 C C   . ALA A 1 59 ? -14.156 -21.278 21.988  1.00 9.22  ? 954  ALA C C   1 
ATOM   406 O O   . ALA A 1 59 ? -14.763 -22.077 22.660  1.00 8.87  ? 954  ALA C O   1 
ATOM   407 C CB  . ALA A 1 59 ? -14.444 -18.810 22.268  1.00 11.64 ? 954  ALA C CB  1 
ATOM   408 N N   . ILE A 1 60 ? -14.011 -21.384 20.666  1.00 9.78  ? 955  ILE C N   1 
ATOM   409 C CA  . ILE A 1 60 ? -14.546 -22.550 19.921  1.00 9.55  ? 955  ILE C CA  1 
ATOM   410 C C   . ILE A 1 60 ? -13.941 -23.853 20.447  1.00 9.87  ? 955  ILE C C   1 
ATOM   411 O O   . ILE A 1 60 ? -14.653 -24.789 20.702  1.00 9.62  ? 955  ILE C O   1 
ATOM   412 C CB  . ILE A 1 60 ? -14.366 -22.364 18.467  1.00 8.61  ? 955  ILE C CB  1 
ATOM   413 C CG1 . ILE A 1 60 ? -15.258 -21.205 17.892  1.00 10.89 ? 955  ILE C CG1 1 
ATOM   414 C CG2 . ILE A 1 60 ? -14.668 -23.683 17.747  1.00 8.84  ? 955  ILE C CG2 1 
ATOM   415 C CD1 . ILE A 1 60 ? -14.815 -20.762 16.541  1.00 10.68 ? 955  ILE C CD1 1 
ATOM   416 N N   . SER A 1 61 ? -12.618 -23.880 20.584  1.00 9.51  ? 956  SER C N   1 
ATOM   417 C CA  . SER A 1 61 ? -11.951 -25.027 21.167  1.00 11.10 ? 956  SER C CA  1 
ATOM   418 C C   . SER A 1 61 ? -12.528 -25.439 22.507  1.00 9.91  ? 956  SER C C   1 
ATOM   419 O O   . SER A 1 61 ? -12.836 -26.586 22.772  1.00 10.74 ? 956  SER C O   1 
ATOM   420 C CB  . SER A 1 61 ? -10.455 -24.775 21.256  1.00 14.03 ? 956  SER C CB  1 
ATOM   421 O OG  . SER A 1 61 ? -9.813  -25.979 21.701  1.00 19.56 ? 956  SER C OG  1 
ATOM   422 N N   . SER A 1 62 ? -12.636 -24.451 23.426  1.00 8.61  ? 957  SER C N   1 
ATOM   423 C CA  . SER A 1 62 ? -13.102 -24.707 24.727  1.00 9.79  ? 957  SER C CA  1 
ATOM   424 C C   . SER A 1 62 ? -14.539 -25.282 24.746  1.00 8.83  ? 957  SER C C   1 
ATOM   425 O O   . SER A 1 62 ? -14.848 -26.268 25.386  1.00 11.00 ? 957  SER C O   1 
ATOM   426 C CB  . SER A 1 62 ? -12.997 -23.402 25.537  1.00 10.96 ? 957  SER C CB  1 
ATOM   427 O OG  . SER A 1 62 ? -13.423 -23.724 26.836  1.00 17.25 ? 957  SER C OG  1 
ATOM   428 N N   . VAL A 1 63 ? -15.439 -24.655 23.956  1.00 9.47  ? 958  VAL C N   1 
ATOM   429 C CA  . VAL A 1 63 ? -16.795 -25.091 23.888  1.00 9.60  ? 958  VAL C CA  1 
ATOM   430 C C   . VAL A 1 63 ? -16.934 -26.527 23.263  1.00 9.68  ? 958  VAL C C   1 
ATOM   431 O O   . VAL A 1 63 ? -17.661 -27.317 23.743  1.00 10.35 ? 958  VAL C O   1 
ATOM   432 C CB  . VAL A 1 63 ? -17.604 -24.066 23.128  1.00 10.35 ? 958  VAL C CB  1 
ATOM   433 C CG1 . VAL A 1 63 ? -18.978 -24.588 22.876  1.00 11.82 ? 958  VAL C CG1 1 
ATOM   434 C CG2 . VAL A 1 63 ? -17.651 -22.717 23.917  1.00 12.23 ? 958  VAL C CG2 1 
ATOM   435 N N   . LEU A 1 64 ? -16.196 -26.745 22.197  1.00 9.59  ? 959  LEU C N   1 
ATOM   436 C CA  . LEU A 1 64 ? -16.179 -28.085 21.588  1.00 10.80 ? 959  LEU C CA  1 
ATOM   437 C C   . LEU A 1 64 ? -15.708 -29.142 22.537  1.00 10.02 ? 959  LEU C C   1 
ATOM   438 O O   . LEU A 1 64 ? -16.317 -30.161 22.669  1.00 11.36 ? 959  LEU C O   1 
ATOM   439 C CB  . LEU A 1 64 ? -15.386 -28.152 20.314  1.00 10.52 ? 959  LEU C CB  1 
ATOM   440 C CG  . LEU A 1 64 ? -15.925 -27.381 19.089  1.00 9.92  ? 959  LEU C CG  1 
ATOM   441 C CD1 . LEU A 1 64 ? -14.880 -27.360 17.988  1.00 10.96 ? 959  LEU C CD1 1 
ATOM   442 C CD2 . LEU A 1 64 ? -17.203 -28.041 18.683  1.00 9.77  ? 959  LEU C CD2 1 
ATOM   443 N N   . ASN A 1 65 ? -14.643 -28.843 23.271  1.00 10.59 ? 960  ASN C N   1 
ATOM   444 C CA  . ASN A 1 65 ? -14.187 -29.852 24.228  1.00 11.29 ? 960  ASN C CA  1 
ATOM   445 C C   . ASN A 1 65 ? -15.204 -30.144 25.330  1.00 11.13 ? 960  ASN C C   1 
ATOM   446 O O   . ASN A 1 65 ? -15.403 -31.273 25.811  1.00 12.69 ? 960  ASN C O   1 
ATOM   447 C CB  . ASN A 1 65 ? -12.839 -29.370 24.805  1.00 10.92 ? 960  ASN C CB  1 
ATOM   448 C CG  . ASN A 1 65 ? -11.673 -29.509 23.829  1.00 13.58 ? 960  ASN C CG  1 
ATOM   449 O OD1 . ASN A 1 65 ? -11.681 -30.456 23.024  1.00 15.99 ? 960  ASN C OD1 1 
ATOM   450 N ND2 . ASN A 1 65 ? -10.700 -28.644 23.846  1.00 14.84 ? 960  ASN C ND2 1 
ATOM   451 N N   . ASP A 1 66 ? -15.883 -29.086 25.820  1.00 11.40 ? 961  ASP C N   1 
ATOM   452 C CA  . ASP A 1 66 ? -16.873 -29.221 26.824  1.00 13.85 ? 961  ASP C CA  1 
ATOM   453 C C   . ASP A 1 66 ? -18.049 -30.072 26.287  1.00 12.61 ? 961  ASP C C   1 
ATOM   454 O O   . ASP A 1 66 ? -18.562 -30.951 26.943  1.00 14.92 ? 961  ASP C O   1 
ATOM   455 C CB  . ASP A 1 66 ? -17.422 -27.863 27.235  1.00 16.25 ? 961  ASP C CB  1 
ATOM   456 C CG  . ASP A 1 66 ? -18.507 -27.920 28.293  1.00 23.58 ? 961  ASP C CG  1 
ATOM   457 O OD1 . ASP A 1 66 ? -18.527 -28.871 29.146  1.00 29.62 ? 961  ASP C OD1 1 
ATOM   458 O OD2 . ASP A 1 66 ? -19.359 -26.998 28.416  1.00 33.37 ? 961  ASP C OD2 1 
ATOM   459 N N   . ILE A 1 67 ? -18.529 -29.738 25.079  1.00 13.32 ? 962  ILE C N   1 
ATOM   460 C CA  . ILE A 1 67 ? -19.609 -30.480 24.487  1.00 12.35 ? 962  ILE C CA  1 
ATOM   461 C C   . ILE A 1 67 ? -19.228 -31.981 24.363  1.00 12.66 ? 962  ILE C C   1 
ATOM   462 O O   . ILE A 1 67 ? -20.041 -32.806 24.673  1.00 13.92 ? 962  ILE C O   1 
ATOM   463 C CB  . ILE A 1 67 ? -19.974 -29.894 23.110  1.00 11.27 ? 962  ILE C CB  1 
ATOM   464 C CG1 . ILE A 1 67 ? -20.684 -28.526 23.213  1.00 12.48 ? 962  ILE C CG1 1 
ATOM   465 C CG2 . ILE A 1 67 ? -20.863 -30.872 22.296  1.00 12.73 ? 962  ILE C CG2 1 
ATOM   466 C CD1 . ILE A 1 67 ? -20.667 -27.716 21.936  1.00 12.80 ? 962  ILE C CD1 1 
ATOM   467 N N   . LEU A 1 68 ? -18.022 -32.250 23.919  1.00 13.60 ? 963  LEU C N   1 
ATOM   468 C CA  . LEU A 1 68 ? -17.583 -33.631 23.676  1.00 12.65 ? 963  LEU C CA  1 
ATOM   469 C C   . LEU A 1 68 ? -17.565 -34.394 24.986  1.00 16.93 ? 963  LEU C C   1 
ATOM   470 O O   . LEU A 1 68 ? -18.066 -35.510 25.097  1.00 16.34 ? 963  LEU C O   1 
ATOM   471 C CB  . LEU A 1 68 ? -16.300 -33.687 22.960  1.00 13.35 ? 963  LEU C CB  1 
ATOM   472 C CG  . LEU A 1 68 ? -16.214 -33.292 21.497  1.00 13.75 ? 963  LEU C CG  1 
ATOM   473 C CD1 . LEU A 1 68 ? -14.820 -33.195 20.932  1.00 17.09 ? 963  LEU C CD1 1 
ATOM   474 C CD2 . LEU A 1 68 ? -17.148 -34.311 20.725  1.00 15.89 ? 963  LEU C CD2 1 
ATOM   475 N N   . SER A 1 69 ? -17.059 -33.722 26.023  1.00 15.31 ? 964  SER C N   1 
ATOM   476 C CA  . SER A 1 69 ? -17.018 -34.360 27.344  1.00 19.06 ? 964  SER C CA  1 
ATOM   477 C C   . SER A 1 69 ? -18.408 -34.636 27.876  1.00 18.41 ? 964  SER C C   1 
ATOM   478 O O   . SER A 1 69 ? -18.676 -35.719 28.443  1.00 21.98 ? 964  SER C O   1 
ATOM   479 C CB  . SER A 1 69 ? -16.197 -33.463 28.312  1.00 20.54 ? 964  SER C CB  1 
ATOM   480 O OG  . SER A 1 69 ? -15.917 -34.180 29.510  1.00 30.94 ? 964  SER C OG  1 
ATOM   481 N N   . ARG A 1 70 ? -19.357 -33.724 27.687  1.00 17.77 ? 965  ARG C N   1 
ATOM   482 C CA  . ARG A 1 70 ? -20.676 -33.807 28.154  1.00 19.57 ? 965  ARG C CA  1 
ATOM   483 C C   . ARG A 1 70 ? -21.407 -34.913 27.415  1.00 21.01 ? 965  ARG C C   1 
ATOM   484 O O   . ARG A 1 70 ? -22.155 -35.650 28.011  1.00 21.54 ? 965  ARG C O   1 
ATOM   485 C CB  . ARG A 1 70 ? -21.437 -32.504 28.028  1.00 21.34 ? 965  ARG C CB  1 
ATOM   486 C CG  . ARG A 1 70 ? -21.103 -31.465 29.111  1.00 24.71 ? 965  ARG C CG  1 
ATOM   487 C CD  . ARG A 1 70 ? -21.528 -30.016 28.744  1.00 24.24 ? 965  ARG C CD  1 
ATOM   488 N NE  . ARG A 1 70 ? -22.964 -29.845 28.854  1.00 25.90 ? 965  ARG C NE  1 
ATOM   489 C CZ  . ARG A 1 70 ? -23.642 -28.756 28.557  1.00 26.25 ? 965  ARG C CZ  1 
ATOM   490 N NH1 . ARG A 1 70 ? -23.024 -27.678 28.075  1.00 29.58 ? 965  ARG C NH1 1 
ATOM   491 N NH2 . ARG A 1 70 ? -24.946 -28.738 28.756  1.00 30.11 ? 965  ARG C NH2 1 
ATOM   492 N N   . LEU A 1 71 ? -21.192 -34.982 26.100  1.00 19.72 ? 966  LEU C N   1 
ATOM   493 C CA  . LEU A 1 71 ? -21.897 -35.928 25.286  1.00 20.99 ? 966  LEU C CA  1 
ATOM   494 C C   . LEU A 1 71 ? -21.342 -37.312 25.644  1.00 23.12 ? 966  LEU C C   1 
ATOM   495 O O   . LEU A 1 71 ? -22.123 -38.257 25.630  1.00 25.36 ? 966  LEU C O   1 
ATOM   496 C CB  . LEU A 1 71 ? -21.647 -35.616 23.803  1.00 20.62 ? 966  LEU C CB  1 
ATOM   497 C CG  . LEU A 1 71 ? -22.716 -35.187 22.878  1.00 28.71 ? 966  LEU C CG  1 
ATOM   498 C CD1 . LEU A 1 71 ? -22.071 -35.182 21.496  1.00 28.18 ? 966  LEU C CD1 1 
ATOM   499 C CD2 . LEU A 1 71 ? -23.937 -36.169 22.920  1.00 27.35 ? 966  LEU C CD2 1 
ATOM   500 N N   . ASP A 1 72 ? -20.032 -37.458 25.857  1.00 24.77 ? 967  ASP C N   1 
ATOM   501 C CA  . ASP A 1 72 ? -19.386 -38.741 26.278  1.00 26.60 ? 967  ASP C CA  1 
ATOM   502 C C   . ASP A 1 72 ? -20.089 -39.289 27.489  1.00 29.68 ? 967  ASP C C   1 
ATOM   503 O O   . ASP A 1 72 ? -20.418 -40.491 27.545  1.00 31.17 ? 967  ASP C O   1 
ATOM   504 C CB  . ASP A 1 72 ? -17.922 -38.583 26.693  1.00 26.31 ? 967  ASP C CB  1 
ATOM   505 C CG  . ASP A 1 72 ? -16.980 -38.430 25.557  1.00 29.03 ? 967  ASP C CG  1 
ATOM   506 O OD1 . ASP A 1 72 ? -17.378 -38.685 24.393  1.00 32.91 ? 967  ASP C OD1 1 
ATOM   507 O OD2 . ASP A 1 72 ? -15.780 -38.070 25.775  1.00 32.01 ? 967  ASP C OD2 1 
ATOM   508 N N   . LYS A 1 73 ? -20.274 -38.423 28.487  1.00 30.26 ? 968  LYS C N   1 
ATOM   509 C CA  . LYS A 1 73 ? -20.855 -38.830 29.765  1.00 32.36 ? 968  LYS C CA  1 
ATOM   510 C C   . LYS A 1 73 ? -22.308 -39.252 29.597  1.00 32.74 ? 968  LYS C C   1 
ATOM   511 O O   . LYS A 1 73 ? -22.756 -40.250 30.186  1.00 33.23 ? 968  LYS C O   1 
ATOM   512 C CB  . LYS A 1 73 ? -20.740 -37.707 30.792  1.00 31.90 ? 968  LYS C CB  1 
ATOM   513 C CG  . LYS A 1 73 ? -20.991 -38.200 32.180  1.00 36.31 ? 968  LYS C CG  1 
ATOM   514 C CD  . LYS A 1 73 ? -20.484 -37.266 33.246  1.00 38.08 ? 968  LYS C CD  1 
ATOM   515 C CE  . LYS A 1 73 ? -21.025 -37.731 34.597  1.00 39.67 ? 968  LYS C CE  1 
ATOM   516 N NZ  . LYS A 1 73 ? -20.186 -37.344 35.714  1.00 39.56 ? 968  LYS C NZ  1 
ATOM   517 N N   . VAL A 1 74 ? -23.041 -38.517 28.771  1.00 33.05 ? 969  VAL C N   1 
ATOM   518 C CA  . VAL A 1 74 ? -24.453 -38.768 28.548  1.00 35.05 ? 969  VAL C CA  1 
ATOM   519 C C   . VAL A 1 74 ? -24.668 -40.071 27.774  1.00 37.03 ? 969  VAL C C   1 
ATOM   520 O O   . VAL A 1 74 ? -25.722 -40.718 27.903  1.00 38.66 ? 969  VAL C O   1 
ATOM   521 C CB  . VAL A 1 74 ? -25.102 -37.596 27.790  1.00 35.11 ? 969  VAL C CB  1 
ATOM   522 C CG1 . VAL A 1 74 ? -26.344 -38.016 27.043  1.00 36.88 ? 969  VAL C CG1 1 
ATOM   523 C CG2 . VAL A 1 74 ? -25.478 -36.494 28.742  1.00 36.41 ? 969  VAL C CG2 1 
ATOM   524 N N   . GLU A 1 75 ? -23.691 -40.429 26.947  1.00 38.24 ? 970  GLU C N   1 
ATOM   525 C CA  . GLU A 1 75 ? -23.748 -41.658 26.156  1.00 39.36 ? 970  GLU C CA  1 
ATOM   526 C C   . GLU A 1 75 ? -23.306 -42.856 27.010  1.00 41.84 ? 970  GLU C C   1 
ATOM   527 O O   . GLU A 1 75 ? -23.765 -43.981 26.777  1.00 43.32 ? 970  GLU C O   1 
ATOM   528 C CB  . GLU A 1 75 ? -22.856 -41.524 24.906  1.00 39.29 ? 970  GLU C CB  1 
ATOM   529 C CG  . GLU A 1 75 ? -23.438 -40.648 23.786  1.00 36.10 ? 970  GLU C CG  1 
ATOM   530 C CD  . GLU A 1 75 ? -22.437 -40.459 22.637  1.00 33.52 ? 970  GLU C CD  1 
ATOM   531 O OE1 . GLU A 1 75 ? -21.258 -40.768 22.861  1.00 30.89 ? 970  GLU C OE1 1 
ATOM   532 O OE2 . GLU A 1 75 ? -22.814 -40.049 21.501  1.00 30.62 ? 970  GLU C OE2 1 
ATOM   533 N N   . ALA A 1 76 ? -22.422 -42.614 27.983  1.00 43.01 ? 971  ALA C N   1 
ATOM   534 C CA  . ALA A 1 76 ? -21.858 -43.646 28.856  1.00 44.95 ? 971  ALA C CA  1 
ATOM   535 C C   . ALA A 1 76 ? -22.786 -44.033 30.011  1.00 46.51 ? 971  ALA C C   1 
ATOM   536 O O   . ALA A 1 76 ? -22.524 -45.018 30.728  1.00 47.47 ? 971  ALA C O   1 
ATOM   537 C CB  . ALA A 1 76 ? -20.515 -43.174 29.436  1.00 44.88 ? 971  ALA C CB  1 
ATOM   538 N N   . GLU A 1 77 ? -23.836 -43.244 30.212  1.00 47.95 ? 972  GLU C N   1 
ATOM   539 C CA  . GLU A 1 77 ? -24.836 -43.510 31.236  1.00 49.04 ? 972  GLU C CA  1 
ATOM   540 C C   . GLU A 1 77 ? -26.164 -43.749 30.551  1.00 49.72 ? 972  GLU C C   1 
ATOM   541 O O   . GLU A 1 77 ? -26.360 -43.325 29.409  1.00 51.34 ? 972  GLU C O   1 
ATOM   542 C CB  . GLU A 1 77 ? -24.932 -42.334 32.193  1.00 49.49 ? 972  GLU C CB  1 
ATOM   543 N N   . THR B 2 1  ? -27.886 -23.897 32.358  1.00 40.53 ? 1142 THR F N   1 
ATOM   544 C CA  . THR B 2 1  ? -28.351 -23.033 31.205  1.00 39.44 ? 1142 THR F CA  1 
ATOM   545 C C   . THR B 2 1  ? -27.166 -22.319 30.563  1.00 37.22 ? 1142 THR F C   1 
ATOM   546 O O   . THR B 2 1  ? -26.644 -21.345 31.100  1.00 37.97 ? 1142 THR F O   1 
ATOM   547 C CB  . THR B 2 1  ? -29.434 -22.000 31.653  1.00 40.72 ? 1142 THR F CB  1 
ATOM   548 O OG1 . THR B 2 1  ? -29.425 -20.854 30.772  1.00 42.32 ? 1142 THR F OG1 1 
ATOM   549 C CG2 . THR B 2 1  ? -29.141 -21.406 33.024  1.00 42.76 ? 1142 THR F CG2 1 
ATOM   550 N N   . SER B 2 2  ? -26.740 -22.809 29.401  1.00 32.79 ? 1143 SER F N   1 
ATOM   551 C CA  . SER B 2 2  ? -25.428 -22.465 28.894  1.00 29.90 ? 1143 SER F CA  1 
ATOM   552 C C   . SER B 2 2  ? -25.498 -21.086 28.275  1.00 28.18 ? 1143 SER F C   1 
ATOM   553 O O   . SER B 2 2  ? -26.429 -20.812 27.527  1.00 27.99 ? 1143 SER F O   1 
ATOM   554 C CB  . SER B 2 2  ? -24.991 -23.500 27.826  1.00 28.32 ? 1143 SER F CB  1 
ATOM   555 O OG  . SER B 2 2  ? -24.771 -24.817 28.333  1.00 31.45 ? 1143 SER F OG  1 
ATOM   556 N N   . PRO B 2 3  ? -24.558 -20.189 28.548  1.00 24.94 ? 1144 PRO F N   1 
ATOM   557 C CA  . PRO B 2 3  ? -24.544 -18.858 27.945  1.00 24.58 ? 1144 PRO F CA  1 
ATOM   558 C C   . PRO B 2 3  ? -24.215 -18.909 26.467  1.00 23.01 ? 1144 PRO F C   1 
ATOM   559 O O   . PRO B 2 3  ? -23.620 -19.882 26.017  1.00 23.37 ? 1144 PRO F O   1 
ATOM   560 C CB  . PRO B 2 3  ? -23.421 -18.113 28.688  1.00 26.41 ? 1144 PRO F CB  1 
ATOM   561 C CG  . PRO B 2 3  ? -22.947 -19.048 29.740  1.00 27.29 ? 1144 PRO F CG  1 
ATOM   562 C CD  . PRO B 2 3  ? -23.460 -20.362 29.517  1.00 26.62 ? 1144 PRO F CD  1 
ATOM   563 N N   . ASP B 2 4  ? -24.680 -17.921 25.712  1.00 22.36 ? 1145 ASP F N   1 
ATOM   564 C CA  . ASP B 2 4  ? -24.389 -17.888 24.300  1.00 20.76 ? 1145 ASP F CA  1 
ATOM   565 C C   . ASP B 2 4  ? -22.883 -17.842 24.084  1.00 20.35 ? 1145 ASP F C   1 
ATOM   566 O O   . ASP B 2 4  ? -22.123 -17.199 24.865  1.00 20.18 ? 1145 ASP F O   1 
ATOM   567 C CB  . ASP B 2 4  ? -24.984 -16.648 23.656  1.00 22.27 ? 1145 ASP F CB  1 
ATOM   568 C CG  . ASP B 2 4  ? -26.490 -16.736 23.517  1.00 24.88 ? 1145 ASP F CG  1 
ATOM   569 O OD1 . ASP B 2 4  ? -27.047 -15.759 22.939  1.00 30.86 ? 1145 ASP F OD1 1 
ATOM   570 O OD2 . ASP B 2 4  ? -27.179 -17.681 23.951  1.00 29.34 ? 1145 ASP F OD2 1 
ATOM   571 N N   . VAL B 2 5  ? -22.415 -18.479 22.996  1.00 19.34 ? 1146 VAL F N   1 
ATOM   572 C CA  . VAL B 2 5  ? -21.002 -18.434 22.696  1.00 20.02 ? 1146 VAL F CA  1 
ATOM   573 C C   . VAL B 2 5  ? -20.305 -17.046 22.550  1.00 21.50 ? 1146 VAL F C   1 
ATOM   574 O O   . VAL B 2 5  ? -19.170 -16.866 23.063  1.00 23.83 ? 1146 VAL F O   1 
ATOM   575 C CB  . VAL B 2 5  ? -20.577 -19.471 21.606  1.00 21.25 ? 1146 VAL F CB  1 
ATOM   576 C CG1 . VAL B 2 5  ? -20.977 -20.832 22.048  1.00 21.62 ? 1146 VAL F CG1 1 
ATOM   577 C CG2 . VAL B 2 5  ? -21.125 -19.196 20.275  1.00 22.66 ? 1146 VAL F CG2 1 
ATOM   578 N N   . ASP B 2 6  ? -20.993 -16.081 21.940  1.00 20.62 ? 1147 ASP F N   1 
ATOM   579 C CA  . ASP B 2 6  ? -20.602 -14.722 21.700  1.00 23.09 ? 1147 ASP F CA  1 
ATOM   580 C C   . ASP B 2 6  ? -19.230 -14.551 21.088  1.00 22.91 ? 1147 ASP F C   1 
ATOM   581 O O   . ASP B 2 6  ? -18.331 -14.014 21.722  1.00 22.66 ? 1147 ASP F O   1 
ATOM   582 C CB  . ASP B 2 6  ? -20.687 -13.917 23.024  1.00 25.61 ? 1147 ASP F CB  1 
ATOM   583 C CG  . ASP B 2 6  ? -21.397 -12.619 22.851  1.00 33.95 ? 1147 ASP F CG  1 
ATOM   584 O OD1 . ASP B 2 6  ? -22.401 -12.404 23.593  1.00 45.30 ? 1147 ASP F OD1 1 
ATOM   585 O OD2 . ASP B 2 6  ? -21.063 -11.762 22.002  1.00 39.18 ? 1147 ASP F OD2 1 
ATOM   586 N N   . LEU B 2 7  ? -19.069 -15.006 19.843  1.00 20.33 ? 1148 LEU F N   1 
ATOM   587 C CA  . LEU B 2 7  ? -17.843 -14.749 19.114  1.00 20.56 ? 1148 LEU F CA  1 
ATOM   588 C C   . LEU B 2 7  ? -17.721 -13.317 18.702  1.00 21.51 ? 1148 LEU F C   1 
ATOM   589 O O   . LEU B 2 7  ? -18.721 -12.595 18.495  1.00 24.22 ? 1148 LEU F O   1 
ATOM   590 C CB  . LEU B 2 7  ? -17.734 -15.653 17.873  1.00 18.46 ? 1148 LEU F CB  1 
ATOM   591 C CG  . LEU B 2 7  ? -17.829 -17.155 18.174  1.00 20.58 ? 1148 LEU F CG  1 
ATOM   592 C CD1 . LEU B 2 7  ? -17.668 -17.951 16.880  1.00 22.16 ? 1148 LEU F CD1 1 
ATOM   593 C CD2 . LEU B 2 7  ? -16.785 -17.637 19.212  1.00 20.36 ? 1148 LEU F CD2 1 
ATOM   594 N N   . GLY B 2 8  ? -16.498 -12.874 18.543  1.00 22.42 ? 1149 GLY F N   1 
ATOM   595 C CA  . GLY B 2 8  ? -16.242 -11.536 18.061  1.00 22.08 ? 1149 GLY F CA  1 
ATOM   596 C C   . GLY B 2 8  ? -16.549 -11.382 16.580  1.00 21.68 ? 1149 GLY F C   1 
ATOM   597 O O   . GLY B 2 8  ? -16.298 -12.329 15.818  1.00 23.66 ? 1149 GLY F O   1 
ATOM   598 N N   . ASP B 2 9  ? -17.173 -10.263 16.235  1.00 21.02 ? 1150 ASP F N   1 
ATOM   599 C CA  . ASP B 2 9  ? -17.510 -9.837  14.845  1.00 20.29 ? 1150 ASP F CA  1 
ATOM   600 C C   . ASP B 2 9  ? -16.286 -9.239  14.199  1.00 18.23 ? 1150 ASP F C   1 
ATOM   601 O O   . ASP B 2 9  ? -15.788 -8.171  14.587  1.00 19.36 ? 1150 ASP F O   1 
ATOM   602 C CB  . ASP B 2 9  ? -18.609 -8.783  14.885  1.00 20.00 ? 1150 ASP F CB  1 
ATOM   603 C CG  . ASP B 2 9  ? -19.185 -8.412  13.526  1.00 24.97 ? 1150 ASP F CG  1 
ATOM   604 O OD1 . ASP B 2 9  ? -18.699 -8.909  12.508  1.00 21.89 ? 1150 ASP F OD1 1 
ATOM   605 O OD2 . ASP B 2 9  ? -20.175 -7.643  13.408  1.00 28.62 ? 1150 ASP F OD2 1 
ATOM   606 N N   . ILE B 2 10 ? -15.757 -9.936  13.187  1.00 13.69 ? 1151 ILE F N   1 
ATOM   607 C CA  . ILE B 2 10 ? -14.596 -9.502  12.455  1.00 11.91 ? 1151 ILE F CA  1 
ATOM   608 C C   . ILE B 2 10 ? -14.918 -8.753  11.116  1.00 9.35  ? 1151 ILE F C   1 
ATOM   609 O O   . ILE B 2 10 ? -14.057 -8.332  10.389  1.00 10.91 ? 1151 ILE F O   1 
ATOM   610 C CB  . ILE B 2 10 ? -13.745 -10.740 12.076  1.00 12.21 ? 1151 ILE F CB  1 
ATOM   611 C CG1 . ILE B 2 10 ? -14.502 -11.709 11.179  1.00 14.73 ? 1151 ILE F CG1 1 
ATOM   612 C CG2 . ILE B 2 10 ? -13.197 -11.455 13.342  1.00 15.62 ? 1151 ILE F CG2 1 
ATOM   613 C CD1 . ILE B 2 10 ? -13.594 -12.632 10.403  1.00 17.17 ? 1151 ILE F CD1 1 
ATOM   614 N N   . SER B 2 11 ? -16.233 -8.552  10.866  1.00 12.56 ? 1152 SER F N   1 
ATOM   615 C CA  . SER B 2 11 ? -16.605 -8.084  9.527   1.00 11.43 ? 1152 SER F CA  1 
ATOM   616 C C   . SER B 2 11 ? -16.298 -6.626  9.222   1.00 12.17 ? 1152 SER F C   1 
ATOM   617 O O   . SER B 2 11 ? -16.333 -6.211  8.124   1.00 13.29 ? 1152 SER F O   1 
ATOM   618 C CB  . SER B 2 11 ? -18.063 -8.353  9.312   1.00 12.94 ? 1152 SER F CB  1 
ATOM   619 O OG  . SER B 2 11 ? -18.810 -7.452  10.133  1.00 14.98 ? 1152 SER F OG  1 
ATOM   620 N N   . GLY B 2 12 ? -15.854 -5.903  10.235  1.00 11.90 ? 1153 GLY F N   1 
ATOM   621 C CA  . GLY B 2 12 ? -15.376 -4.558  10.054  1.00 13.85 ? 1153 GLY F CA  1 
ATOM   622 C C   . GLY B 2 12 ? -13.894 -4.399  9.721   1.00 15.84 ? 1153 GLY F C   1 
ATOM   623 O O   . GLY B 2 12 ? -13.425 -3.275  9.450   1.00 18.75 ? 1153 GLY F O   1 
ATOM   624 N N   . ILE B 2 13 ? -13.143 -5.516  9.715   1.00 11.74 ? 1154 ILE F N   1 
ATOM   625 C CA  . ILE B 2 13 ? -11.756 -5.483  9.311   1.00 13.96 ? 1154 ILE F CA  1 
ATOM   626 C C   . ILE B 2 13 ? -11.650 -5.443  7.814   1.00 14.03 ? 1154 ILE F C   1 
ATOM   627 O O   . ILE B 2 13 ? -12.205 -6.310  7.126   1.00 15.47 ? 1154 ILE F O   1 
ATOM   628 C CB  . ILE B 2 13 ? -11.064 -6.675  9.888   1.00 13.43 ? 1154 ILE F CB  1 
ATOM   629 C CG1 . ILE B 2 13 ? -11.205 -6.694  11.421  1.00 13.29 ? 1154 ILE F CG1 1 
ATOM   630 C CG2 . ILE B 2 13 ? -9.631  -6.666  9.353   1.00 17.60 ? 1154 ILE F CG2 1 
ATOM   631 C CD1 . ILE B 2 13 ? -10.599 -7.932  12.080  1.00 16.16 ? 1154 ILE F CD1 1 
ATOM   632 N N   . ASN B 2 14 ? -10.966 -4.431  7.290   1.00 16.52 ? 1155 ASN F N   1 
ATOM   633 C CA  . ASN B 2 14 ? -10.960 -4.095  5.863   1.00 18.63 ? 1155 ASN F CA  1 
ATOM   634 C C   . ASN B 2 14 ? -9.564  -3.766  5.458   1.00 17.47 ? 1155 ASN F C   1 
ATOM   635 O O   . ASN B 2 14 ? -8.909  -3.027  6.159   1.00 16.87 ? 1155 ASN F O   1 
ATOM   636 C CB  . ASN B 2 14 ? -11.794 -2.798  5.656   1.00 21.19 ? 1155 ASN F CB  1 
ATOM   637 O OD1 A ASN B 2 14 ? -11.886 -2.143  2.044   0.50 26.07 ? 1155 ASN F OD1 1 
ATOM   638 O OD1 B ASN B 2 14 ? -14.241 -3.427  5.991   0.50 17.50 ? 1155 ASN F OD1 1 
ATOM   639 N ND2 A ASN B 2 14 ? -13.905 -1.102  7.173   0.50 28.51 ? 1155 ASN F ND2 1 
ATOM   640 N ND2 B ASN B 2 14 ? -13.642 -4.689  4.272   0.50 36.63 ? 1155 ASN F ND2 1 
ATOM   641 N N   . ALA B 2 15 ? -9.115  -4.291  4.338   1.00 15.28 ? 1156 ALA F N   1 
ATOM   642 C CA  . ALA B 2 15 ? -7.907  -3.848  3.698   1.00 15.17 ? 1156 ALA F CA  1 
ATOM   643 C C   . ALA B 2 15 ? -8.196  -2.846  2.590   1.00 15.72 ? 1156 ALA F C   1 
ATOM   644 O O   . ALA B 2 15 ? -9.136  -2.996  1.802   1.00 18.78 ? 1156 ALA F O   1 
ATOM   645 C CB  . ALA B 2 15 ? -7.060  -5.057  3.046   1.00 17.67 ? 1156 ALA F CB  1 
ATOM   646 N N   . SER B 2 16 ? -7.356  -1.841  2.552   1.00 17.21 ? 1157 SER F N   1 
ATOM   647 C CA  . SER B 2 16 ? -7.463  -0.718  1.631   1.00 18.77 ? 1157 SER F CA  1 
ATOM   648 C C   . SER B 2 16 ? -6.737  -0.974  0.339   1.00 19.27 ? 1157 SER F C   1 
ATOM   649 O O   . SER B 2 16 ? -5.811  -1.778  0.283   1.00 18.39 ? 1157 SER F O   1 
ATOM   650 C CB  . SER B 2 16 ? -6.869  0.495   2.312   1.00 18.76 ? 1157 SER F CB  1 
ATOM   651 O OG  . SER B 2 16 ? -7.759  0.920   3.361   1.00 26.38 ? 1157 SER F OG  1 
ATOM   652 N N   . VAL B 2 17 ? -7.153  -0.326  -0.750  1.00 19.99 ? 1158 VAL F N   1 
ATOM   653 C CA  . VAL B 2 17 ? -6.429  -0.443  -2.001  1.00 23.73 ? 1158 VAL F CA  1 
ATOM   654 C C   . VAL B 2 17 ? -5.685  0.864   -2.263  1.00 23.03 ? 1158 VAL F C   1 
ATOM   655 O O   . VAL B 2 17 ? -6.093  1.929   -1.795  1.00 25.84 ? 1158 VAL F O   1 
ATOM   656 C CB  . VAL B 2 17 ? -7.275  -0.813  -3.199  1.00 26.45 ? 1158 VAL F CB  1 
ATOM   657 C CG1 . VAL B 2 17 ? -7.586  -2.320  -3.179  1.00 28.31 ? 1158 VAL F CG1 1 
ATOM   658 C CG2 . VAL B 2 17 ? -8.504  -0.028  -3.208  1.00 27.16 ? 1158 VAL F CG2 1 
ATOM   659 N N   . VAL B 2 18 ? -4.582  0.749   -2.962  1.00 21.93 ? 1159 VAL F N   1 
ATOM   660 C CA  . VAL B 2 18 ? -3.778  1.910   -3.280  1.00 22.97 ? 1159 VAL F CA  1 
ATOM   661 C C   . VAL B 2 18 ? -4.059  2.366   -4.706  1.00 22.92 ? 1159 VAL F C   1 
ATOM   662 O O   . VAL B 2 18 ? -4.349  1.583   -5.583  1.00 22.72 ? 1159 VAL F O   1 
ATOM   663 C CB  . VAL B 2 18 ? -2.311  1.591   -3.086  1.00 22.13 ? 1159 VAL F CB  1 
ATOM   664 C CG1 . VAL B 2 18 ? -1.744  0.516   -4.093  1.00 23.30 ? 1159 VAL F CG1 1 
ATOM   665 C CG2 . VAL B 2 18 ? -1.460  2.904   -3.019  1.00 23.26 ? 1159 VAL F CG2 1 
ATOM   666 N N   . ASN B 2 19 ? -3.985  3.677   -4.935  1.00 24.55 ? 1160 ASN F N   1 
ATOM   667 C CA  . ASN B 2 19 ? -4.119  4.249   -6.276  1.00 26.41 ? 1160 ASN F CA  1 
ATOM   668 C C   . ASN B 2 19 ? -2.972  5.225   -6.555  1.00 25.76 ? 1160 ASN F C   1 
ATOM   669 O O   . ASN B 2 19 ? -3.001  6.375   -6.082  1.00 26.16 ? 1160 ASN F O   1 
ATOM   670 C CB  . ASN B 2 19 ? -5.414  4.997   -6.401  1.00 26.27 ? 1160 ASN F CB  1 
ATOM   671 C CG  . ASN B 2 19 ? -5.636  5.534   -7.833  1.00 29.02 ? 1160 ASN F CG  1 
ATOM   672 O OD1 . ASN B 2 19 ? -4.768  5.409   -8.730  1.00 27.50 ? 1160 ASN F OD1 1 
ATOM   673 N ND2 . ASN B 2 19 ? -6.813  6.094   -8.053  1.00 34.56 ? 1160 ASN F ND2 1 
ATOM   674 N N   . ILE B 2 20 ? -1.947  4.734   -7.224  1.00 26.84 ? 1161 ILE F N   1 
ATOM   675 C CA  . ILE B 2 20 ? -0.816  5.588   -7.614  1.00 27.05 ? 1161 ILE F CA  1 
ATOM   676 C C   . ILE B 2 20 ? -0.683  5.640   -9.151  1.00 30.01 ? 1161 ILE F C   1 
ATOM   677 O O   . ILE B 2 20 ? 0.405   5.833   -9.662  1.00 30.16 ? 1161 ILE F O   1 
ATOM   678 C CB  . ILE B 2 20 ? 0.507   5.139   -6.943  1.00 26.71 ? 1161 ILE F CB  1 
ATOM   679 C CG1 . ILE B 2 20 ? 0.799   3.675   -7.297  1.00 25.79 ? 1161 ILE F CG1 1 
ATOM   680 C CG2 . ILE B 2 20 ? 0.442   5.402   -5.457  1.00 24.27 ? 1161 ILE F CG2 1 
ATOM   681 C CD1 . ILE B 2 20 ? 2.228   3.253   -7.072  1.00 24.82 ? 1161 ILE F CD1 1 
ATOM   682 N N   . GLN B 2 21 ? -1.777  5.399   -9.865  1.00 31.46 ? 1162 GLN F N   1 
ATOM   683 C CA  . GLN B 2 21 ? -1.741  5.346   -11.319 1.00 33.97 ? 1162 GLN F CA  1 
ATOM   684 C C   . GLN B 2 21 ? -1.319  6.697   -11.914 1.00 35.25 ? 1162 GLN F C   1 
ATOM   685 O O   . GLN B 2 21 ? -0.485  6.731   -12.808 1.00 36.29 ? 1162 GLN F O   1 
ATOM   686 C CB  . GLN B 2 21 ? -3.079  4.908   -11.907 1.00 34.43 ? 1162 GLN F CB  1 
ATOM   687 C CG  . GLN B 2 21 ? -2.979  4.344   -13.339 1.00 36.46 ? 1162 GLN F CG  1 
ATOM   688 C CD  . GLN B 2 21 ? -2.031  3.158   -13.476 1.00 38.74 ? 1162 GLN F CD  1 
ATOM   689 O OE1 . GLN B 2 21 ? -2.194  2.123   -12.802 1.00 39.01 ? 1162 GLN F OE1 1 
ATOM   690 N NE2 . GLN B 2 21 ? -1.036  3.299   -14.340 1.00 42.14 ? 1162 GLN F NE2 1 
ATOM   691 N N   . LYS B 2 22 ? -1.847  7.779   -11.360 1.00 36.84 ? 1163 LYS F N   1 
ATOM   692 C CA  . LYS B 2 22 ? -1.473  9.149   -11.744 1.00 38.10 ? 1163 LYS F CA  1 
ATOM   693 C C   . LYS B 2 22 ? 0.044   9.335   -11.714 1.00 38.12 ? 1163 LYS F C   1 
ATOM   694 O O   . LYS B 2 22 ? 0.625   9.877   -12.646 1.00 38.36 ? 1163 LYS F O   1 
ATOM   695 C CB  . LYS B 2 22 ? -2.122  10.134  -10.780 1.00 38.55 ? 1163 LYS F CB  1 
ATOM   696 C CG  . LYS B 2 22 ? -1.871  11.603  -11.046 1.00 42.03 ? 1163 LYS F CG  1 
ATOM   697 C CD  . LYS B 2 22 ? -2.753  12.486  -10.167 1.00 44.67 ? 1163 LYS F CD  1 
ATOM   698 C CE  . LYS B 2 22 ? -2.352  12.416  -8.674  1.00 47.72 ? 1163 LYS F CE  1 
ATOM   699 N NZ  . LYS B 2 22 ? -3.400  13.009  -7.784  1.00 49.32 ? 1163 LYS F NZ  1 
ATOM   700 N N   . GLU B 2 23 ? 0.681   8.860   -10.643 1.00 37.08 ? 1164 GLU F N   1 
ATOM   701 C CA  . GLU B 2 23 ? 2.112   9.002   -10.469 1.00 36.96 ? 1164 GLU F CA  1 
ATOM   702 C C   . GLU B 2 23 ? 2.904   8.128   -11.441 1.00 37.89 ? 1164 GLU F C   1 
ATOM   703 O O   . GLU B 2 23 ? 3.888   8.587   -12.050 1.00 38.35 ? 1164 GLU F O   1 
ATOM   704 C CB  . GLU B 2 23 ? 2.512   8.695   -9.017  1.00 37.11 ? 1164 GLU F CB  1 
ATOM   705 C CG  . GLU B 2 23 ? 2.121   9.746   -7.995  1.00 36.56 ? 1164 GLU F CG  1 
ATOM   706 C CD  . GLU B 2 23 ? 0.692   9.646   -7.478  1.00 37.80 ? 1164 GLU F CD  1 
ATOM   707 O OE1 . GLU B 2 23 ? 0.314   10.528  -6.694  1.00 41.44 ? 1164 GLU F OE1 1 
ATOM   708 O OE2 . GLU B 2 23 ? -0.076  8.733   -7.839  1.00 38.41 ? 1164 GLU F OE2 1 
ATOM   709 N N   . ILE B 2 24 ? 2.494   6.872   -11.581 1.00 38.07 ? 1165 ILE F N   1 
ATOM   710 C CA  . ILE B 2 24 ? 3.127   5.935   -12.495 1.00 38.88 ? 1165 ILE F CA  1 
ATOM   711 C C   . ILE B 2 24 ? 3.125   6.485   -13.918 1.00 40.41 ? 1165 ILE F C   1 
ATOM   712 O O   . ILE B 2 24 ? 4.140   6.404   -14.615 1.00 40.72 ? 1165 ILE F O   1 
ATOM   713 C CB  . ILE B 2 24 ? 2.393   4.586   -12.483 1.00 38.74 ? 1165 ILE F CB  1 
ATOM   714 C CG1 . ILE B 2 24 ? 2.712   3.815   -11.201 1.00 36.42 ? 1165 ILE F CG1 1 
ATOM   715 C CG2 . ILE B 2 24 ? 2.778   3.718   -13.686 1.00 38.14 ? 1165 ILE F CG2 1 
ATOM   716 C CD1 . ILE B 2 24 ? 1.703   2.749   -10.947 1.00 33.05 ? 1165 ILE F CD1 1 
ATOM   717 N N   . ASP B 2 25 ? 1.974   7.002   -14.329 1.00 41.58 ? 1166 ASP F N   1 
ATOM   718 C CA  . ASP B 2 25 ? 1.780   7.499   -15.690 1.00 42.96 ? 1166 ASP F CA  1 
ATOM   719 C C   . ASP B 2 25 ? 2.616   8.738   -15.901 1.00 44.08 ? 1166 ASP F C   1 
ATOM   720 O O   . ASP B 2 25 ? 3.180   8.927   -16.978 1.00 44.33 ? 1166 ASP F O   1 
ATOM   721 C CB  . ASP B 2 25 ? 0.307   7.849   -15.940 1.00 43.08 ? 1166 ASP F CB  1 
ATOM   722 C CG  . ASP B 2 25 ? -0.558  6.623   -16.179 1.00 44.10 ? 1166 ASP F CG  1 
ATOM   723 O OD1 . ASP B 2 25 ? -1.788  6.769   -16.109 1.00 46.81 ? 1166 ASP F OD1 1 
ATOM   724 O OD2 . ASP B 2 25 ? -0.115  5.483   -16.462 1.00 47.03 ? 1166 ASP F OD2 1 
ATOM   725 N N   . ARG B 2 26 ? 2.665   9.588   -14.883 1.00 45.41 ? 1167 ARG F N   1 
ATOM   726 C CA  . ARG B 2 26 ? 3.383   10.851  -14.963 1.00 46.40 ? 1167 ARG F CA  1 
ATOM   727 C C   . ARG B 2 26 ? 4.882   10.645  -15.091 1.00 47.21 ? 1167 ARG F C   1 
ATOM   728 O O   . ARG B 2 26 ? 5.561   11.424  -15.772 1.00 47.10 ? 1167 ARG F O   1 
ATOM   729 C CB  . ARG B 2 26 ? 3.082   11.713  -13.746 1.00 46.84 ? 1167 ARG F CB  1 
ATOM   730 C CG  . ARG B 2 26 ? 3.701   13.095  -13.804 1.00 48.73 ? 1167 ARG F CG  1 
ATOM   731 C CD  . ARG B 2 26 ? 3.370   13.842  -15.074 1.00 50.59 ? 1167 ARG F CD  1 
ATOM   732 N NE  . ARG B 2 26 ? 3.522   15.286  -14.904 1.00 52.86 ? 1167 ARG F NE  1 
ATOM   733 C CZ  . ARG B 2 26 ? 3.979   16.120  -15.845 1.00 54.20 ? 1167 ARG F CZ  1 
ATOM   734 N NH1 . ARG B 2 26 ? 4.337   15.674  -17.045 1.00 53.83 ? 1167 ARG F NH1 1 
ATOM   735 N NH2 . ARG B 2 26 ? 4.079   17.419  -15.576 1.00 54.88 ? 1167 ARG F NH2 1 
ATOM   736 N N   . LEU B 2 27 ? 5.404   9.600   -14.452 1.00 47.22 ? 1168 LEU F N   1 
ATOM   737 C CA  . LEU B 2 27 ? 6.819   9.258   -14.575 1.00 47.74 ? 1168 LEU F CA  1 
ATOM   738 C C   . LEU B 2 27 ? 7.188   8.874   -16.009 1.00 48.19 ? 1168 LEU F C   1 
ATOM   739 O O   . LEU B 2 27 ? 8.248   9.251   -16.505 1.00 48.08 ? 1168 LEU F O   1 
ATOM   740 C CB  . LEU B 2 27 ? 7.198   8.113   -13.622 1.00 47.59 ? 1168 LEU F CB  1 
ATOM   741 C CG  . LEU B 2 27 ? 7.790   8.498   -12.263 1.00 47.64 ? 1168 LEU F CG  1 
ATOM   742 C CD1 . LEU B 2 27 ? 7.158   9.736   -11.679 1.00 48.72 ? 1168 LEU F CD1 1 
ATOM   743 C CD2 . LEU B 2 27 ? 7.657   7.342   -11.271 1.00 46.84 ? 1168 LEU F CD2 1 
ATOM   744 N N   . ASN B 2 28 ? 6.320   8.122   -16.664 1.00 48.56 ? 1169 ASN F N   1 
ATOM   745 C CA  . ASN B 2 28 ? 6.545   7.754   -18.043 1.00 49.46 ? 1169 ASN F CA  1 
ATOM   746 C C   . ASN B 2 28 ? 6.518   8.988   -18.965 1.00 50.62 ? 1169 ASN F C   1 
ATOM   747 O O   . ASN B 2 28 ? 7.237   9.032   -19.962 1.00 50.25 ? 1169 ASN F O   1 
ATOM   748 C CB  . ASN B 2 28 ? 5.514   6.729   -18.501 1.00 49.00 ? 1169 ASN F CB  1 
ATOM   749 C CG  . ASN B 2 28 ? 5.672   5.387   -17.805 1.00 48.62 ? 1169 ASN F CG  1 
ATOM   750 O OD1 . ASN B 2 28 ? 4.677   4.751   -17.449 1.00 47.98 ? 1169 ASN F OD1 1 
ATOM   751 N ND2 . ASN B 2 28 ? 6.916   4.944   -17.614 1.00 45.68 ? 1169 ASN F ND2 1 
ATOM   752 N N   . GLU B 2 29 ? 5.684   9.964   -18.618 1.00 51.84 ? 1170 GLU F N   1 
ATOM   753 C CA  . GLU B 2 29 ? 5.502   11.166  -19.419 1.00 53.29 ? 1170 GLU F CA  1 
ATOM   754 C C   . GLU B 2 29 ? 6.733   12.061  -19.303 1.00 54.64 ? 1170 GLU F C   1 
ATOM   755 O O   . GLU B 2 29 ? 7.302   12.476  -20.318 1.00 54.90 ? 1170 GLU F O   1 
ATOM   756 C CB  . GLU B 2 29 ? 4.242   11.916  -18.978 1.00 53.21 ? 1170 GLU F CB  1 
ATOM   757 N N   . VAL B 2 30 ? 7.144   12.339  -18.069 1.00 55.68 ? 1171 VAL F N   1 
ATOM   758 C CA  . VAL B 2 30 ? 8.356   13.105  -17.794 1.00 56.80 ? 1171 VAL F CA  1 
ATOM   759 C C   . VAL B 2 30 ? 9.581   12.486  -18.494 1.00 58.03 ? 1171 VAL F C   1 
ATOM   760 O O   . VAL B 2 30 ? 10.469  13.214  -18.935 1.00 58.54 ? 1171 VAL F O   1 
ATOM   761 C CB  . VAL B 2 30 ? 8.613   13.237  -16.259 1.00 56.57 ? 1171 VAL F CB  1 
ATOM   762 C CG1 . VAL B 2 30 ? 10.005  13.784  -15.971 1.00 56.93 ? 1171 VAL F CG1 1 
ATOM   763 C CG2 . VAL B 2 30 ? 7.580   14.129  -15.607 1.00 56.39 ? 1171 VAL F CG2 1 
ATOM   764 N N   . ALA B 2 31 ? 9.629   11.155  -18.599 1.00 59.04 ? 1172 ALA F N   1 
ATOM   765 C CA  . ALA B 2 31 ? 10.715  10.474  -19.305 1.00 59.76 ? 1172 ALA F CA  1 
ATOM   766 C C   . ALA B 2 31 ? 10.674  10.808  -20.800 1.00 60.72 ? 1172 ALA F C   1 
ATOM   767 O O   . ALA B 2 31 ? 11.707  11.068  -21.412 1.00 60.62 ? 1172 ALA F O   1 
ATOM   768 C CB  . ALA B 2 31 ? 10.623  8.971   -19.106 1.00 59.77 ? 1172 ALA F CB  1 
ATOM   769 N N   . LYS B 2 32 ? 9.474   10.793  -21.377 1.00 61.77 ? 1173 LYS F N   1 
ATOM   770 C CA  . LYS B 2 32 ? 9.289   11.109  -22.792 1.00 62.89 ? 1173 LYS F CA  1 
ATOM   771 C C   . LYS B 2 32 ? 9.550   12.585  -23.091 1.00 63.87 ? 1173 LYS F C   1 
ATOM   772 O O   . LYS B 2 32 ? 9.980   12.924  -24.183 1.00 63.99 ? 1173 LYS F O   1 
ATOM   773 C CB  . LYS B 2 32 ? 7.892   10.723  -23.247 1.00 62.92 ? 1173 LYS F CB  1 
ATOM   774 N N   . ASN B 2 33 ? 9.306   13.448  -22.107 1.00 65.01 ? 1174 ASN F N   1 
ATOM   775 C CA  . ASN B 2 33 ? 9.451   14.889  -22.269 1.00 65.77 ? 1174 ASN F CA  1 
ATOM   776 C C   . ASN B 2 33 ? 10.890  15.338  -22.142 1.00 66.67 ? 1174 ASN F C   1 
ATOM   777 O O   . ASN B 2 33 ? 11.214  16.465  -22.503 1.00 66.94 ? 1174 ASN F O   1 
ATOM   778 C CB  . ASN B 2 33 ? 8.605   15.638  -21.239 1.00 65.72 ? 1174 ASN F CB  1 
ATOM   779 C CG  . ASN B 2 33 ? 7.123   15.514  -21.506 1.00 65.64 ? 1174 ASN F CG  1 
ATOM   780 O OD1 . ASN B 2 33 ? 6.701   14.770  -22.393 1.00 66.70 ? 1174 ASN F OD1 1 
ATOM   781 N ND2 . ASN B 2 33 ? 6.320   16.238  -20.735 1.00 66.04 ? 1174 ASN F ND2 1 
ATOM   782 N N   . LEU B 2 34 ? 11.750  14.467  -21.624 1.00 67.47 ? 1175 LEU F N   1 
ATOM   783 C CA  . LEU B 2 34 ? 13.176  14.749  -21.560 1.00 68.27 ? 1175 LEU F CA  1 
ATOM   784 C C   . LEU B 2 34 ? 13.863  14.520  -22.919 1.00 69.06 ? 1175 LEU F C   1 
ATOM   785 O O   . LEU B 2 34 ? 15.087  14.619  -23.020 1.00 69.21 ? 1175 LEU F O   1 
ATOM   786 C CB  . LEU B 2 34 ? 13.843  13.914  -20.448 1.00 68.19 ? 1175 LEU F CB  1 
ATOM   787 C CG  . LEU B 2 34 ? 14.131  14.582  -19.090 1.00 68.28 ? 1175 LEU F CG  1 
ATOM   788 C CD1 . LEU B 2 34 ? 15.625  14.711  -18.841 1.00 68.39 ? 1175 LEU F CD1 1 
ATOM   789 C CD2 . LEU B 2 34 ? 13.486  15.946  -18.920 1.00 68.70 ? 1175 LEU F CD2 1 
ATOM   790 N N   . ASN B 2 35 ? 13.078  14.204  -23.950 1.00 70.04 ? 1176 ASN F N   1 
ATOM   791 C CA  . ASN B 2 35 ? 13.577  14.143  -25.321 1.00 70.85 ? 1176 ASN F CA  1 
ATOM   792 C C   . ASN B 2 35 ? 13.855  15.548  -25.837 1.00 71.95 ? 1176 ASN F C   1 
ATOM   793 O O   . ASN B 2 35 ? 14.930  15.813  -26.377 1.00 72.00 ? 1176 ASN F O   1 
ATOM   794 C CB  . ASN B 2 35 ? 12.569  13.450  -26.251 1.00 70.77 ? 1176 ASN F CB  1 
ATOM   795 C CG  . ASN B 2 35 ? 12.768  11.950  -26.321 1.00 70.49 ? 1176 ASN F CG  1 
ATOM   796 O OD1 . ASN B 2 35 ? 13.732  11.411  -25.780 1.00 70.13 ? 1176 ASN F OD1 1 
ATOM   797 N ND2 . ASN B 2 35 ? 11.857  11.267  -27.005 1.00 70.17 ? 1176 ASN F ND2 1 
ATOM   798 N N   . GLU B 2 36 ? 12.884  16.444  -25.664 1.00 73.03 ? 1177 GLU F N   1 
ATOM   799 C CA  . GLU B 2 36 ? 13.050  17.842  -26.064 1.00 73.85 ? 1177 GLU F CA  1 
ATOM   800 C C   . GLU B 2 36 ? 13.738  18.693  -24.993 1.00 74.42 ? 1177 GLU F C   1 
ATOM   801 O O   . GLU B 2 36 ? 13.613  19.917  -24.990 1.00 74.80 ? 1177 GLU F O   1 
ATOM   802 C CB  . GLU B 2 36 ? 11.707  18.458  -26.465 1.00 74.01 ? 1177 GLU F CB  1 
ATOM   803 C CG  . GLU B 2 36 ? 10.692  18.577  -25.341 1.00 74.49 ? 1177 GLU F CG  1 
ATOM   804 C CD  . GLU B 2 36 ? 9.409   17.834  -25.650 1.00 75.66 ? 1177 GLU F CD  1 
ATOM   805 O OE1 . GLU B 2 36 ? 9.488   16.622  -25.952 1.00 76.75 ? 1177 GLU F OE1 1 
ATOM   806 O OE2 . GLU B 2 36 ? 8.327   18.460  -25.593 1.00 75.95 ? 1177 GLU F OE2 1 
ATOM   807 N N   . SER B 2 37 ? 14.439  18.045  -24.070 1.00 75.02 ? 1178 SER F N   1 
ATOM   808 C CA  . SER B 2 37 ? 15.391  18.730  -23.211 1.00 75.46 ? 1178 SER F CA  1 
ATOM   809 C C   . SER B 2 37 ? 16.806  18.334  -23.642 1.00 75.98 ? 1178 SER F C   1 
ATOM   810 O O   . SER B 2 37 ? 17.783  18.738  -23.022 1.00 75.89 ? 1178 SER F O   1 
ATOM   811 C CB  . SER B 2 37 ? 15.135  18.396  -21.735 1.00 75.55 ? 1178 SER F CB  1 
ATOM   812 O OG  . SER B 2 37 ? 14.622  19.520  -21.030 1.00 75.68 ? 1178 SER F OG  1 
ATOM   813 N N   . LEU B 2 38 ? 16.904  17.550  -24.717 1.00 76.76 ? 1179 LEU F N   1 
ATOM   814 C CA  . LEU B 2 38 ? 18.188  17.183  -25.311 1.00 77.38 ? 1179 LEU F CA  1 
ATOM   815 C C   . LEU B 2 38 ? 18.683  18.285  -26.244 1.00 78.14 ? 1179 LEU F C   1 
ATOM   816 O O   . LEU B 2 38 ? 17.888  18.962  -26.904 1.00 78.12 ? 1179 LEU F O   1 
ATOM   817 C CB  . LEU B 2 38 ? 18.070  15.884  -26.107 1.00 77.33 ? 1179 LEU F CB  1 
ATOM   818 C CG  . LEU B 2 38 ? 17.685  14.636  -25.317 1.00 76.93 ? 1179 LEU F CG  1 
ATOM   819 C CD1 . LEU B 2 38 ? 17.333  13.494  -26.267 1.00 76.88 ? 1179 LEU F CD1 1 
ATOM   820 C CD2 . LEU B 2 38 ? 18.809  14.237  -24.371 1.00 76.68 ? 1179 LEU F CD2 1 
ATOM   821 N N   . ILE B 2 39 ? 20.006  18.433  -26.305 1.00 78.97 ? 1180 ILE F N   1 
ATOM   822 C CA  . ILE B 2 39 ? 20.653  19.502  -27.062 1.00 79.55 ? 1180 ILE F CA  1 
ATOM   823 C C   . ILE B 2 39 ? 20.980  19.050  -28.482 1.00 80.02 ? 1180 ILE F C   1 
ATOM   824 O O   . ILE B 2 39 ? 21.404  17.908  -28.706 1.00 80.04 ? 1180 ILE F O   1 
ATOM   825 C CB  . ILE B 2 39 ? 21.967  19.949  -26.372 1.00 79.49 ? 1180 ILE F CB  1 
ATOM   826 C CG1 . ILE B 2 39 ? 21.736  20.304  -24.900 1.00 79.36 ? 1180 ILE F CG1 1 
ATOM   827 C CG2 . ILE B 2 39 ? 22.567  21.152  -27.102 1.00 79.91 ? 1180 ILE F CG2 1 
ATOM   828 C CD1 . ILE B 2 39 ? 23.020  20.356  -24.082 1.00 79.14 ? 1180 ILE F CD1 1 
ATOM   829 N N   . ASP B 2 40 ? 20.766  19.954  -29.436 1.00 80.61 ? 1181 ASP F N   1 
ATOM   830 C CA  . ASP B 2 40 ? 21.362  19.835  -30.758 1.00 81.08 ? 1181 ASP F CA  1 
ATOM   831 C C   . ASP B 2 40 ? 22.360  20.987  -30.901 1.00 81.42 ? 1181 ASP F C   1 
ATOM   832 O O   . ASP B 2 40 ? 21.965  22.154  -31.021 1.00 81.37 ? 1181 ASP F O   1 
ATOM   833 C CB  . ASP B 2 40 ? 20.293  19.880  -31.849 1.00 81.12 ? 1181 ASP F CB  1 
ATOM   834 C CG  . ASP B 2 40 ? 20.758  19.241  -33.138 1.00 81.45 ? 1181 ASP F CG  1 
ATOM   835 O OD1 . ASP B 2 40 ? 20.281  19.666  -34.212 1.00 82.38 ? 1181 ASP F OD1 1 
ATOM   836 O OD2 . ASP B 2 40 ? 21.597  18.311  -33.176 1.00 81.62 ? 1181 ASP F OD2 1 
ATOM   837 N N   . LEU B 2 41 ? 23.649  20.648  -30.862 1.00 81.76 ? 1182 LEU F N   1 
ATOM   838 C CA  . LEU B 2 41 ? 24.719  21.644  -30.739 1.00 82.10 ? 1182 LEU F CA  1 
ATOM   839 C C   . LEU B 2 41 ? 25.072  22.352  -32.060 1.00 82.34 ? 1182 LEU F C   1 
ATOM   840 O O   . LEU B 2 41 ? 25.787  23.353  -32.050 1.00 82.46 ? 1182 LEU F O   1 
ATOM   841 C CB  . LEU B 2 41 ? 25.970  20.991  -30.134 1.00 82.12 ? 1182 LEU F CB  1 
ATOM   842 C CG  . LEU B 2 41 ? 27.024  21.906  -29.501 1.00 82.15 ? 1182 LEU F CG  1 
ATOM   843 C CD1 . LEU B 2 41 ? 26.488  22.622  -28.258 1.00 82.10 ? 1182 LEU F CD1 1 
ATOM   844 C CD2 . LEU B 2 41 ? 28.266  21.097  -29.165 1.00 82.04 ? 1182 LEU F CD2 1 
ATOM   845 N N   . GLN B 2 42 ? 24.571  21.829  -33.182 1.00 82.63 ? 1183 GLN F N   1 
ATOM   846 C CA  . GLN B 2 42 ? 24.725  22.459  -34.499 1.00 82.75 ? 1183 GLN F CA  1 
ATOM   847 C C   . GLN B 2 42 ? 26.188  22.686  -34.874 1.00 82.83 ? 1183 GLN F C   1 
ATOM   848 O O   . GLN B 2 42 ? 26.940  21.732  -35.072 1.00 83.04 ? 1183 GLN F O   1 
ATOM   849 C CB  . GLN B 2 42 ? 23.947  23.781  -34.566 1.00 82.76 ? 1183 GLN F CB  1 
ATOM   850 C CG  . GLN B 2 42 ? 22.449  23.636  -34.332 1.00 82.88 ? 1183 GLN F CG  1 
ATOM   851 C CD  . GLN B 2 42 ? 21.727  23.039  -35.527 1.00 83.19 ? 1183 GLN F CD  1 
ATOM   852 O OE1 . GLN B 2 42 ? 20.938  23.768  -36.165 1.00 83.76 ? 1183 GLN F OE1 1 
ATOM   853 N NE2 . GLN B 2 42 ? 21.944  21.845  -35.832 1.00 82.99 ? 1183 GLN F NE2 1 
HETATM 854 C C1  . GOL C 3 .  ? -4.779  -4.841  16.607  1.00 22.36 ? 1973 GOL C C1  1 
HETATM 855 O O1  . GOL C 3 .  ? -5.686  -5.530  17.258  1.00 29.26 ? 1973 GOL C O1  1 
HETATM 856 C C2  . GOL C 3 .  ? -3.430  -5.456  16.467  1.00 29.04 ? 1973 GOL C C2  1 
HETATM 857 O O2  . GOL C 3 .  ? -2.680  -4.206  16.473  1.00 37.14 ? 1973 GOL C O2  1 
HETATM 858 C C3  . GOL C 3 .  ? -3.092  -6.311  17.646  1.00 32.90 ? 1973 GOL C C3  1 
HETATM 859 O O3  . GOL C 3 .  ? -1.778  -6.786  17.484  1.00 25.35 ? 1973 GOL C O3  1 
HETATM 860 O O   . HOH D 4 .  ? -7.038  -22.360 20.486  1.00 33.49 ? 2001 HOH C O   1 
HETATM 861 O O   . HOH D 4 .  ? 0.713   -5.294  1.664   0.33 14.10 ? 2002 HOH C O   1 
HETATM 862 O O   . HOH D 4 .  ? -11.054 -3.588  15.488  1.00 44.41 ? 2003 HOH C O   1 
HETATM 863 O O   . HOH D 4 .  ? -10.188 -10.281 20.342  1.00 33.98 ? 2004 HOH C O   1 
HETATM 864 O O   . HOH D 4 .  ? -9.929  -2.487  13.672  1.00 38.60 ? 2005 HOH C O   1 
HETATM 865 O O   . HOH D 4 .  ? -12.337 -6.544  19.831  1.00 44.61 ? 2006 HOH C O   1 
HETATM 866 O O   . HOH D 4 .  ? 19.714  25.509  -15.237 1.00 59.27 ? 2007 HOH C O   1 
HETATM 867 O O   . HOH D 4 .  ? 6.206   14.633  -2.868  1.00 40.81 ? 2008 HOH C O   1 
HETATM 868 O O   . HOH D 4 .  ? 5.943   13.097  -0.579  1.00 47.12 ? 2009 HOH C O   1 
HETATM 869 O O   . HOH D 4 .  ? 3.286   14.554  -6.184  1.00 45.59 ? 2010 HOH C O   1 
HETATM 870 O O   . HOH D 4 .  ? 2.046   10.468  -0.402  1.00 38.19 ? 2011 HOH C O   1 
HETATM 871 O O   . HOH D 4 .  ? 2.590   13.972  -1.776  1.00 50.85 ? 2012 HOH C O   1 
HETATM 872 O O   . HOH D 4 .  ? -2.516  5.545   -0.192  1.00 34.48 ? 2013 HOH C O   1 
HETATM 873 O O   . HOH D 4 .  ? -2.690  13.086  -4.106  1.00 53.02 ? 2014 HOH C O   1 
HETATM 874 O O   . HOH D 4 .  ? 6.795   5.370   8.504   1.00 48.76 ? 2015 HOH C O   1 
HETATM 875 O O   . HOH D 4 .  ? 3.217   7.469   4.086   1.00 31.97 ? 2016 HOH C O   1 
HETATM 876 O O   . HOH D 4 .  ? -0.903  3.782   7.433   1.00 36.04 ? 2017 HOH C O   1 
HETATM 877 O O   . HOH D 4 .  ? -2.405  7.688   1.150   1.00 45.37 ? 2018 HOH C O   1 
HETATM 878 O O   . HOH D 4 .  ? 0.598   -5.185  4.120   1.00 19.32 ? 2019 HOH C O   1 
HETATM 879 O O   . HOH D 4 .  ? 3.537   3.428   10.553  1.00 50.15 ? 2020 HOH C O   1 
HETATM 880 O O   . HOH D 4 .  ? 0.312   -0.465  10.791  1.00 54.83 ? 2021 HOH C O   1 
HETATM 881 O O   . HOH D 4 .  ? 2.274   4.398   7.666   1.00 32.27 ? 2022 HOH C O   1 
HETATM 882 O O   . HOH D 4 .  ? -6.093  -0.936  9.214   1.00 32.85 ? 2023 HOH C O   1 
HETATM 883 O O   . HOH D 4 .  ? -1.041  -7.128  5.322   1.00 23.96 ? 2024 HOH C O   1 
HETATM 884 O O   . HOH D 4 .  ? -7.412  -2.317  10.304  1.00 37.36 ? 2025 HOH C O   1 
HETATM 885 O O   . HOH D 4 .  ? 1.114   -3.165  12.541  1.00 51.82 ? 2026 HOH C O   1 
HETATM 886 O O   . HOH D 4 .  ? -7.285  -2.544  12.887  1.00 31.10 ? 2027 HOH C O   1 
HETATM 887 O O   . HOH D 4 .  ? -10.339 -5.513  17.663  1.00 29.61 ? 2028 HOH C O   1 
HETATM 888 O O   . HOH D 4 .  ? -13.116 -5.453  14.264  1.00 45.51 ? 2029 HOH C O   1 
HETATM 889 O O   . HOH D 4 .  ? -12.797 -11.660 18.581  1.00 31.95 ? 2030 HOH C O   1 
HETATM 890 O O   . HOH D 4 .  ? -6.366  -19.570 19.595  1.00 21.94 ? 2031 HOH C O   1 
HETATM 891 O O   . HOH D 4 .  ? -13.768 -14.444 20.978  1.00 30.67 ? 2032 HOH C O   1 
HETATM 892 O O   . HOH D 4 .  ? -7.540  -26.305 20.675  1.00 25.30 ? 2033 HOH C O   1 
HETATM 893 O O   . HOH D 4 .  ? -15.823 -24.220 27.841  1.00 21.76 ? 2034 HOH C O   1 
HETATM 894 O O   . HOH D 4 .  ? -8.227  -28.715 22.517  1.00 23.51 ? 2035 HOH C O   1 
HETATM 895 O O   . HOH D 4 .  ? -12.645 -33.079 23.403  1.00 28.60 ? 2036 HOH C O   1 
HETATM 896 O O   . HOH D 4 .  ? -20.758 -26.454 30.855  1.00 28.00 ? 2037 HOH C O   1 
HETATM 897 O O   . HOH D 4 .  ? -17.185 -37.185 30.085  1.00 38.66 ? 2038 HOH C O   1 
HETATM 898 O O   . HOH D 4 .  ? -17.935 -33.455 31.068  1.00 35.94 ? 2039 HOH C O   1 
HETATM 899 O O   . HOH D 4 .  ? -13.024 -34.243 30.276  1.00 56.68 ? 2040 HOH C O   1 
HETATM 900 O O   . HOH D 4 .  ? -22.819 -34.512 30.590  1.00 26.73 ? 2041 HOH C O   1 
HETATM 901 O O   . HOH D 4 .  ? -18.686 -42.496 26.605  1.00 44.24 ? 2042 HOH C O   1 
HETATM 902 O O   . HOH D 4 .  ? -15.018 -37.661 28.169  1.00 53.07 ? 2043 HOH C O   1 
HETATM 903 O O   . HOH D 4 .  ? -14.368 -36.007 26.019  1.00 46.27 ? 2044 HOH C O   1 
HETATM 904 O O   . HOH D 4 .  ? -17.908 -37.667 35.127  1.00 44.09 ? 2045 HOH C O   1 
HETATM 905 O O   . HOH D 4 .  ? -17.541 -39.720 30.196  1.00 50.78 ? 2046 HOH C O   1 
HETATM 906 O O   . HOH D 4 .  ? -18.905 -41.719 21.547  1.00 39.32 ? 2047 HOH C O   1 
HETATM 907 O O   . HOH D 4 .  ? -27.387 -40.895 31.017  1.00 57.26 ? 2048 HOH C O   1 
HETATM 908 O O   . HOH D 4 .  ? -6.053  -4.602  19.243  1.00 19.35 ? 2049 HOH C O   1 
HETATM 909 O O   . HOH E 4 .  ? -24.344 -14.565 28.152  1.00 49.79 ? 2001 HOH F O   1 
HETATM 910 O O   . HOH E 4 .  ? -8.452  2.978   -6.494  1.00 41.75 ? 2002 HOH F O   1 
HETATM 911 O O   . HOH E 4 .  ? -29.533 -15.665 23.273  1.00 42.72 ? 2003 HOH F O   1 
HETATM 912 O O   . HOH E 4 .  ? -28.010 -19.278 25.958  1.00 43.12 ? 2004 HOH F O   1 
HETATM 913 O O   . HOH E 4 .  ? -26.200 -15.656 26.909  1.00 35.41 ? 2005 HOH F O   1 
HETATM 914 O O   . HOH E 4 .  ? -22.492 -15.172 26.393  1.00 30.70 ? 2006 HOH F O   1 
HETATM 915 O O   . HOH E 4 .  ? -25.632 -14.464 20.971  1.00 34.28 ? 2007 HOH F O   1 
HETATM 916 O O   . HOH E 4 .  ? -15.806 -15.202 22.425  1.00 52.15 ? 2008 HOH F O   1 
HETATM 917 O O   . HOH E 4 .  ? -17.412 -11.322 21.738  1.00 39.86 ? 2009 HOH F O   1 
HETATM 918 O O   . HOH E 4 .  ? -19.794 -11.973 15.716  1.00 42.83 ? 2010 HOH F O   1 
HETATM 919 O O   . HOH E 4 .  ? -17.038 -12.799 13.125  1.00 20.78 ? 2011 HOH F O   1 
HETATM 920 O O   . HOH E 4 .  ? -18.057 -11.192 11.925  1.00 45.08 ? 2012 HOH F O   1 
HETATM 921 O O   . HOH E 4 .  ? -17.641 -8.239  18.294  1.00 38.55 ? 2013 HOH F O   1 
HETATM 922 O O   . HOH E 4 .  ? -20.148 -10.846 11.066  1.00 25.93 ? 2014 HOH F O   1 
HETATM 923 O O   . HOH E 4 .  ? -15.314 -5.993  13.077  1.00 22.22 ? 2015 HOH F O   1 
HETATM 924 O O   . HOH E 4 .  ? -12.690 -7.157  4.686   1.00 33.28 ? 2016 HOH F O   1 
HETATM 925 O O   . HOH E 4 .  ? -15.858 0.662   6.346   1.00 37.10 ? 2017 HOH F O   1 
HETATM 926 O O   . HOH E 4 .  ? -15.140 -1.314  8.416   1.00 36.89 ? 2018 HOH F O   1 
HETATM 927 O O   . HOH E 4 .  ? -14.682 -6.362  5.697   1.00 24.03 ? 2019 HOH F O   1 
HETATM 928 O O   . HOH E 4 .  ? -10.029 -2.427  9.267   1.00 30.93 ? 2020 HOH F O   1 
HETATM 929 O O   . HOH E 4 .  ? -10.240 -2.266  -0.321  1.00 35.09 ? 2021 HOH F O   1 
HETATM 930 O O   . HOH E 4 .  ? -9.715  1.200   -0.407  1.00 30.49 ? 2022 HOH F O   1 
HETATM 931 O O   . HOH E 4 .  ? -8.667  3.350   -3.785  1.00 34.13 ? 2023 HOH F O   1 
HETATM 932 O O   . HOH E 4 .  ? -6.556  1.291   -7.379  1.00 41.42 ? 2024 HOH F O   1 
HETATM 933 O O   . HOH E 4 .  ? -4.045  7.758   -9.588  1.00 40.69 ? 2025 HOH F O   1 
HETATM 934 O O   . HOH E 4 .  ? -3.880  5.525   -2.717  1.00 28.71 ? 2026 HOH F O   1 
HETATM 935 O O   . HOH E 4 .  ? 0.623   0.380   -13.625 1.00 51.51 ? 2027 HOH F O   1 
HETATM 936 O O   . HOH E 4 .  ? -0.492  11.356  -14.516 1.00 45.48 ? 2028 HOH F O   1 
HETATM 937 O O   . HOH E 4 .  ? -2.526  8.838   -7.283  1.00 47.20 ? 2029 HOH F O   1 
# 
